data_6X2P
#
_entry.id   6X2P
#
_cell.length_a   106.924
_cell.length_b   106.924
_cell.length_c   303.928
_cell.angle_alpha   90.000
_cell.angle_beta   90.000
_cell.angle_gamma   90.000
#
_symmetry.space_group_name_H-M   'P 43 21 2'
#
loop_
_entity.id
_entity.type
_entity.pdbx_description
1 polymer 'GTP-binding nuclear protein Ran'
2 polymer 'Ran-specific GTPase-activating protein 1'
3 polymer Exportin-1
4 polymer 'Dual specificity mitogen-activated protein kinase kinase 1'
5 non-polymer 'PHOSPHOAMINOPHOSPHONIC ACID-GUANYLATE ESTER'
6 non-polymer 'MAGNESIUM ION'
7 non-polymer GLYCEROL
8 water water
#
loop_
_entity_poly.entity_id
_entity_poly.type
_entity_poly.pdbx_seq_one_letter_code
_entity_poly.pdbx_strand_id
1 'polypeptide(L)'
;MAAQGEPQVQFKLVLVGDGGTGKTTFVKRHLTGEFEKKYVATLGVEVHPLVFHTNRGPIKFNVWDTAGQEKFGGLRDGYY
IQAQCAIIMFDVTSRVTYKNVPNWHRDLVRVCENIPIVLCGNKVDIKDRKVKAKSIVFHRKKNLQYYDISAKSNYNFEKP
FLWLARKLIGDPNLEFVAMPALAPPEVVMDPALAAQYEHDLEVAQTTALPDEDDDL
;
A
2 'polypeptide(L)'
;DIHFEPVVHLEKVDVKTMEEDEEVLYKVRAKLFRFDADAKEWKERGTGDCKFLKNKKTNKVRILMRRDKTLKICANHIIA
PEYTLKPNVGSDRSWVYACTADIAEGEAEAFTFAIRFGSKENADKFKEEFEKAQEINKKA
;
B
3 'polypeptide(L)'
;GGSMEGILDFSNDLDIALLDQVVSTFYQGSGVQQKQAQEILTKFQDNPDAWQKADQILQFSTNPQSKFIALSILDKLITR
KWKLLPNDHRIGIRNFVVGMIISMCQDDEVFKTQKNLINKSDLTLVQILKQEWPQNWPEFIPELIGSSSSSVNVCENNMI
VLKLLSEEVFDFSAEQMTQAKALHLKNSMSKEFEQIFKLCFQVLEQGSSSSLIVATLESLLRYLHWIPYRYIYETNILEL
LSTKFMTSPDTRAITLKCLTEVSNLKIPQDNDLIKRQTVLFFQNTLQQIATSVMPVTADLKATYANANGNDQSFLQDLAM
FLTTYLARNRALLESDESLRELLLNAHQYLIQLSKIEERELFKTTLDYWHNLVADLFYEPLKKHIYEEICSQLRLVIIEN
MVRPEEVLVVENDEGEIVREFVKESDTIQLYKSEREVLVYLTHLNVIDTEEIMISKLARQIDGSEWSWHNINTLSWAIGS
ISGTMSEDTEKRFVVTVIKDLLGLCEQKRGKDNKAVVASDIMYVVGQYPRFLKAHWNFLRTVILKLFEFMHETHEGVQDM
ACDTFIKIVQKCKYHFVIQQPRESEPFIQTIIRDIQKTTADLQPQQVHTFYKACGIIISEERSVAERNRLLSDLMQLPNM
AWDTIVEQSTANPTLLLDSETVKIIANIIKTNVAVCTSMGADFYPQLGHIYYNMLQLYRAVSSMISAQVAAEGLIATKTP
KVRGLRTIKKEILKLVETYISKARNLDDVVKVLVEPLLNAVLEDYMNNVPDARDAEVLNCMTTVVEKVGHMIPQGVILIL
QSVFECTLDMINKDFTEYPEHRVEFYKLLKVINEKSFAAFLELPPAAFKLFVDAICWAFKHNNRDVEVNGLQIALDLVKN
IERMGNVPFANEFHKNYFFIFVSETFFVLTDSDHKSGFSKQALLLMKLISLVYDNKISVPLYQEAEVPQGTSNQVYLSQY
LANMLSNAFPHLTSEQIASFLSALTKQCKDLVVFKGTLRDFLVQIKEVGGDPTDYLFAEDKENA
;
C
4 'polypeptide(L)' TNLEALQKKLEELELDE D
#
loop_
_chem_comp.id
_chem_comp.type
_chem_comp.name
_chem_comp.formula
GNP non-polymer 'PHOSPHOAMINOPHOSPHONIC ACID-GUANYLATE ESTER' 'C10 H17 N6 O13 P3'
GOL non-polymer GLYCEROL 'C3 H8 O3'
MG non-polymer 'MAGNESIUM ION' 'Mg 2'
#
# COMPACT_ATOMS: atom_id res chain seq x y z
N VAL A 9 2.39 5.23 33.04
CA VAL A 9 1.31 4.93 32.11
C VAL A 9 1.90 4.27 30.85
N GLN A 10 1.92 2.94 30.86
CA GLN A 10 2.55 2.14 29.82
C GLN A 10 1.51 1.25 29.14
N PHE A 11 1.72 0.99 27.86
CA PHE A 11 0.83 0.12 27.09
C PHE A 11 1.63 -0.80 26.20
N LYS A 12 1.26 -2.07 26.18
CA LYS A 12 1.92 -3.06 25.33
C LYS A 12 1.24 -3.06 23.96
N LEU A 13 2.04 -2.86 22.91
CA LEU A 13 1.58 -2.83 21.53
C LEU A 13 2.27 -3.96 20.77
N VAL A 14 1.49 -4.89 20.23
CA VAL A 14 2.03 -5.93 19.36
C VAL A 14 1.85 -5.49 17.91
N LEU A 15 2.90 -5.65 17.12
CA LEU A 15 2.89 -5.29 15.71
C LEU A 15 3.10 -6.57 14.91
N VAL A 16 2.11 -6.93 14.09
CA VAL A 16 2.12 -8.17 13.33
C VAL A 16 1.88 -7.86 11.86
N GLY A 17 2.30 -8.79 11.01
CA GLY A 17 2.18 -8.66 9.57
C GLY A 17 3.22 -9.51 8.87
N ASP A 18 3.02 -9.70 7.56
CA ASP A 18 3.91 -10.53 6.76
C ASP A 18 5.33 -9.96 6.75
N GLY A 19 6.30 -10.83 6.52
CA GLY A 19 7.68 -10.38 6.43
C GLY A 19 7.86 -9.43 5.27
N GLY A 20 8.65 -8.37 5.50
CA GLY A 20 8.93 -7.38 4.47
C GLY A 20 7.91 -6.27 4.34
N THR A 21 6.82 -6.29 5.12
CA THR A 21 5.81 -5.24 5.01
C THR A 21 6.27 -3.92 5.63
N GLY A 22 7.40 -3.90 6.32
CA GLY A 22 7.95 -2.67 6.85
C GLY A 22 7.66 -2.40 8.31
N LYS A 23 7.29 -3.44 9.08
CA LYS A 23 7.02 -3.26 10.50
C LYS A 23 8.20 -2.66 11.23
N THR A 24 9.40 -3.26 11.06
CA THR A 24 10.58 -2.76 11.77
C THR A 24 10.97 -1.37 11.29
N THR A 25 10.96 -1.14 9.98
CA THR A 25 11.26 0.18 9.43
C THR A 25 10.34 1.23 10.02
N PHE A 26 9.06 0.90 10.18
CA PHE A 26 8.11 1.84 10.76
C PHE A 26 8.47 2.19 12.20
N VAL A 27 8.85 1.18 12.98
CA VAL A 27 9.18 1.41 14.38
C VAL A 27 10.46 2.26 14.50
N LYS A 28 11.50 1.89 13.73
CA LYS A 28 12.76 2.64 13.78
C LYS A 28 12.55 4.11 13.41
N ARG A 29 11.67 4.38 12.44
CA ARG A 29 11.40 5.76 12.05
C ARG A 29 10.86 6.55 13.23
N HIS A 30 10.06 5.91 14.08
CA HIS A 30 9.54 6.57 15.28
C HIS A 30 10.57 6.62 16.40
N LEU A 31 11.48 5.65 16.46
CA LEU A 31 12.47 5.62 17.54
C LEU A 31 13.58 6.63 17.31
N THR A 32 14.17 6.65 16.11
CA THR A 32 15.36 7.45 15.84
C THR A 32 15.17 8.49 14.74
N GLY A 33 14.11 8.40 13.95
CA GLY A 33 13.91 9.28 12.81
C GLY A 33 14.55 8.82 11.52
N GLU A 34 15.30 7.72 11.55
CA GLU A 34 15.97 7.20 10.37
C GLU A 34 15.04 6.34 9.53
N PHE A 35 15.43 6.12 8.27
CA PHE A 35 14.75 5.19 7.38
C PHE A 35 15.76 4.13 6.92
N GLU A 36 15.59 2.91 7.43
CA GLU A 36 16.49 1.80 7.11
C GLU A 36 16.12 1.21 5.75
N LYS A 37 17.02 1.37 4.77
CA LYS A 37 16.75 0.92 3.41
C LYS A 37 16.87 -0.58 3.23
N LYS A 38 17.53 -1.29 4.14
CA LYS A 38 17.78 -2.71 4.00
C LYS A 38 16.74 -3.53 4.75
N TYR A 39 16.49 -4.74 4.25
CA TYR A 39 15.58 -5.69 4.89
C TYR A 39 16.41 -6.69 5.68
N VAL A 40 16.41 -6.55 6.99
CA VAL A 40 17.03 -7.50 7.89
C VAL A 40 15.89 -8.09 8.74
N ALA A 41 15.49 -9.31 8.42
CA ALA A 41 14.32 -9.90 9.05
C ALA A 41 14.47 -9.94 10.57
N THR A 42 13.37 -9.70 11.26
CA THR A 42 13.33 -9.78 12.72
C THR A 42 13.29 -11.25 13.15
N LEU A 43 14.00 -11.56 14.22
CA LEU A 43 14.07 -12.92 14.76
C LEU A 43 13.24 -12.97 16.04
N GLY A 44 12.05 -13.54 15.94
CA GLY A 44 11.14 -13.58 17.08
C GLY A 44 10.42 -12.27 17.31
N VAL A 45 10.98 -11.43 18.17
CA VAL A 45 10.40 -10.12 18.47
C VAL A 45 11.51 -9.20 18.97
N GLU A 46 11.33 -7.90 18.76
CA GLU A 46 12.17 -6.87 19.34
C GLU A 46 11.28 -5.91 20.10
N VAL A 47 11.55 -5.75 21.39
CA VAL A 47 10.78 -4.85 22.25
C VAL A 47 11.49 -3.52 22.33
N HIS A 48 10.75 -2.43 22.10
CA HIS A 48 11.30 -1.08 22.15
C HIS A 48 10.31 -0.17 22.87
N PRO A 49 10.78 0.62 23.82
CA PRO A 49 9.92 1.66 24.42
C PRO A 49 9.78 2.84 23.47
N LEU A 50 8.55 3.34 23.36
CA LEU A 50 8.25 4.50 22.51
C LEU A 50 7.35 5.44 23.31
N VAL A 51 7.79 6.68 23.45
CA VAL A 51 7.11 7.67 24.28
C VAL A 51 6.65 8.81 23.38
N PHE A 52 5.40 9.24 23.56
CA PHE A 52 4.87 10.41 22.91
C PHE A 52 4.40 11.40 23.98
N HIS A 53 4.47 12.68 23.65
CA HIS A 53 4.05 13.73 24.56
C HIS A 53 2.70 14.27 24.10
N THR A 54 1.71 14.21 24.98
CA THR A 54 0.35 14.62 24.69
C THR A 54 -0.10 15.70 25.66
N ASN A 55 -1.23 16.32 25.34
CA ASN A 55 -1.85 17.29 26.24
C ASN A 55 -2.42 16.63 27.49
N ARG A 56 -2.42 15.30 27.56
CA ARG A 56 -2.81 14.56 28.75
C ARG A 56 -1.60 13.92 29.44
N GLY A 57 -0.40 14.39 29.13
CA GLY A 57 0.81 13.82 29.68
C GLY A 57 1.49 12.87 28.72
N PRO A 58 2.64 12.34 29.11
CA PRO A 58 3.35 11.40 28.23
C PRO A 58 2.75 10.01 28.28
N ILE A 59 2.66 9.38 27.10
CA ILE A 59 2.17 8.02 26.98
C ILE A 59 3.31 7.17 26.41
N LYS A 60 3.51 6.00 27.00
CA LYS A 60 4.63 5.13 26.64
C LYS A 60 4.09 3.84 26.04
N PHE A 61 4.49 3.56 24.79
CA PHE A 61 4.15 2.31 24.13
C PHE A 61 5.34 1.36 24.24
N ASN A 62 5.10 0.18 24.79
CA ASN A 62 6.08 -0.91 24.73
C ASN A 62 5.77 -1.71 23.48
N VAL A 63 6.51 -1.45 22.41
CA VAL A 63 6.22 -2.01 21.09
C VAL A 63 6.88 -3.37 20.96
N TRP A 64 6.08 -4.40 20.78
CA TRP A 64 6.57 -5.75 20.49
C TRP A 64 6.53 -5.93 18.97
N ASP A 65 7.65 -5.63 18.32
CA ASP A 65 7.81 -5.78 16.88
C ASP A 65 8.07 -7.24 16.55
N THR A 66 7.01 -7.99 16.26
CA THR A 66 7.15 -9.43 16.01
C THR A 66 7.66 -9.69 14.60
N ALA A 67 8.00 -10.96 14.35
CA ALA A 67 8.59 -11.39 13.10
C ALA A 67 7.53 -11.87 12.13
N GLY A 68 7.69 -11.51 10.86
CA GLY A 68 6.72 -11.87 9.84
C GLY A 68 6.99 -13.18 9.12
N GLN A 69 8.27 -13.49 8.91
CA GLN A 69 8.62 -14.74 8.25
C GLN A 69 8.32 -15.93 9.15
N GLU A 70 7.78 -16.99 8.55
CA GLU A 70 7.43 -18.18 9.33
C GLU A 70 8.66 -18.83 9.94
N LYS A 71 9.76 -18.88 9.19
CA LYS A 71 10.98 -19.50 9.69
C LYS A 71 11.59 -18.75 10.87
N PHE A 72 11.14 -17.52 11.13
CA PHE A 72 11.63 -16.73 12.26
C PHE A 72 10.53 -16.39 13.24
N GLY A 73 9.43 -17.13 13.23
CA GLY A 73 8.25 -16.74 14.00
C GLY A 73 8.46 -16.75 15.50
N GLY A 74 9.35 -17.59 16.00
CA GLY A 74 9.61 -17.62 17.44
C GLY A 74 8.40 -18.12 18.19
N LEU A 75 8.00 -17.38 19.23
CA LEU A 75 6.86 -17.76 20.04
C LEU A 75 5.53 -17.46 19.37
N ARG A 76 5.54 -16.79 18.21
CA ARG A 76 4.34 -16.50 17.43
C ARG A 76 3.26 -15.85 18.29
N ASP A 77 2.12 -16.51 18.45
CA ASP A 77 1.03 -15.91 19.22
C ASP A 77 1.34 -15.80 20.71
N GLY A 78 2.48 -16.34 21.17
CA GLY A 78 2.88 -16.12 22.54
C GLY A 78 3.24 -14.68 22.84
N TYR A 79 3.69 -13.94 21.83
CA TYR A 79 4.00 -12.53 22.01
C TYR A 79 2.76 -11.68 22.26
N TYR A 80 1.56 -12.18 21.97
CA TYR A 80 0.36 -11.36 22.06
C TYR A 80 -0.24 -11.34 23.45
N ILE A 81 0.21 -12.22 24.35
CA ILE A 81 -0.40 -12.31 25.68
C ILE A 81 -0.30 -10.97 26.38
N GLN A 82 -1.43 -10.52 26.94
CA GLN A 82 -1.53 -9.29 27.72
C GLN A 82 -1.29 -8.03 26.88
N ALA A 83 -1.39 -8.13 25.56
CA ALA A 83 -1.28 -6.93 24.74
C ALA A 83 -2.50 -6.05 24.96
N GLN A 84 -2.28 -4.74 24.98
CA GLN A 84 -3.37 -3.79 25.16
C GLN A 84 -3.81 -3.10 23.88
N CYS A 85 -3.06 -3.26 22.80
CA CYS A 85 -3.38 -2.67 21.51
C CYS A 85 -2.46 -3.31 20.47
N ALA A 86 -2.77 -3.09 19.19
CA ALA A 86 -2.01 -3.77 18.15
C ALA A 86 -2.09 -3.00 16.84
N ILE A 87 -1.12 -3.30 15.97
CA ILE A 87 -1.07 -2.80 14.60
C ILE A 87 -0.87 -4.00 13.68
N ILE A 88 -1.77 -4.18 12.72
CA ILE A 88 -1.61 -5.16 11.66
C ILE A 88 -1.12 -4.44 10.41
N MET A 89 -0.01 -4.91 9.87
N MET A 89 0.01 -4.87 9.86
CA MET A 89 0.65 -4.26 8.74
CA MET A 89 0.62 -4.20 8.73
C MET A 89 0.58 -5.14 7.50
C MET A 89 0.65 -5.10 7.50
N PHE A 90 0.39 -4.52 6.34
CA PHE A 90 0.56 -5.18 5.05
C PHE A 90 1.18 -4.18 4.09
N ASP A 91 1.48 -4.64 2.88
CA ASP A 91 2.21 -3.86 1.88
C ASP A 91 1.32 -3.70 0.67
N VAL A 92 1.02 -2.45 0.29
CA VAL A 92 0.06 -2.18 -0.78
C VAL A 92 0.67 -2.49 -2.14
N THR A 93 1.95 -2.87 -2.17
CA THR A 93 2.56 -3.33 -3.41
C THR A 93 2.63 -4.85 -3.49
N SER A 94 2.06 -5.56 -2.51
CA SER A 94 2.09 -7.01 -2.47
C SER A 94 0.72 -7.52 -2.05
N ARG A 95 -0.03 -8.06 -3.02
CA ARG A 95 -1.39 -8.52 -2.74
C ARG A 95 -1.42 -9.67 -1.74
N VAL A 96 -0.36 -10.49 -1.71
CA VAL A 96 -0.37 -11.62 -0.78
C VAL A 96 -0.33 -11.13 0.67
N THR A 97 0.30 -9.98 0.94
CA THR A 97 0.33 -9.49 2.31
C THR A 97 -1.04 -9.02 2.79
N TYR A 98 -1.89 -8.55 1.89
CA TYR A 98 -3.25 -8.22 2.29
C TYR A 98 -4.13 -9.45 2.38
N LYS A 99 -3.85 -10.48 1.57
CA LYS A 99 -4.59 -11.73 1.67
C LYS A 99 -4.32 -12.41 3.02
N ASN A 100 -3.14 -12.21 3.59
CA ASN A 100 -2.82 -12.83 4.88
C ASN A 100 -3.28 -12.00 6.07
N VAL A 101 -3.79 -10.78 5.85
CA VAL A 101 -4.30 -9.96 6.96
C VAL A 101 -5.33 -10.70 7.82
N PRO A 102 -6.32 -11.40 7.25
CA PRO A 102 -7.25 -12.17 8.11
C PRO A 102 -6.58 -13.24 8.94
N ASN A 103 -5.46 -13.81 8.47
CA ASN A 103 -4.76 -14.84 9.25
C ASN A 103 -4.11 -14.23 10.48
N TRP A 104 -3.38 -13.12 10.30
CA TRP A 104 -2.80 -12.40 11.43
C TRP A 104 -3.88 -11.93 12.39
N HIS A 105 -5.01 -11.44 11.86
CA HIS A 105 -6.06 -10.95 12.73
C HIS A 105 -6.68 -12.08 13.55
N ARG A 106 -6.92 -13.22 12.92
CA ARG A 106 -7.46 -14.38 13.63
C ARG A 106 -6.55 -14.79 14.79
N ASP A 107 -5.25 -14.96 14.51
CA ASP A 107 -4.32 -15.34 15.55
C ASP A 107 -4.25 -14.29 16.66
N LEU A 108 -4.43 -13.02 16.30
CA LEU A 108 -4.29 -11.93 17.27
C LEU A 108 -5.48 -11.86 18.21
N VAL A 109 -6.70 -11.86 17.67
CA VAL A 109 -7.88 -11.68 18.53
C VAL A 109 -8.24 -12.93 19.30
N ARG A 110 -7.67 -14.08 18.92
CA ARG A 110 -7.86 -15.28 19.73
C ARG A 110 -7.18 -15.15 21.07
N VAL A 111 -6.09 -14.39 21.14
CA VAL A 111 -5.41 -14.09 22.40
C VAL A 111 -5.95 -12.81 23.03
N CYS A 112 -6.11 -11.75 22.25
CA CYS A 112 -6.58 -10.45 22.74
C CYS A 112 -7.97 -10.20 22.17
N GLU A 113 -8.99 -10.49 22.97
CA GLU A 113 -10.36 -10.51 22.48
C GLU A 113 -10.99 -9.12 22.39
N ASN A 114 -10.43 -8.11 23.07
CA ASN A 114 -11.07 -6.79 23.06
C ASN A 114 -10.01 -5.70 23.23
N ILE A 115 -9.19 -5.50 22.20
CA ILE A 115 -8.19 -4.44 22.18
C ILE A 115 -8.36 -3.59 20.92
N PRO A 116 -8.04 -2.30 20.96
CA PRO A 116 -8.07 -1.49 19.72
C PRO A 116 -6.94 -1.90 18.79
N ILE A 117 -7.27 -2.07 17.51
CA ILE A 117 -6.34 -2.55 16.51
C ILE A 117 -6.37 -1.61 15.32
N VAL A 118 -5.19 -1.24 14.82
CA VAL A 118 -5.05 -0.44 13.60
C VAL A 118 -4.55 -1.34 12.48
N LEU A 119 -5.24 -1.30 11.34
CA LEU A 119 -4.79 -1.93 10.11
C LEU A 119 -4.08 -0.89 9.26
N CYS A 120 -2.85 -1.19 8.84
CA CYS A 120 -1.99 -0.24 8.15
C CYS A 120 -1.53 -0.82 6.82
N GLY A 121 -1.81 -0.08 5.74
CA GLY A 121 -1.27 -0.42 4.44
C GLY A 121 -0.04 0.43 4.17
N ASN A 122 1.13 -0.19 4.23
CA ASN A 122 2.40 0.51 4.16
C ASN A 122 2.85 0.67 2.70
N LYS A 123 3.84 1.55 2.51
CA LYS A 123 4.53 1.75 1.23
C LYS A 123 3.62 2.36 0.16
N VAL A 124 2.71 3.25 0.56
CA VAL A 124 1.90 3.95 -0.43
C VAL A 124 2.72 4.94 -1.25
N ASP A 125 3.97 5.18 -0.86
CA ASP A 125 4.86 6.04 -1.62
C ASP A 125 5.26 5.43 -2.96
N ILE A 126 5.07 4.12 -3.13
CA ILE A 126 5.46 3.45 -4.36
C ILE A 126 4.38 3.66 -5.42
N LYS A 127 4.83 3.95 -6.65
CA LYS A 127 3.92 4.35 -7.70
C LYS A 127 3.00 3.20 -8.11
N ASP A 128 3.56 2.02 -8.37
CA ASP A 128 2.79 0.89 -8.88
C ASP A 128 2.09 0.19 -7.72
N ARG A 129 0.99 0.79 -7.28
CA ARG A 129 0.22 0.24 -6.17
C ARG A 129 -0.59 -0.96 -6.64
N LYS A 130 -0.48 -2.07 -5.92
CA LYS A 130 -1.14 -3.31 -6.29
C LYS A 130 -2.42 -3.59 -5.51
N VAL A 131 -2.48 -3.21 -4.24
CA VAL A 131 -3.70 -3.35 -3.44
C VAL A 131 -4.40 -1.99 -3.47
N LYS A 132 -5.49 -1.92 -4.25
CA LYS A 132 -6.19 -0.65 -4.44
C LYS A 132 -7.11 -0.35 -3.27
N ALA A 133 -7.30 0.94 -3.01
CA ALA A 133 -8.09 1.38 -1.86
C ALA A 133 -9.47 0.75 -1.85
N LYS A 134 -10.06 0.57 -3.03
CA LYS A 134 -11.40 0.01 -3.12
C LYS A 134 -11.46 -1.45 -2.67
N SER A 135 -10.31 -2.13 -2.64
CA SER A 135 -10.24 -3.53 -2.26
C SER A 135 -10.00 -3.74 -0.76
N ILE A 136 -9.69 -2.67 -0.02
CA ILE A 136 -9.34 -2.79 1.40
C ILE A 136 -10.61 -2.54 2.20
N VAL A 137 -11.25 -3.62 2.66
CA VAL A 137 -12.53 -3.52 3.35
C VAL A 137 -12.53 -4.40 4.60
N PHE A 138 -11.48 -5.19 4.80
CA PHE A 138 -11.46 -6.19 5.87
C PHE A 138 -11.67 -5.55 7.24
N HIS A 139 -11.21 -4.31 7.42
CA HIS A 139 -11.33 -3.65 8.71
C HIS A 139 -12.77 -3.33 9.10
N ARG A 140 -13.70 -3.34 8.14
CA ARG A 140 -15.04 -2.83 8.40
C ARG A 140 -15.79 -3.74 9.39
N LYS A 141 -15.93 -5.02 9.05
CA LYS A 141 -16.65 -5.92 9.94
C LYS A 141 -15.88 -6.23 11.22
N LYS A 142 -14.57 -5.98 11.24
CA LYS A 142 -13.73 -6.28 12.39
C LYS A 142 -13.52 -5.07 13.29
N ASN A 143 -14.07 -3.91 12.92
CA ASN A 143 -13.99 -2.68 13.72
C ASN A 143 -12.56 -2.20 13.93
N LEU A 144 -11.71 -2.41 12.93
CA LEU A 144 -10.36 -1.89 12.97
C LEU A 144 -10.32 -0.49 12.34
N GLN A 145 -9.44 0.35 12.87
CA GLN A 145 -9.09 1.59 12.20
C GLN A 145 -8.11 1.28 11.08
N TYR A 146 -8.32 1.90 9.92
CA TYR A 146 -7.43 1.72 8.78
C TYR A 146 -6.73 3.03 8.45
N TYR A 147 -5.45 2.92 8.03
CA TYR A 147 -4.71 4.06 7.51
C TYR A 147 -3.80 3.61 6.37
N ASP A 148 -3.81 4.37 5.28
CA ASP A 148 -2.68 4.37 4.36
C ASP A 148 -1.49 5.04 5.05
N ILE A 149 -0.34 4.36 5.07
CA ILE A 149 0.86 4.94 5.64
C ILE A 149 2.05 4.65 4.73
N SER A 150 3.11 5.43 4.94
CA SER A 150 4.40 5.16 4.31
C SER A 150 5.48 5.54 5.31
N ALA A 151 6.28 4.55 5.74
CA ALA A 151 7.44 4.86 6.56
C ALA A 151 8.50 5.64 5.77
N LYS A 152 8.49 5.53 4.45
CA LYS A 152 9.50 6.21 3.65
C LYS A 152 9.19 7.70 3.52
N SER A 153 7.95 8.04 3.15
CA SER A 153 7.57 9.43 2.99
C SER A 153 6.96 10.04 4.25
N ASN A 154 6.82 9.25 5.32
CA ASN A 154 6.22 9.66 6.58
C ASN A 154 4.74 10.00 6.45
N TYR A 155 4.10 9.53 5.39
CA TYR A 155 2.69 9.83 5.16
C TYR A 155 1.84 9.12 6.21
N ASN A 156 1.10 9.89 7.00
CA ASN A 156 0.24 9.40 8.08
C ASN A 156 0.99 8.56 9.11
N PHE A 157 2.32 8.70 9.21
CA PHE A 157 3.09 7.80 10.06
C PHE A 157 2.77 7.99 11.54
N GLU A 158 2.22 9.13 11.93
CA GLU A 158 1.84 9.35 13.33
C GLU A 158 0.41 8.88 13.64
N LYS A 159 -0.42 8.70 12.61
CA LYS A 159 -1.84 8.42 12.83
C LYS A 159 -2.10 7.15 13.65
N PRO A 160 -1.45 6.01 13.39
CA PRO A 160 -1.77 4.81 14.19
C PRO A 160 -1.55 5.00 15.68
N PHE A 161 -0.49 5.70 16.07
CA PHE A 161 -0.23 5.89 17.50
C PHE A 161 -1.17 6.91 18.11
N LEU A 162 -1.50 7.96 17.36
CA LEU A 162 -2.46 8.95 17.87
C LEU A 162 -3.82 8.31 18.11
N TRP A 163 -4.28 7.47 17.18
CA TRP A 163 -5.58 6.84 17.33
C TRP A 163 -5.58 5.87 18.51
N LEU A 164 -4.53 5.04 18.62
CA LEU A 164 -4.44 4.14 19.77
C LEU A 164 -4.38 4.91 21.08
N ALA A 165 -3.58 5.99 21.12
CA ALA A 165 -3.50 6.79 22.35
C ALA A 165 -4.87 7.33 22.74
N ARG A 166 -5.66 7.78 21.76
CA ARG A 166 -6.99 8.29 22.05
C ARG A 166 -7.90 7.20 22.61
N LYS A 167 -7.78 5.98 22.09
CA LYS A 167 -8.61 4.89 22.58
C LYS A 167 -8.15 4.41 23.96
N LEU A 168 -6.83 4.39 24.19
CA LEU A 168 -6.30 3.85 25.44
C LEU A 168 -6.53 4.83 26.60
N ILE A 169 -6.21 6.11 26.38
CA ILE A 169 -6.50 7.13 27.39
C ILE A 169 -8.00 7.40 27.48
N GLY A 170 -8.76 7.09 26.43
CA GLY A 170 -10.19 7.35 26.45
C GLY A 170 -10.56 8.79 26.25
N ASP A 171 -9.70 9.56 25.59
CA ASP A 171 -9.97 10.97 25.29
C ASP A 171 -9.87 11.18 23.79
N PRO A 172 -10.99 11.42 23.10
CA PRO A 172 -10.93 11.61 21.63
C PRO A 172 -10.29 12.93 21.22
N ASN A 173 -10.08 13.86 22.15
CA ASN A 173 -9.46 15.15 21.83
C ASN A 173 -7.99 15.19 22.22
N LEU A 174 -7.39 14.06 22.55
CA LEU A 174 -5.96 14.00 22.82
C LEU A 174 -5.18 14.38 21.57
N GLU A 175 -4.09 15.13 21.77
CA GLU A 175 -3.25 15.58 20.67
C GLU A 175 -1.79 15.43 21.07
N PHE A 176 -0.92 15.35 20.07
CA PHE A 176 0.52 15.42 20.31
C PHE A 176 0.93 16.87 20.53
N VAL A 177 1.80 17.09 21.51
CA VAL A 177 2.29 18.43 21.82
C VAL A 177 3.82 18.43 21.80
N ALA A 178 4.38 19.61 21.65
CA ALA A 178 5.82 19.77 21.54
C ALA A 178 6.50 19.56 22.89
N MET A 179 7.61 18.81 22.89
CA MET A 179 8.39 18.60 24.10
C MET A 179 8.92 19.94 24.60
N PRO A 180 9.09 20.09 25.92
CA PRO A 180 9.79 21.27 26.44
C PRO A 180 11.27 21.24 26.03
N ALA A 181 11.73 22.34 25.44
CA ALA A 181 13.08 22.43 24.88
C ALA A 181 13.98 23.13 25.91
N LEU A 182 14.80 22.34 26.60
CA LEU A 182 15.73 22.89 27.57
C LEU A 182 16.78 23.74 26.88
N ALA A 183 17.57 24.45 27.69
CA ALA A 183 18.68 25.22 27.15
C ALA A 183 19.86 24.30 26.88
N PRO A 184 20.46 24.37 25.69
CA PRO A 184 21.63 23.53 25.41
C PRO A 184 22.86 24.07 26.11
N PRO A 185 23.84 23.20 26.44
CA PRO A 185 25.03 23.67 27.16
C PRO A 185 26.05 24.31 26.22
N GLU A 186 27.19 24.71 26.79
CA GLU A 186 28.27 25.27 25.99
C GLU A 186 29.54 24.43 26.14
N ASP A 190 37.66 20.51 23.86
CA ASP A 190 39.09 20.61 24.14
C ASP A 190 39.90 20.24 22.91
N PRO A 191 41.09 20.83 22.77
CA PRO A 191 41.95 20.51 21.62
C PRO A 191 42.55 19.11 21.66
N ALA A 192 42.40 18.38 22.77
CA ALA A 192 42.85 16.99 22.82
C ALA A 192 42.02 16.08 21.95
N LEU A 193 40.82 16.52 21.53
CA LEU A 193 39.98 15.77 20.62
C LEU A 193 39.76 16.50 19.30
N ALA A 194 40.54 17.55 19.02
CA ALA A 194 40.33 18.33 17.81
C ALA A 194 40.66 17.52 16.56
N ALA A 195 41.74 16.74 16.60
CA ALA A 195 42.09 15.89 15.47
C ALA A 195 41.17 14.70 15.35
N GLN A 196 40.45 14.34 16.41
CA GLN A 196 39.51 13.23 16.35
C GLN A 196 38.25 13.63 15.57
N TYR A 197 37.64 14.76 15.94
CA TYR A 197 36.45 15.21 15.23
C TYR A 197 36.76 15.60 13.80
N GLU A 198 37.99 16.05 13.52
CA GLU A 198 38.36 16.40 12.15
C GLU A 198 38.46 15.17 11.27
N HIS A 199 38.94 14.05 11.82
CA HIS A 199 38.99 12.81 11.06
C HIS A 199 37.58 12.30 10.78
N ASP A 200 36.68 12.37 11.76
CA ASP A 200 35.31 11.93 11.55
C ASP A 200 34.57 12.85 10.59
N LEU A 201 34.93 14.14 10.56
CA LEU A 201 34.30 15.06 9.62
C LEU A 201 34.82 14.87 8.20
N GLU A 202 36.08 14.47 8.05
CA GLU A 202 36.64 14.25 6.72
C GLU A 202 35.92 13.12 6.01
N VAL A 203 35.72 11.99 6.68
CA VAL A 203 35.00 10.88 6.07
C VAL A 203 33.53 11.23 5.85
N ALA A 204 32.97 12.08 6.71
CA ALA A 204 31.56 12.43 6.57
C ALA A 204 31.32 13.29 5.33
N GLN A 205 32.23 14.21 5.04
CA GLN A 205 32.07 15.05 3.85
C GLN A 205 32.21 14.24 2.56
N THR A 206 33.00 13.16 2.60
CA THR A 206 33.25 12.34 1.42
C THR A 206 32.25 11.20 1.26
N THR A 207 31.27 11.10 2.16
CA THR A 207 30.17 10.15 2.02
C THR A 207 28.93 10.94 1.62
N ALA A 208 28.43 10.69 0.41
CA ALA A 208 27.31 11.47 -0.11
C ALA A 208 26.04 11.19 0.66
N LEU A 209 25.23 12.24 0.83
CA LEU A 209 23.96 12.09 1.54
C LEU A 209 23.00 11.25 0.70
N PRO A 210 22.19 10.40 1.33
CA PRO A 210 21.25 9.58 0.57
C PRO A 210 20.10 10.40 0.02
N ASP A 211 19.52 9.91 -1.08
CA ASP A 211 18.27 10.43 -1.64
C ASP A 211 18.39 11.91 -2.00
N GLU A 212 19.37 12.22 -2.84
CA GLU A 212 19.65 13.61 -3.19
C GLU A 212 18.59 14.21 -4.10
N ASP A 213 17.74 13.39 -4.71
CA ASP A 213 16.69 13.92 -5.58
C ASP A 213 15.38 14.15 -4.84
N ASP A 214 15.31 13.83 -3.56
CA ASP A 214 14.11 14.09 -2.78
C ASP A 214 13.89 15.59 -2.58
N ASP A 215 12.66 15.95 -2.21
CA ASP A 215 12.31 17.35 -1.98
C ASP A 215 13.03 17.94 -0.78
N LEU A 216 13.53 17.10 0.13
CA LEU A 216 14.17 17.59 1.34
C LEU A 216 15.23 16.59 1.85
N THR B 17 6.39 24.60 25.84
CA THR B 17 7.38 24.32 24.81
C THR B 17 8.76 24.82 25.23
N MET B 18 8.79 25.65 26.28
CA MET B 18 10.03 26.24 26.79
C MET B 18 10.74 27.06 25.72
N GLU B 19 9.95 27.71 24.86
CA GLU B 19 10.44 28.67 23.88
C GLU B 19 9.91 30.07 24.13
N GLU B 20 9.54 30.38 25.38
CA GLU B 20 8.90 31.65 25.69
C GLU B 20 9.91 32.79 25.66
N ASP B 21 11.02 32.65 26.38
CA ASP B 21 12.02 33.70 26.50
C ASP B 21 12.93 33.79 25.28
N GLU B 22 12.50 33.30 24.11
CA GLU B 22 13.33 33.27 22.92
C GLU B 22 12.58 33.92 21.76
N GLU B 23 13.35 34.50 20.84
CA GLU B 23 12.81 35.10 19.63
C GLU B 23 13.38 34.38 18.42
N VAL B 24 12.57 34.24 17.38
CA VAL B 24 12.94 33.47 16.20
C VAL B 24 13.63 34.42 15.21
N LEU B 25 14.91 34.21 14.98
CA LEU B 25 15.64 35.01 14.00
C LEU B 25 15.47 34.44 12.59
N TYR B 26 15.57 33.12 12.45
CA TYR B 26 15.52 32.46 11.16
C TYR B 26 14.73 31.17 11.30
N LYS B 27 14.01 30.81 10.24
CA LYS B 27 13.27 29.56 10.17
C LYS B 27 13.33 29.03 8.74
N VAL B 28 13.56 27.72 8.60
CA VAL B 28 13.66 27.12 7.27
C VAL B 28 13.30 25.65 7.36
N ARG B 29 12.66 25.16 6.30
CA ARG B 29 12.42 23.72 6.13
C ARG B 29 13.77 23.02 5.92
N ALA B 30 13.97 21.90 6.59
CA ALA B 30 15.24 21.19 6.46
C ALA B 30 15.08 19.73 6.84
N LYS B 31 16.06 18.93 6.42
CA LYS B 31 16.18 17.53 6.83
C LYS B 31 17.53 17.35 7.50
N LEU B 32 17.52 16.78 8.70
CA LEU B 32 18.73 16.66 9.52
C LEU B 32 19.24 15.23 9.51
N PHE B 33 20.52 15.07 9.22
CA PHE B 33 21.20 13.77 9.20
C PHE B 33 22.26 13.70 10.29
N ARG B 34 22.53 12.48 10.74
N ARG B 34 22.51 12.47 10.75
CA ARG B 34 23.65 12.22 11.64
CA ARG B 34 23.62 12.18 11.64
C ARG B 34 24.50 11.10 11.04
C ARG B 34 24.51 11.12 10.98
N PHE B 35 25.82 11.24 11.18
CA PHE B 35 26.75 10.30 10.58
C PHE B 35 27.00 9.13 11.54
N ASP B 36 26.76 7.91 11.05
CA ASP B 36 27.09 6.69 11.77
C ASP B 36 28.51 6.30 11.38
N ALA B 37 29.48 6.71 12.19
CA ALA B 37 30.88 6.48 11.85
C ALA B 37 31.19 4.98 11.80
N ASP B 38 30.65 4.20 12.73
CA ASP B 38 30.87 2.77 12.75
C ASP B 38 30.11 2.02 11.66
N ALA B 39 29.45 2.71 10.73
CA ALA B 39 28.75 2.06 9.64
C ALA B 39 29.03 2.69 8.29
N LYS B 40 29.80 3.78 8.24
CA LYS B 40 30.11 4.49 6.99
C LYS B 40 28.83 4.93 6.28
N GLU B 41 27.93 5.54 7.04
CA GLU B 41 26.57 5.76 6.58
C GLU B 41 25.98 7.01 7.22
N TRP B 42 25.18 7.73 6.45
CA TRP B 42 24.35 8.79 6.99
C TRP B 42 23.00 8.23 7.41
N LYS B 43 22.44 8.81 8.47
CA LYS B 43 21.14 8.37 8.98
C LYS B 43 20.29 9.59 9.27
N GLU B 44 19.06 9.58 8.75
CA GLU B 44 18.13 10.68 9.01
C GLU B 44 17.84 10.78 10.50
N ARG B 45 17.67 12.02 10.96
CA ARG B 45 17.26 12.27 12.34
C ARG B 45 15.94 12.99 12.45
N GLY B 46 15.56 13.80 11.47
CA GLY B 46 14.29 14.49 11.53
C GLY B 46 14.10 15.36 10.32
N THR B 47 12.83 15.67 10.06
CA THR B 47 12.41 16.60 9.01
C THR B 47 11.40 17.56 9.61
N GLY B 48 11.58 18.85 9.36
CA GLY B 48 10.69 19.85 9.90
C GLY B 48 11.34 21.22 9.84
N ASP B 49 10.81 22.12 10.68
CA ASP B 49 11.28 23.50 10.72
C ASP B 49 12.54 23.60 11.57
N CYS B 50 13.63 24.06 10.97
CA CYS B 50 14.84 24.39 11.71
C CYS B 50 14.79 25.88 12.05
N LYS B 51 14.88 26.20 13.35
CA LYS B 51 14.73 27.57 13.82
C LYS B 51 15.99 28.03 14.54
N PHE B 52 16.32 29.31 14.36
CA PHE B 52 17.40 29.97 15.10
C PHE B 52 16.75 30.67 16.28
N LEU B 53 16.84 30.05 17.46
CA LEU B 53 16.18 30.58 18.65
C LEU B 53 17.17 31.41 19.45
N LYS B 54 16.83 32.68 19.66
CA LYS B 54 17.72 33.65 20.30
C LYS B 54 17.14 34.04 21.65
N ASN B 55 17.82 33.63 22.73
CA ASN B 55 17.35 33.97 24.07
C ASN B 55 17.47 35.46 24.32
N LYS B 56 16.52 36.00 25.08
CA LYS B 56 16.47 37.42 25.38
C LYS B 56 17.08 37.79 26.73
N LYS B 57 17.49 36.81 27.52
CA LYS B 57 18.07 37.06 28.84
C LYS B 57 19.53 36.67 28.95
N THR B 58 19.95 35.58 28.29
CA THR B 58 21.35 35.21 28.23
C THR B 58 22.03 35.67 26.95
N ASN B 59 21.25 36.14 25.97
CA ASN B 59 21.77 36.67 24.71
C ASN B 59 22.63 35.64 23.97
N LYS B 60 22.08 34.43 23.83
CA LYS B 60 22.72 33.34 23.10
C LYS B 60 21.76 32.78 22.06
N VAL B 61 22.32 32.32 20.94
CA VAL B 61 21.55 31.72 19.86
C VAL B 61 21.74 30.21 19.89
N ARG B 62 20.68 29.47 19.57
CA ARG B 62 20.73 28.02 19.55
C ARG B 62 19.99 27.50 18.32
N ILE B 63 20.21 26.23 18.04
CA ILE B 63 19.47 25.51 16.99
C ILE B 63 18.36 24.72 17.67
N LEU B 64 17.12 24.94 17.23
CA LEU B 64 16.00 24.10 17.64
C LEU B 64 15.28 23.61 16.38
N MET B 65 15.17 22.29 16.25
CA MET B 65 14.51 21.66 15.13
C MET B 65 13.60 20.56 15.65
N ARG B 66 12.33 20.58 15.23
CA ARG B 66 11.33 19.61 15.63
C ARG B 66 10.83 18.83 14.43
N ARG B 67 10.61 17.54 14.62
CA ARG B 67 10.01 16.71 13.57
C ARG B 67 8.56 17.11 13.34
N ASP B 68 8.14 17.08 12.07
CA ASP B 68 6.73 17.30 11.74
C ASP B 68 5.85 16.28 12.45
N LYS B 69 4.60 16.68 12.70
CA LYS B 69 3.56 15.84 13.26
C LYS B 69 3.85 15.43 14.71
N THR B 70 4.92 14.68 14.95
CA THR B 70 5.22 14.24 16.31
C THR B 70 5.83 15.33 17.17
N LEU B 71 6.34 16.40 16.55
CA LEU B 71 6.89 17.57 17.25
C LEU B 71 8.06 17.21 18.16
N LYS B 72 8.71 16.07 17.92
CA LYS B 72 9.85 15.67 18.73
C LYS B 72 11.12 16.38 18.28
N ILE B 73 12.00 16.64 19.24
CA ILE B 73 13.20 17.43 18.99
C ILE B 73 14.26 16.54 18.37
N CYS B 74 14.80 16.96 17.22
CA CYS B 74 15.90 16.27 16.57
C CYS B 74 17.20 17.07 16.55
N ALA B 75 17.15 18.36 16.90
CA ALA B 75 18.35 19.17 17.04
C ALA B 75 18.15 20.18 18.15
N ASN B 76 19.12 20.28 19.05
CA ASN B 76 19.07 21.25 20.15
C ASN B 76 20.50 21.49 20.62
N HIS B 77 21.10 22.58 20.14
CA HIS B 77 22.49 22.91 20.43
C HIS B 77 22.73 24.38 20.11
N ILE B 78 23.68 24.99 20.82
CA ILE B 78 24.03 26.38 20.56
C ILE B 78 24.92 26.49 19.33
N ILE B 79 24.65 27.50 18.52
CA ILE B 79 25.42 27.78 17.32
C ILE B 79 26.81 28.30 17.74
N ALA B 80 27.70 27.37 18.09
CA ALA B 80 29.01 27.76 18.59
C ALA B 80 29.79 28.53 17.52
N PRO B 81 30.54 29.57 17.91
CA PRO B 81 31.35 30.29 16.92
C PRO B 81 32.51 29.48 16.35
N GLU B 82 32.86 28.34 16.96
CA GLU B 82 33.94 27.50 16.47
C GLU B 82 33.48 26.49 15.41
N TYR B 83 32.19 26.23 15.30
CA TYR B 83 31.69 25.30 14.29
C TYR B 83 31.89 25.87 12.90
N THR B 84 32.19 25.00 11.94
CA THR B 84 32.43 25.39 10.56
C THR B 84 31.53 24.57 9.65
N LEU B 85 30.78 25.27 8.78
CA LEU B 85 29.94 24.62 7.79
C LEU B 85 30.79 24.20 6.59
N LYS B 86 30.73 22.91 6.25
CA LYS B 86 31.48 22.38 5.13
C LYS B 86 30.54 21.62 4.21
N PRO B 87 30.72 21.73 2.89
CA PRO B 87 29.80 21.07 1.96
C PRO B 87 30.00 19.57 1.93
N ASN B 88 28.97 18.88 1.47
CA ASN B 88 29.02 17.44 1.25
C ASN B 88 29.26 17.17 -0.23
N VAL B 89 29.98 16.07 -0.50
CA VAL B 89 30.46 15.78 -1.85
C VAL B 89 29.30 15.61 -2.83
N GLY B 90 28.14 15.17 -2.34
CA GLY B 90 27.02 14.85 -3.20
C GLY B 90 25.89 15.87 -3.23
N SER B 91 26.05 17.03 -2.61
CA SER B 91 24.95 17.98 -2.50
C SER B 91 25.47 19.41 -2.62
N ASP B 92 24.74 20.23 -3.37
CA ASP B 92 24.95 21.67 -3.40
C ASP B 92 23.92 22.42 -2.56
N ARG B 93 23.17 21.71 -1.71
CA ARG B 93 22.15 22.31 -0.86
C ARG B 93 22.23 21.76 0.55
N SER B 94 23.45 21.48 1.02
CA SER B 94 23.64 20.88 2.33
C SER B 94 24.91 21.44 2.98
N TRP B 95 24.94 21.35 4.30
CA TRP B 95 26.11 21.71 5.10
C TRP B 95 26.39 20.59 6.10
N VAL B 96 27.66 20.22 6.22
CA VAL B 96 28.12 19.24 7.18
C VAL B 96 28.96 19.96 8.23
N TYR B 97 28.71 19.67 9.50
CA TYR B 97 29.51 20.25 10.58
C TYR B 97 29.43 19.35 11.80
N ALA B 98 30.47 19.41 12.63
CA ALA B 98 30.53 18.64 13.85
C ALA B 98 29.88 19.41 14.99
N CYS B 99 29.21 18.68 15.87
CA CYS B 99 28.56 19.26 17.04
C CYS B 99 29.01 18.48 18.27
N THR B 100 29.46 19.20 19.30
CA THR B 100 30.03 18.57 20.48
C THR B 100 29.04 18.43 21.63
N ALA B 101 27.95 19.20 21.64
CA ALA B 101 26.97 19.14 22.73
C ALA B 101 25.59 19.39 22.14
N ASP B 102 24.87 18.30 21.87
CA ASP B 102 23.48 18.37 21.42
C ASP B 102 22.62 17.58 22.39
N ILE B 103 21.49 18.18 22.79
CA ILE B 103 20.63 17.54 23.80
C ILE B 103 19.25 17.26 23.21
N ALA B 104 19.20 16.71 22.00
CA ALA B 104 17.91 16.39 21.40
C ALA B 104 17.32 15.12 21.98
N GLU B 105 18.16 14.20 22.47
CA GLU B 105 17.69 12.92 22.99
C GLU B 105 18.25 12.64 24.38
N GLY B 106 18.47 13.69 25.18
CA GLY B 106 18.96 13.51 26.53
C GLY B 106 20.12 14.43 26.87
N GLU B 107 21.17 13.88 27.45
CA GLU B 107 22.33 14.69 27.81
C GLU B 107 23.22 14.92 26.59
N ALA B 108 24.07 15.94 26.69
CA ALA B 108 24.86 16.39 25.57
C ALA B 108 25.71 15.26 24.98
N GLU B 109 25.60 15.08 23.66
CA GLU B 109 26.34 14.06 22.93
C GLU B 109 26.98 14.71 21.72
N ALA B 110 28.03 14.06 21.20
CA ALA B 110 28.75 14.54 20.04
C ALA B 110 28.17 13.94 18.76
N PHE B 111 28.02 14.79 17.74
CA PHE B 111 27.43 14.36 16.48
C PHE B 111 28.11 15.07 15.31
N THR B 112 28.25 14.35 14.20
CA THR B 112 28.57 14.96 12.91
C THR B 112 27.26 15.11 12.16
N PHE B 113 26.81 16.34 12.01
CA PHE B 113 25.51 16.64 11.44
C PHE B 113 25.62 17.05 9.97
N ALA B 114 24.61 16.67 9.20
CA ALA B 114 24.39 17.25 7.88
C ALA B 114 22.95 17.72 7.81
N ILE B 115 22.73 18.86 7.17
CA ILE B 115 21.41 19.44 7.07
C ILE B 115 21.18 19.86 5.62
N ARG B 116 20.07 19.43 5.04
CA ARG B 116 19.74 19.66 3.64
C ARG B 116 18.47 20.49 3.55
N PHE B 117 18.37 21.28 2.49
CA PHE B 117 17.27 22.21 2.30
C PHE B 117 16.64 21.99 0.94
N GLY B 118 15.55 22.73 0.68
CA GLY B 118 14.81 22.58 -0.55
C GLY B 118 15.53 23.07 -1.79
N SER B 119 16.45 24.01 -1.64
CA SER B 119 17.16 24.56 -2.78
C SER B 119 18.53 25.06 -2.34
N LYS B 120 19.38 25.38 -3.32
CA LYS B 120 20.68 25.97 -3.03
C LYS B 120 20.54 27.35 -2.41
N GLU B 121 19.47 28.08 -2.77
CA GLU B 121 19.26 29.40 -2.20
C GLU B 121 19.04 29.33 -0.69
N ASN B 122 18.16 28.43 -0.24
CA ASN B 122 17.93 28.27 1.18
C ASN B 122 19.19 27.81 1.91
N ALA B 123 19.95 26.90 1.31
CA ALA B 123 21.19 26.45 1.91
C ALA B 123 22.20 27.59 2.02
N ASP B 124 22.29 28.43 0.99
CA ASP B 124 23.12 29.62 1.08
C ASP B 124 22.61 30.58 2.14
N LYS B 125 21.29 30.80 2.17
CA LYS B 125 20.70 31.69 3.16
C LYS B 125 20.90 31.16 4.58
N PHE B 126 20.84 29.84 4.75
CA PHE B 126 21.11 29.25 6.06
C PHE B 126 22.54 29.52 6.49
N LYS B 127 23.50 29.43 5.56
CA LYS B 127 24.90 29.65 5.92
C LYS B 127 25.12 31.07 6.41
N GLU B 128 24.51 32.06 5.74
CA GLU B 128 24.69 33.46 6.11
C GLU B 128 23.91 33.82 7.37
N GLU B 129 22.91 33.01 7.73
CA GLU B 129 22.28 33.17 9.03
C GLU B 129 23.03 32.42 10.14
N PHE B 130 23.78 31.38 9.80
CA PHE B 130 24.44 30.54 10.80
C PHE B 130 25.65 31.25 11.43
N GLU B 131 26.46 31.95 10.63
CA GLU B 131 27.59 32.70 11.15
C GLU B 131 27.17 34.03 11.77
N LYS B 132 26.10 34.65 11.25
CA LYS B 132 25.53 35.83 11.93
C LYS B 132 25.17 35.49 13.37
N ALA B 133 24.62 34.29 13.59
CA ALA B 133 24.37 33.83 14.94
C ALA B 133 25.68 33.52 15.67
N GLN B 134 26.71 33.09 14.94
CA GLN B 134 28.01 32.86 15.56
C GLN B 134 28.65 34.16 16.04
N GLU B 135 28.42 35.25 15.31
CA GLU B 135 28.89 36.56 15.76
C GLU B 135 28.22 36.97 17.06
N ILE B 136 26.94 36.60 17.22
CA ILE B 136 26.19 37.01 18.40
C ILE B 136 26.62 36.19 19.61
N ASN B 137 26.93 34.92 19.42
CA ASN B 137 27.22 34.01 20.52
C ASN B 137 28.60 34.22 21.15
N LYS B 138 29.49 34.97 20.51
CA LYS B 138 30.79 35.24 21.10
C LYS B 138 30.79 36.51 21.94
N LYS B 139 29.83 37.40 21.76
CA LYS B 139 29.73 38.62 22.53
C LYS B 139 29.33 38.32 23.97
N SER C 3 22.91 -17.80 33.22
CA SER C 3 22.43 -18.79 34.18
C SER C 3 21.01 -19.25 33.85
N MET C 4 20.25 -18.38 33.19
CA MET C 4 18.89 -18.74 32.77
C MET C 4 18.89 -19.83 31.71
N GLU C 5 20.04 -20.10 31.08
CA GLU C 5 20.16 -21.15 30.08
C GLU C 5 20.15 -22.53 30.71
N GLY C 6 19.70 -22.61 31.96
CA GLY C 6 19.58 -23.88 32.66
C GLY C 6 18.47 -24.78 32.18
N ILE C 7 17.45 -24.22 31.53
CA ILE C 7 16.32 -25.03 31.06
C ILE C 7 16.58 -25.68 29.70
N LEU C 8 17.49 -25.13 28.90
CA LEU C 8 17.79 -25.67 27.57
C LEU C 8 18.50 -27.02 27.63
N ASP C 9 19.04 -27.41 28.78
CA ASP C 9 19.70 -28.70 28.94
C ASP C 9 18.66 -29.75 29.28
N PHE C 10 18.31 -30.59 28.30
CA PHE C 10 17.34 -31.65 28.50
C PHE C 10 17.96 -32.94 29.00
N SER C 11 19.28 -32.95 29.22
CA SER C 11 19.91 -34.09 29.88
C SER C 11 19.38 -34.25 31.30
N ASN C 12 19.25 -33.15 32.03
CA ASN C 12 18.67 -33.17 33.37
C ASN C 12 17.16 -33.26 33.30
N ASP C 13 16.48 -32.90 34.39
CA ASP C 13 15.04 -32.76 34.42
C ASP C 13 14.68 -31.28 34.44
N LEU C 14 13.51 -30.96 33.90
CA LEU C 14 13.12 -29.57 33.73
C LEU C 14 12.81 -28.94 35.09
N ASP C 15 13.51 -27.85 35.40
CA ASP C 15 13.25 -27.05 36.59
C ASP C 15 12.02 -26.18 36.33
N ILE C 16 10.85 -26.64 36.79
CA ILE C 16 9.61 -25.92 36.52
C ILE C 16 9.64 -24.53 37.13
N ALA C 17 10.16 -24.40 38.35
CA ALA C 17 10.25 -23.09 38.97
C ALA C 17 11.19 -22.17 38.21
N LEU C 18 12.26 -22.72 37.62
CA LEU C 18 13.14 -21.89 36.80
C LEU C 18 12.45 -21.46 35.52
N LEU C 19 11.67 -22.36 34.91
CA LEU C 19 10.93 -22.00 33.70
C LEU C 19 9.96 -20.86 33.99
N ASP C 20 9.22 -20.95 35.10
CA ASP C 20 8.27 -19.90 35.45
C ASP C 20 8.96 -18.56 35.67
N GLN C 21 10.22 -18.57 36.09
CA GLN C 21 10.94 -17.31 36.27
C GLN C 21 11.46 -16.77 34.93
N VAL C 22 11.97 -17.65 34.07
CA VAL C 22 12.40 -17.22 32.75
C VAL C 22 11.21 -16.64 31.97
N VAL C 23 10.05 -17.27 32.10
CA VAL C 23 8.87 -16.83 31.37
C VAL C 23 8.43 -15.46 31.85
N SER C 24 8.39 -15.26 33.17
CA SER C 24 7.99 -13.97 33.71
C SER C 24 9.05 -12.90 33.46
N THR C 25 10.32 -13.28 33.36
CA THR C 25 11.36 -12.32 33.02
C THR C 25 11.14 -11.78 31.61
N PHE C 26 10.62 -12.62 30.71
CA PHE C 26 10.42 -12.20 29.33
C PHE C 26 9.15 -11.34 29.19
N TYR C 27 8.10 -11.66 29.95
CA TYR C 27 6.84 -10.94 29.82
C TYR C 27 6.79 -9.67 30.66
N GLN C 28 7.40 -9.69 31.85
CA GLN C 28 7.34 -8.55 32.75
C GLN C 28 8.63 -7.76 32.85
N GLY C 29 9.75 -8.30 32.40
CA GLY C 29 11.03 -7.65 32.51
C GLY C 29 11.27 -6.65 31.39
N SER C 30 12.54 -6.27 31.24
CA SER C 30 12.93 -5.29 30.23
C SER C 30 14.43 -5.40 30.00
N GLY C 31 14.89 -4.69 28.98
CA GLY C 31 16.32 -4.59 28.72
C GLY C 31 16.93 -5.90 28.31
N VAL C 32 18.23 -6.05 28.64
CA VAL C 32 18.99 -7.23 28.23
C VAL C 32 18.44 -8.49 28.89
N GLN C 33 17.94 -8.37 30.12
CA GLN C 33 17.37 -9.53 30.81
C GLN C 33 16.20 -10.10 30.04
N GLN C 34 15.29 -9.24 29.58
CA GLN C 34 14.17 -9.71 28.77
C GLN C 34 14.66 -10.26 27.44
N LYS C 35 15.70 -9.63 26.85
CA LYS C 35 16.11 -10.00 25.50
C LYS C 35 16.71 -11.40 25.44
N GLN C 36 17.59 -11.76 26.39
CA GLN C 36 18.18 -13.09 26.33
C GLN C 36 17.27 -14.15 26.95
N ALA C 37 16.34 -13.74 27.83
CA ALA C 37 15.25 -14.64 28.20
C ALA C 37 14.37 -14.95 27.00
N GLN C 38 14.27 -14.02 26.06
CA GLN C 38 13.51 -14.26 24.84
C GLN C 38 14.17 -15.33 23.99
N GLU C 39 15.48 -15.20 23.76
CA GLU C 39 16.18 -16.18 22.93
C GLU C 39 16.23 -17.55 23.59
N ILE C 40 16.14 -17.60 24.92
CA ILE C 40 16.12 -18.88 25.61
C ILE C 40 14.77 -19.56 25.44
N LEU C 41 13.67 -18.80 25.58
CA LEU C 41 12.34 -19.38 25.42
C LEU C 41 12.11 -19.84 23.98
N THR C 42 12.65 -19.11 23.01
CA THR C 42 12.52 -19.54 21.62
C THR C 42 13.22 -20.87 21.40
N LYS C 43 14.44 -21.02 21.92
CA LYS C 43 15.17 -22.28 21.73
C LYS C 43 14.53 -23.41 22.52
N PHE C 44 13.97 -23.13 23.69
CA PHE C 44 13.23 -24.15 24.42
C PHE C 44 12.02 -24.61 23.62
N GLN C 45 11.28 -23.66 23.05
CA GLN C 45 10.10 -24.02 22.28
C GLN C 45 10.47 -24.74 20.98
N ASP C 46 11.54 -24.30 20.32
CA ASP C 46 11.97 -24.89 19.06
C ASP C 46 12.73 -26.19 19.24
N ASN C 47 12.86 -26.71 20.45
CA ASN C 47 13.48 -28.01 20.64
C ASN C 47 12.50 -29.11 20.25
N PRO C 48 12.90 -30.03 19.36
CA PRO C 48 11.95 -31.04 18.87
C PRO C 48 11.42 -31.98 19.95
N ASP C 49 12.08 -32.06 21.11
CA ASP C 49 11.64 -32.95 22.17
C ASP C 49 10.88 -32.22 23.28
N ALA C 50 10.70 -30.90 23.15
CA ALA C 50 10.09 -30.13 24.23
C ALA C 50 8.67 -30.57 24.52
N TRP C 51 7.98 -31.15 23.53
CA TRP C 51 6.60 -31.57 23.73
C TRP C 51 6.49 -32.65 24.79
N GLN C 52 7.53 -33.47 24.96
CA GLN C 52 7.49 -34.50 26.00
C GLN C 52 7.44 -33.88 27.39
N LYS C 53 8.00 -32.67 27.53
CA LYS C 53 7.96 -31.93 28.78
C LYS C 53 6.81 -30.94 28.87
N ALA C 54 5.73 -31.17 28.11
CA ALA C 54 4.58 -30.27 28.15
C ALA C 54 3.55 -30.65 29.21
N ASP C 55 3.53 -31.92 29.63
CA ASP C 55 2.52 -32.37 30.58
C ASP C 55 2.86 -31.98 32.03
N GLN C 56 4.15 -32.01 32.39
CA GLN C 56 4.53 -31.58 33.73
C GLN C 56 4.41 -30.06 33.88
N ILE C 57 4.68 -29.31 32.81
CA ILE C 57 4.47 -27.87 32.84
C ILE C 57 2.99 -27.57 33.08
N LEU C 58 2.12 -28.20 32.31
CA LEU C 58 0.69 -27.91 32.43
C LEU C 58 0.12 -28.38 33.75
N GLN C 59 0.83 -29.25 34.48
CA GLN C 59 0.36 -29.80 35.74
C GLN C 59 0.98 -29.12 36.95
N PHE C 60 2.27 -28.74 36.87
CA PHE C 60 3.00 -28.27 38.03
C PHE C 60 3.33 -26.78 38.03
N SER C 61 3.37 -26.15 36.86
CA SER C 61 3.74 -24.74 36.80
C SER C 61 2.68 -23.86 37.46
N THR C 62 3.14 -22.74 38.03
CA THR C 62 2.27 -21.74 38.63
C THR C 62 2.09 -20.51 37.74
N ASN C 63 2.60 -20.54 36.52
CA ASN C 63 2.59 -19.39 35.63
C ASN C 63 1.71 -19.68 34.43
N PRO C 64 0.60 -18.97 34.26
CA PRO C 64 -0.28 -19.24 33.10
C PRO C 64 0.41 -19.05 31.76
N GLN C 65 1.36 -18.12 31.66
CA GLN C 65 2.10 -17.94 30.41
C GLN C 65 2.93 -19.18 30.09
N SER C 66 3.53 -19.80 31.10
CA SER C 66 4.28 -21.04 30.87
C SER C 66 3.37 -22.12 30.30
N LYS C 67 2.15 -22.24 30.84
CA LYS C 67 1.20 -23.20 30.32
C LYS C 67 0.78 -22.86 28.90
N PHE C 68 0.66 -21.56 28.59
CA PHE C 68 0.38 -21.14 27.22
C PHE C 68 1.46 -21.61 26.28
N ILE C 69 2.73 -21.39 26.65
CA ILE C 69 3.85 -21.79 25.81
C ILE C 69 3.88 -23.30 25.65
N ALA C 70 3.54 -24.04 26.71
CA ALA C 70 3.51 -25.50 26.62
C ALA C 70 2.45 -25.95 25.62
N LEU C 71 1.30 -25.28 25.60
CA LEU C 71 0.27 -25.60 24.61
C LEU C 71 0.73 -25.26 23.20
N SER C 72 1.51 -24.18 23.04
CA SER C 72 2.06 -23.85 21.73
C SER C 72 3.00 -24.94 21.25
N ILE C 73 3.85 -25.47 22.14
CA ILE C 73 4.74 -26.57 21.77
C ILE C 73 3.93 -27.79 21.38
N LEU C 74 2.86 -28.06 22.12
CA LEU C 74 1.93 -29.12 21.75
C LEU C 74 1.32 -28.87 20.38
N ASP C 75 0.90 -27.63 20.12
CA ASP C 75 0.22 -27.32 18.86
C ASP C 75 1.11 -27.63 17.67
N LYS C 76 2.39 -27.25 17.73
CA LYS C 76 3.33 -27.59 16.66
C LYS C 76 3.46 -29.10 16.48
N LEU C 77 3.34 -29.85 17.57
CA LEU C 77 3.44 -31.31 17.48
C LEU C 77 2.18 -31.90 16.84
N ILE C 78 1.01 -31.47 17.30
CA ILE C 78 -0.25 -31.95 16.74
C ILE C 78 -0.38 -31.55 15.27
N THR C 79 0.16 -30.39 14.90
CA THR C 79 -0.03 -29.88 13.54
C THR C 79 0.88 -30.58 12.54
N ARG C 80 2.13 -30.86 12.92
CA ARG C 80 3.14 -31.29 11.96
C ARG C 80 3.58 -32.74 12.10
N LYS C 81 3.45 -33.35 13.29
CA LYS C 81 4.02 -34.68 13.50
C LYS C 81 3.07 -35.63 14.22
N TRP C 82 1.78 -35.30 14.28
CA TRP C 82 0.82 -36.14 14.99
C TRP C 82 0.83 -37.58 14.48
N LYS C 83 0.86 -37.75 13.16
CA LYS C 83 0.79 -39.10 12.60
C LYS C 83 2.08 -39.89 12.84
N LEU C 84 3.19 -39.22 13.11
CA LEU C 84 4.46 -39.92 13.34
C LEU C 84 4.56 -40.48 14.74
N LEU C 85 3.73 -40.03 15.67
CA LEU C 85 3.81 -40.49 17.05
C LEU C 85 3.37 -41.95 17.16
N PRO C 86 3.92 -42.69 18.13
CA PRO C 86 3.28 -43.93 18.54
C PRO C 86 1.84 -43.66 18.98
N ASN C 87 0.98 -44.66 18.79
CA ASN C 87 -0.45 -44.43 18.95
C ASN C 87 -0.82 -44.10 20.39
N ASP C 88 -0.14 -44.71 21.37
CA ASP C 88 -0.50 -44.48 22.75
C ASP C 88 -0.21 -43.04 23.18
N HIS C 89 0.81 -42.42 22.60
CA HIS C 89 1.06 -41.01 22.87
C HIS C 89 -0.11 -40.14 22.40
N ARG C 90 -0.67 -40.47 21.23
CA ARG C 90 -1.76 -39.66 20.69
C ARG C 90 -2.98 -39.69 21.61
N ILE C 91 -3.28 -40.85 22.19
CA ILE C 91 -4.43 -40.94 23.09
C ILE C 91 -4.11 -40.32 24.45
N GLY C 92 -2.85 -40.41 24.88
CA GLY C 92 -2.48 -39.77 26.14
C GLY C 92 -2.60 -38.26 26.09
N ILE C 93 -2.00 -37.64 25.07
CA ILE C 93 -2.13 -36.20 24.87
C ILE C 93 -3.60 -35.80 24.78
N ARG C 94 -4.37 -36.57 24.02
CA ARG C 94 -5.78 -36.25 23.82
C ARG C 94 -6.56 -36.33 25.13
N ASN C 95 -6.29 -37.35 25.96
CA ASN C 95 -6.95 -37.45 27.25
C ASN C 95 -6.47 -36.38 28.22
N PHE C 96 -5.18 -36.03 28.14
CA PHE C 96 -4.64 -35.00 29.02
C PHE C 96 -5.29 -33.64 28.76
N VAL C 97 -5.44 -33.27 27.48
CA VAL C 97 -6.03 -31.97 27.17
C VAL C 97 -7.49 -31.93 27.58
N VAL C 98 -8.25 -32.99 27.29
CA VAL C 98 -9.65 -33.04 27.67
C VAL C 98 -9.78 -32.91 29.18
N GLY C 99 -8.97 -33.67 29.92
CA GLY C 99 -9.04 -33.62 31.38
C GLY C 99 -8.69 -32.25 31.93
N MET C 100 -7.65 -31.62 31.40
CA MET C 100 -7.26 -30.31 31.91
C MET C 100 -8.34 -29.27 31.68
N ILE C 101 -8.99 -29.30 30.51
CA ILE C 101 -10.06 -28.34 30.25
C ILE C 101 -11.20 -28.55 31.22
N ILE C 102 -11.57 -29.80 31.48
CA ILE C 102 -12.64 -30.07 32.45
C ILE C 102 -12.27 -29.53 33.83
N SER C 103 -11.00 -29.68 34.22
CA SER C 103 -10.57 -29.19 35.53
C SER C 103 -10.61 -27.67 35.59
N MET C 104 -10.29 -26.99 34.49
CA MET C 104 -10.29 -25.53 34.49
C MET C 104 -11.69 -24.94 34.49
N CYS C 105 -12.69 -25.70 34.03
CA CYS C 105 -14.06 -25.21 34.03
C CYS C 105 -14.75 -25.41 35.38
N GLN C 106 -14.30 -26.37 36.17
CA GLN C 106 -14.90 -26.59 37.49
C GLN C 106 -14.43 -25.54 38.49
N ASP C 107 -13.16 -25.14 38.41
CA ASP C 107 -12.59 -24.15 39.32
C ASP C 107 -12.98 -22.76 38.83
N ASP C 108 -13.89 -22.11 39.57
CA ASP C 108 -14.48 -20.86 39.09
C ASP C 108 -13.48 -19.71 39.04
N GLU C 109 -12.46 -19.74 39.90
CA GLU C 109 -11.49 -18.65 39.89
C GLU C 109 -10.48 -18.78 38.76
N VAL C 110 -10.26 -19.98 38.23
CA VAL C 110 -9.42 -20.11 37.06
C VAL C 110 -10.23 -19.97 35.77
N PHE C 111 -11.50 -20.40 35.77
CA PHE C 111 -12.35 -20.19 34.60
C PHE C 111 -12.65 -18.72 34.37
N LYS C 112 -12.59 -17.91 35.42
CA LYS C 112 -12.90 -16.49 35.29
C LYS C 112 -11.65 -15.64 35.07
N THR C 113 -10.50 -16.03 35.62
CA THR C 113 -9.30 -15.20 35.61
C THR C 113 -8.23 -15.67 34.65
N GLN C 114 -8.43 -16.79 33.96
N GLN C 114 -8.42 -16.80 33.97
CA GLN C 114 -7.44 -17.34 33.03
CA GLN C 114 -7.43 -17.33 33.03
C GLN C 114 -8.12 -17.68 31.70
C GLN C 114 -8.11 -17.67 31.70
N LYS C 115 -8.68 -16.66 31.05
CA LYS C 115 -9.36 -16.89 29.78
C LYS C 115 -8.38 -17.23 28.67
N ASN C 116 -7.21 -16.57 28.65
CA ASN C 116 -6.21 -16.85 27.61
C ASN C 116 -5.80 -18.32 27.63
N LEU C 117 -5.59 -18.88 28.82
CA LEU C 117 -5.16 -20.26 28.93
C LEU C 117 -6.25 -21.22 28.48
N ILE C 118 -7.50 -20.94 28.82
CA ILE C 118 -8.60 -21.83 28.43
C ILE C 118 -8.83 -21.75 26.92
N ASN C 119 -8.84 -20.53 26.37
CA ASN C 119 -9.00 -20.38 24.92
C ASN C 119 -7.87 -21.10 24.17
N LYS C 120 -6.63 -20.95 24.64
CA LYS C 120 -5.52 -21.68 24.03
C LYS C 120 -5.69 -23.18 24.19
N SER C 121 -6.25 -23.63 25.31
CA SER C 121 -6.50 -25.06 25.49
C SER C 121 -7.62 -25.54 24.59
N ASP C 122 -8.70 -24.76 24.47
CA ASP C 122 -9.75 -25.09 23.52
C ASP C 122 -9.21 -25.20 22.10
N LEU C 123 -8.29 -24.30 21.72
CA LEU C 123 -7.74 -24.34 20.37
C LEU C 123 -6.86 -25.57 20.17
N THR C 124 -6.08 -25.93 21.18
CA THR C 124 -5.29 -27.14 21.12
C THR C 124 -6.17 -28.38 20.97
N LEU C 125 -7.30 -28.40 21.68
CA LEU C 125 -8.27 -29.48 21.53
C LEU C 125 -8.81 -29.54 20.10
N VAL C 126 -9.09 -28.37 19.52
CA VAL C 126 -9.61 -28.34 18.15
C VAL C 126 -8.58 -28.87 17.17
N GLN C 127 -7.29 -28.60 17.42
CA GLN C 127 -6.26 -29.14 16.54
C GLN C 127 -6.22 -30.66 16.59
N ILE C 128 -6.60 -31.27 17.73
CA ILE C 128 -6.67 -32.72 17.82
C ILE C 128 -7.88 -33.25 17.06
N LEU C 129 -9.02 -32.58 17.20
CA LEU C 129 -10.22 -32.97 16.45
C LEU C 129 -9.96 -32.99 14.95
N LYS C 130 -9.15 -32.05 14.46
CA LYS C 130 -8.85 -32.03 13.03
C LYS C 130 -8.07 -33.26 12.61
N GLN C 131 -7.33 -33.86 13.54
CA GLN C 131 -6.57 -35.07 13.26
C GLN C 131 -7.36 -36.35 13.54
N GLU C 132 -8.15 -36.36 14.61
CA GLU C 132 -8.78 -37.58 15.08
C GLU C 132 -10.28 -37.68 14.83
N TRP C 133 -10.97 -36.55 14.68
CA TRP C 133 -12.42 -36.54 14.65
C TRP C 133 -12.94 -36.48 13.21
N PRO C 134 -14.00 -37.23 12.87
CA PRO C 134 -14.73 -38.12 13.76
C PRO C 134 -14.30 -39.58 13.68
N GLN C 135 -13.33 -39.91 12.83
CA GLN C 135 -13.05 -41.31 12.51
C GLN C 135 -12.55 -42.10 13.71
N ASN C 136 -11.84 -41.44 14.63
CA ASN C 136 -11.36 -42.05 15.88
C ASN C 136 -11.90 -41.35 17.12
N TRP C 137 -13.04 -40.68 17.00
CA TRP C 137 -13.64 -39.98 18.12
C TRP C 137 -15.12 -39.72 17.82
N PRO C 138 -15.90 -40.75 17.49
CA PRO C 138 -17.27 -40.52 16.99
C PRO C 138 -18.25 -40.07 18.06
N GLU C 139 -17.86 -40.05 19.34
CA GLU C 139 -18.76 -39.66 20.41
C GLU C 139 -18.47 -38.26 20.95
N PHE C 140 -17.62 -37.49 20.28
CA PHE C 140 -17.27 -36.17 20.77
C PHE C 140 -18.49 -35.27 20.88
N ILE C 141 -19.25 -35.14 19.80
CA ILE C 141 -20.40 -34.24 19.77
C ILE C 141 -21.49 -34.72 20.74
N PRO C 142 -21.89 -36.00 20.75
CA PRO C 142 -22.88 -36.42 21.75
C PRO C 142 -22.41 -36.21 23.19
N GLU C 143 -21.13 -36.44 23.48
CA GLU C 143 -20.62 -36.23 24.82
C GLU C 143 -20.43 -34.76 25.14
N LEU C 144 -20.09 -33.93 24.13
CA LEU C 144 -20.02 -32.50 24.36
C LEU C 144 -21.39 -31.95 24.76
N ILE C 145 -22.45 -32.41 24.09
CA ILE C 145 -23.80 -31.96 24.41
C ILE C 145 -24.24 -32.48 25.77
N GLY C 146 -23.94 -33.76 26.06
CA GLY C 146 -24.28 -34.30 27.37
C GLY C 146 -23.55 -33.57 28.48
N SER C 147 -22.24 -33.38 28.33
CA SER C 147 -21.46 -32.69 29.34
C SER C 147 -21.86 -31.23 29.49
N SER C 148 -22.50 -30.64 28.46
CA SER C 148 -22.90 -29.24 28.56
C SER C 148 -24.01 -29.05 29.57
N SER C 149 -24.84 -30.08 29.79
CA SER C 149 -25.95 -29.97 30.74
C SER C 149 -25.48 -30.01 32.18
N SER C 150 -24.25 -30.46 32.44
CA SER C 150 -23.75 -30.56 33.80
C SER C 150 -23.57 -29.18 34.42
N SER C 151 -22.61 -28.40 33.93
CA SER C 151 -22.30 -27.10 34.49
C SER C 151 -22.49 -26.00 33.45
N VAL C 152 -22.55 -24.76 33.94
CA VAL C 152 -22.68 -23.61 33.06
C VAL C 152 -21.32 -23.25 32.45
N ASN C 153 -20.24 -23.39 33.22
CA ASN C 153 -18.91 -23.10 32.72
C ASN C 153 -18.51 -24.04 31.60
N VAL C 154 -18.95 -25.29 31.64
CA VAL C 154 -18.63 -26.22 30.56
C VAL C 154 -19.49 -25.93 29.34
N CYS C 155 -20.79 -25.67 29.54
CA CYS C 155 -21.66 -25.31 28.42
C CYS C 155 -21.14 -24.09 27.68
N GLU C 156 -20.70 -23.07 28.41
CA GLU C 156 -20.13 -21.88 27.77
C GLU C 156 -18.82 -22.22 27.07
N ASN C 157 -17.97 -23.02 27.72
CA ASN C 157 -16.69 -23.38 27.12
C ASN C 157 -16.86 -24.28 25.90
N ASN C 158 -17.90 -25.12 25.88
CA ASN C 158 -18.16 -25.93 24.70
C ASN C 158 -18.54 -25.08 23.51
N MET C 159 -19.19 -23.93 23.75
CA MET C 159 -19.50 -23.01 22.67
C MET C 159 -18.23 -22.41 22.09
N ILE C 160 -17.20 -22.21 22.92
CA ILE C 160 -15.92 -21.71 22.43
C ILE C 160 -15.22 -22.75 21.58
N VAL C 161 -15.30 -24.02 21.97
CA VAL C 161 -14.68 -25.09 21.19
C VAL C 161 -15.38 -25.24 19.84
N LEU C 162 -16.71 -25.19 19.86
CA LEU C 162 -17.47 -25.32 18.61
C LEU C 162 -17.23 -24.13 17.69
N LYS C 163 -17.17 -22.91 18.25
CA LYS C 163 -16.84 -21.74 17.44
C LYS C 163 -15.49 -21.88 16.76
N LEU C 164 -14.45 -22.24 17.52
CA LEU C 164 -13.13 -22.43 16.93
C LEU C 164 -13.12 -23.59 15.95
N LEU C 165 -13.91 -24.64 16.22
CA LEU C 165 -14.01 -25.74 15.28
C LEU C 165 -14.61 -25.29 13.96
N SER C 166 -15.70 -24.53 14.03
CA SER C 166 -16.34 -24.02 12.82
C SER C 166 -15.38 -23.13 12.03
N GLU C 167 -14.53 -22.37 12.72
CA GLU C 167 -13.60 -21.47 12.02
C GLU C 167 -12.50 -22.27 11.31
N GLU C 168 -11.95 -23.29 11.97
CA GLU C 168 -10.88 -24.07 11.38
C GLU C 168 -11.36 -24.89 10.20
N VAL C 169 -12.62 -25.31 10.21
CA VAL C 169 -13.13 -26.20 9.18
C VAL C 169 -13.67 -25.43 7.98
N PHE C 170 -14.41 -24.34 8.21
CA PHE C 170 -15.06 -23.61 7.14
C PHE C 170 -14.40 -22.29 6.77
N ASP C 171 -13.79 -21.59 7.72
CA ASP C 171 -13.29 -20.24 7.46
C ASP C 171 -11.81 -20.19 7.09
N PHE C 172 -10.99 -21.11 7.61
CA PHE C 172 -9.54 -21.02 7.44
C PHE C 172 -8.93 -22.30 6.89
N SER C 173 -9.74 -23.21 6.37
CA SER C 173 -9.23 -24.49 5.90
C SER C 173 -8.66 -24.42 4.49
N ALA C 174 -9.12 -23.48 3.67
CA ALA C 174 -8.84 -23.52 2.22
C ALA C 174 -7.35 -23.58 1.91
N GLU C 175 -6.51 -22.95 2.73
CA GLU C 175 -5.07 -23.01 2.51
C GLU C 175 -4.34 -23.88 3.52
N GLN C 176 -4.92 -24.13 4.70
CA GLN C 176 -4.23 -24.82 5.78
C GLN C 176 -4.29 -26.34 5.68
N MET C 177 -5.22 -26.89 4.90
CA MET C 177 -5.35 -28.33 4.77
C MET C 177 -5.70 -28.68 3.33
N THR C 178 -5.52 -29.96 3.00
CA THR C 178 -5.80 -30.45 1.67
C THR C 178 -7.31 -30.40 1.38
N GLN C 179 -7.64 -30.39 0.09
CA GLN C 179 -9.05 -30.36 -0.30
C GLN C 179 -9.82 -31.54 0.28
N ALA C 180 -9.21 -32.73 0.27
CA ALA C 180 -9.89 -33.93 0.78
C ALA C 180 -10.12 -33.84 2.28
N LYS C 181 -9.10 -33.43 3.04
CA LYS C 181 -9.23 -33.33 4.48
C LYS C 181 -10.25 -32.26 4.87
N ALA C 182 -10.26 -31.14 4.14
CA ALA C 182 -11.24 -30.09 4.41
C ALA C 182 -12.66 -30.59 4.15
N LEU C 183 -12.87 -31.26 3.02
CA LEU C 183 -14.20 -31.78 2.71
C LEU C 183 -14.66 -32.79 3.75
N HIS C 184 -13.74 -33.66 4.19
CA HIS C 184 -14.06 -34.63 5.23
C HIS C 184 -14.56 -33.94 6.48
N LEU C 185 -13.88 -32.87 6.91
CA LEU C 185 -14.27 -32.20 8.14
C LEU C 185 -15.57 -31.42 7.97
N LYS C 186 -15.76 -30.77 6.81
CA LYS C 186 -17.02 -30.07 6.56
C LYS C 186 -18.21 -31.03 6.59
N ASN C 187 -18.08 -32.18 5.92
CA ASN C 187 -19.16 -33.17 5.93
C ASN C 187 -19.44 -33.68 7.33
N SER C 188 -18.40 -33.82 8.16
CA SER C 188 -18.58 -34.33 9.51
C SER C 188 -19.38 -33.35 10.36
N MET C 189 -19.01 -32.06 10.31
CA MET C 189 -19.77 -31.07 11.06
C MET C 189 -21.19 -30.95 10.52
N SER C 190 -21.35 -31.04 9.21
CA SER C 190 -22.68 -30.94 8.61
C SER C 190 -23.58 -32.08 9.04
N LYS C 191 -23.02 -33.29 9.17
CA LYS C 191 -23.82 -34.44 9.56
C LYS C 191 -24.38 -34.30 10.97
N GLU C 192 -23.59 -33.71 11.87
CA GLU C 192 -23.92 -33.65 13.29
C GLU C 192 -24.35 -32.27 13.74
N PHE C 193 -24.69 -31.36 12.80
CA PHE C 193 -25.06 -30.02 13.21
C PHE C 193 -26.45 -29.96 13.80
N GLU C 194 -27.33 -30.89 13.42
CA GLU C 194 -28.69 -30.92 13.95
C GLU C 194 -28.69 -30.91 15.47
N GLN C 195 -27.80 -31.71 16.07
CA GLN C 195 -27.70 -31.74 17.53
C GLN C 195 -26.97 -30.52 18.07
N ILE C 196 -26.06 -29.95 17.29
CA ILE C 196 -25.37 -28.73 17.72
C ILE C 196 -26.34 -27.56 17.77
N PHE C 197 -27.17 -27.41 16.73
CA PHE C 197 -28.12 -26.30 16.71
C PHE C 197 -29.16 -26.43 17.82
N LYS C 198 -29.57 -27.66 18.15
CA LYS C 198 -30.53 -27.86 19.22
C LYS C 198 -29.98 -27.36 20.55
N LEU C 199 -28.72 -27.72 20.86
CA LEU C 199 -28.09 -27.24 22.09
C LEU C 199 -27.95 -25.71 22.07
N CYS C 200 -27.55 -25.14 20.93
CA CYS C 200 -27.39 -23.69 20.85
CA CYS C 200 -27.39 -23.69 20.85
C CYS C 200 -28.72 -22.98 21.01
N PHE C 201 -29.78 -23.50 20.38
CA PHE C 201 -31.08 -22.86 20.46
C PHE C 201 -31.67 -22.96 21.87
N GLN C 202 -31.47 -24.09 22.55
CA GLN C 202 -31.99 -24.24 23.90
C GLN C 202 -31.33 -23.24 24.86
N VAL C 203 -30.03 -23.00 24.69
CA VAL C 203 -29.34 -22.04 25.54
C VAL C 203 -29.86 -20.63 25.30
N LEU C 204 -30.03 -20.25 24.04
CA LEU C 204 -30.50 -18.90 23.72
C LEU C 204 -31.92 -18.67 24.19
N GLU C 205 -32.73 -19.72 24.30
CA GLU C 205 -34.12 -19.56 24.68
C GLU C 205 -34.34 -19.63 26.19
N GLN C 206 -33.48 -20.32 26.92
CA GLN C 206 -33.66 -20.55 28.35
C GLN C 206 -32.72 -19.72 29.22
N GLY C 207 -31.98 -18.78 28.64
CA GLY C 207 -31.16 -18.00 29.54
C GLY C 207 -30.01 -18.79 30.17
N SER C 208 -29.38 -18.15 31.14
CA SER C 208 -29.67 -16.76 31.48
C SER C 208 -28.36 -16.05 31.76
N SER C 209 -27.32 -16.86 31.94
CA SER C 209 -25.97 -16.32 32.09
C SER C 209 -25.58 -15.54 30.86
N SER C 210 -25.27 -14.25 31.06
N SER C 210 -25.26 -14.26 31.05
CA SER C 210 -24.93 -13.40 29.92
CA SER C 210 -24.93 -13.40 29.92
C SER C 210 -23.68 -13.88 29.20
C SER C 210 -23.67 -13.86 29.20
N SER C 211 -22.67 -14.31 29.97
CA SER C 211 -21.44 -14.82 29.35
C SER C 211 -21.72 -16.09 28.55
N LEU C 212 -22.61 -16.94 29.05
CA LEU C 212 -22.99 -18.13 28.29
C LEU C 212 -23.78 -17.77 27.04
N ILE C 213 -24.61 -16.73 27.14
CA ILE C 213 -25.38 -16.29 25.98
C ILE C 213 -24.46 -15.72 24.91
N VAL C 214 -23.53 -14.85 25.31
CA VAL C 214 -22.64 -14.21 24.34
C VAL C 214 -21.78 -15.25 23.64
N ALA C 215 -21.24 -16.21 24.38
CA ALA C 215 -20.43 -17.26 23.76
C ALA C 215 -21.24 -18.10 22.79
N THR C 216 -22.54 -18.28 23.06
CA THR C 216 -23.40 -19.03 22.15
C THR C 216 -23.71 -18.22 20.91
N LEU C 217 -23.93 -16.91 21.07
CA LEU C 217 -24.15 -16.04 19.92
C LEU C 217 -22.89 -15.95 19.07
N GLU C 218 -21.71 -15.91 19.69
N GLU C 218 -21.71 -15.90 19.69
CA GLU C 218 -20.46 -15.83 18.94
CA GLU C 218 -20.46 -15.83 18.94
C GLU C 218 -20.24 -17.07 18.08
C GLU C 218 -20.28 -17.06 18.06
N SER C 219 -20.69 -18.23 18.55
CA SER C 219 -20.58 -19.44 17.75
C SER C 219 -21.65 -19.50 16.67
N LEU C 220 -22.82 -18.90 16.94
CA LEU C 220 -23.84 -18.80 15.90
C LEU C 220 -23.38 -17.93 14.74
N LEU C 221 -22.63 -16.86 15.04
CA LEU C 221 -22.08 -16.03 13.98
C LEU C 221 -21.27 -16.86 12.99
N ARG C 222 -20.47 -17.79 13.50
CA ARG C 222 -19.65 -18.61 12.62
C ARG C 222 -20.50 -19.61 11.82
N TYR C 223 -21.52 -20.19 12.47
CA TYR C 223 -22.38 -21.16 11.77
C TYR C 223 -23.07 -20.52 10.58
N LEU C 224 -23.45 -19.25 10.69
CA LEU C 224 -24.21 -18.60 9.62
C LEU C 224 -23.42 -18.53 8.32
N HIS C 225 -22.10 -18.75 8.37
CA HIS C 225 -21.31 -18.75 7.14
C HIS C 225 -21.65 -19.93 6.23
N TRP C 226 -22.17 -21.03 6.79
CA TRP C 226 -22.28 -22.25 5.99
C TRP C 226 -23.56 -23.07 6.21
N ILE C 227 -24.28 -22.92 7.31
CA ILE C 227 -25.39 -23.83 7.62
C ILE C 227 -26.55 -23.60 6.66
N PRO C 228 -27.41 -24.59 6.43
CA PRO C 228 -28.53 -24.40 5.52
C PRO C 228 -29.55 -23.42 6.08
N TYR C 229 -30.27 -22.75 5.18
CA TYR C 229 -31.16 -21.66 5.56
C TYR C 229 -32.30 -22.13 6.47
N ARG C 230 -32.65 -23.42 6.43
CA ARG C 230 -33.80 -23.89 7.21
C ARG C 230 -33.61 -23.63 8.70
N TYR C 231 -32.38 -23.71 9.20
CA TYR C 231 -32.14 -23.53 10.62
C TYR C 231 -32.39 -22.10 11.09
N ILE C 232 -32.44 -21.13 10.16
CA ILE C 232 -32.63 -19.73 10.52
C ILE C 232 -34.08 -19.30 10.37
N TYR C 233 -34.76 -19.76 9.31
CA TYR C 233 -36.12 -19.30 9.03
C TYR C 233 -37.20 -20.23 9.53
N GLU C 234 -36.94 -21.52 9.64
CA GLU C 234 -37.94 -22.47 10.08
C GLU C 234 -37.94 -22.68 11.58
N THR C 235 -37.14 -21.90 12.31
CA THR C 235 -37.16 -21.88 13.77
C THR C 235 -37.58 -20.49 14.22
N ASN C 236 -37.57 -20.27 15.54
CA ASN C 236 -37.91 -18.99 16.12
C ASN C 236 -36.68 -18.12 16.39
N ILE C 237 -35.51 -18.53 15.88
CA ILE C 237 -34.28 -17.88 16.30
C ILE C 237 -34.18 -16.46 15.76
N LEU C 238 -34.80 -16.17 14.61
CA LEU C 238 -34.79 -14.80 14.10
C LEU C 238 -35.56 -13.87 15.05
N GLU C 239 -36.65 -14.37 15.63
CA GLU C 239 -37.40 -13.59 16.59
C GLU C 239 -36.58 -13.32 17.85
N LEU C 240 -35.84 -14.33 18.32
CA LEU C 240 -34.97 -14.13 19.49
C LEU C 240 -33.89 -13.10 19.19
N LEU C 241 -33.23 -13.21 18.04
CA LEU C 241 -32.14 -12.30 17.71
C LEU C 241 -32.65 -10.87 17.56
N SER C 242 -33.74 -10.67 16.83
CA SER C 242 -34.20 -9.33 16.49
C SER C 242 -35.00 -8.65 17.60
N THR C 243 -35.31 -9.37 18.70
CA THR C 243 -36.01 -8.77 19.83
C THR C 243 -35.23 -8.94 21.13
N LYS C 244 -35.19 -10.13 21.71
CA LYS C 244 -34.61 -10.33 23.04
C LYS C 244 -33.15 -9.86 23.08
N PHE C 245 -32.32 -10.35 22.16
CA PHE C 245 -30.90 -10.11 22.25
C PHE C 245 -30.48 -8.74 21.75
N MET C 246 -31.40 -7.97 21.17
CA MET C 246 -31.08 -6.59 20.80
C MET C 246 -31.25 -5.62 21.96
N THR C 247 -32.01 -6.00 22.99
CA THR C 247 -32.25 -5.09 24.12
C THR C 247 -31.04 -4.99 25.04
N SER C 248 -30.41 -6.12 25.35
CA SER C 248 -29.29 -6.13 26.28
C SER C 248 -28.00 -5.72 25.57
N PRO C 249 -27.29 -4.71 26.07
CA PRO C 249 -26.04 -4.30 25.40
C PRO C 249 -24.96 -5.36 25.42
N ASP C 250 -25.04 -6.32 26.33
CA ASP C 250 -24.04 -7.40 26.35
C ASP C 250 -24.11 -8.24 25.08
N THR C 251 -25.31 -8.51 24.59
CA THR C 251 -25.51 -9.34 23.41
C THR C 251 -25.77 -8.55 22.14
N ARG C 252 -25.89 -7.22 22.24
CA ARG C 252 -26.31 -6.42 21.10
C ARG C 252 -25.29 -6.48 19.96
N ALA C 253 -24.01 -6.33 20.29
CA ALA C 253 -22.98 -6.25 19.26
C ALA C 253 -22.92 -7.54 18.45
N ILE C 254 -22.90 -8.69 19.13
CA ILE C 254 -22.81 -9.96 18.43
C ILE C 254 -24.12 -10.26 17.68
N THR C 255 -25.25 -9.88 18.26
CA THR C 255 -26.53 -10.14 17.60
C THR C 255 -26.65 -9.34 16.30
N LEU C 256 -26.22 -8.08 16.32
CA LEU C 256 -26.21 -7.27 15.10
C LEU C 256 -25.34 -7.89 14.03
N LYS C 257 -24.20 -8.45 14.41
CA LYS C 257 -23.33 -9.12 13.43
C LYS C 257 -23.96 -10.40 12.90
N CYS C 258 -24.69 -11.14 13.75
CA CYS C 258 -25.40 -12.31 13.28
C CYS C 258 -26.49 -11.93 12.28
N LEU C 259 -27.25 -10.89 12.57
CA LEU C 259 -28.31 -10.46 11.66
C LEU C 259 -27.72 -9.89 10.37
N THR C 260 -26.54 -9.29 10.44
CA THR C 260 -25.86 -8.85 9.22
C THR C 260 -25.52 -10.05 8.34
N GLU C 261 -25.04 -11.15 8.94
CA GLU C 261 -24.79 -12.35 8.16
C GLU C 261 -26.08 -12.98 7.66
N VAL C 262 -27.16 -12.90 8.45
CA VAL C 262 -28.45 -13.41 7.98
C VAL C 262 -28.89 -12.68 6.72
N SER C 263 -28.59 -11.37 6.65
CA SER C 263 -28.95 -10.56 5.48
C SER C 263 -28.13 -10.95 4.26
N ASN C 264 -27.39 -12.06 4.35
CA ASN C 264 -26.58 -12.55 3.25
C ASN C 264 -26.78 -14.03 2.96
N LEU C 265 -27.69 -14.71 3.66
CA LEU C 265 -27.82 -16.14 3.53
C LEU C 265 -28.38 -16.53 2.16
N LYS C 266 -28.20 -17.80 1.80
CA LYS C 266 -28.76 -18.36 0.58
C LYS C 266 -30.18 -18.81 0.88
N ILE C 267 -31.15 -18.08 0.34
CA ILE C 267 -32.57 -18.36 0.61
C ILE C 267 -33.30 -18.48 -0.72
N PRO C 268 -34.52 -19.02 -0.70
CA PRO C 268 -35.35 -19.02 -1.91
C PRO C 268 -36.08 -17.69 -2.06
N GLN C 269 -35.99 -17.10 -3.25
CA GLN C 269 -36.63 -15.83 -3.55
C GLN C 269 -38.06 -16.01 -4.04
N ASP C 270 -38.64 -17.20 -3.86
CA ASP C 270 -40.00 -17.49 -4.27
C ASP C 270 -40.99 -17.51 -3.10
N ASN C 271 -40.53 -17.85 -1.90
CA ASN C 271 -41.42 -18.05 -0.77
C ASN C 271 -41.89 -16.71 -0.21
N ASP C 272 -43.19 -16.62 0.04
CA ASP C 272 -43.77 -15.39 0.55
C ASP C 272 -43.62 -15.25 2.06
N LEU C 273 -43.37 -16.34 2.79
CA LEU C 273 -43.15 -16.20 4.22
C LEU C 273 -41.68 -15.90 4.52
N ILE C 274 -40.75 -16.53 3.79
CA ILE C 274 -39.35 -16.16 3.97
C ILE C 274 -39.15 -14.67 3.69
N LYS C 275 -39.89 -14.14 2.71
CA LYS C 275 -39.93 -12.69 2.53
C LYS C 275 -40.52 -12.00 3.75
N ARG C 276 -41.58 -12.56 4.33
CA ARG C 276 -42.18 -11.97 5.52
C ARG C 276 -41.26 -12.09 6.73
N GLN C 277 -40.51 -13.19 6.84
CA GLN C 277 -39.56 -13.31 7.94
C GLN C 277 -38.37 -12.39 7.74
N THR C 278 -37.98 -12.13 6.49
CA THR C 278 -36.92 -11.16 6.23
C THR C 278 -37.38 -9.74 6.56
N VAL C 279 -38.65 -9.44 6.30
CA VAL C 279 -39.20 -8.15 6.71
C VAL C 279 -39.30 -8.08 8.22
N LEU C 280 -39.69 -9.18 8.87
CA LEU C 280 -40.05 -9.17 10.29
C LEU C 280 -38.85 -8.88 11.18
N PHE C 281 -37.72 -9.55 10.94
CA PHE C 281 -36.58 -9.35 11.83
C PHE C 281 -35.97 -7.96 11.63
N PHE C 282 -36.09 -7.39 10.44
CA PHE C 282 -35.62 -6.03 10.21
C PHE C 282 -36.50 -5.04 10.97
N GLN C 283 -37.81 -5.23 10.91
CA GLN C 283 -38.73 -4.37 11.66
C GLN C 283 -38.46 -4.44 13.15
N ASN C 284 -38.28 -5.66 13.69
CA ASN C 284 -38.00 -5.81 15.11
C ASN C 284 -36.68 -5.16 15.50
N THR C 285 -35.65 -5.35 14.67
CA THR C 285 -34.33 -4.78 14.98
C THR C 285 -34.38 -3.26 15.04
N LEU C 286 -35.04 -2.65 14.06
CA LEU C 286 -35.13 -1.18 14.03
C LEU C 286 -35.97 -0.65 15.18
N GLN C 287 -36.96 -1.42 15.61
CA GLN C 287 -37.77 -1.03 16.76
C GLN C 287 -36.93 -1.02 18.04
N GLN C 288 -36.19 -2.11 18.28
CA GLN C 288 -35.33 -2.18 19.45
C GLN C 288 -34.29 -1.07 19.46
N ILE C 289 -33.80 -0.67 18.28
CA ILE C 289 -32.80 0.39 18.23
C ILE C 289 -33.43 1.73 18.60
N ALA C 290 -34.67 1.98 18.15
CA ALA C 290 -35.32 3.25 18.41
C ALA C 290 -35.71 3.40 19.89
N THR C 291 -36.04 2.29 20.57
CA THR C 291 -36.49 2.38 21.95
C THR C 291 -35.40 2.09 22.98
N SER C 292 -34.39 1.29 22.63
CA SER C 292 -33.35 0.92 23.59
C SER C 292 -32.01 1.59 23.37
N VAL C 293 -31.77 2.20 22.20
CA VAL C 293 -30.43 2.74 21.95
C VAL C 293 -30.49 4.24 21.67
N MET C 294 -31.14 4.64 20.58
CA MET C 294 -31.31 6.06 20.29
C MET C 294 -32.37 6.23 19.23
N PRO C 295 -33.14 7.31 19.26
CA PRO C 295 -34.15 7.54 18.23
C PRO C 295 -33.53 8.04 16.93
N VAL C 296 -34.36 8.04 15.88
CA VAL C 296 -33.90 8.35 14.54
C VAL C 296 -33.40 9.78 14.41
N THR C 297 -33.88 10.69 15.27
CA THR C 297 -33.42 12.06 15.24
C THR C 297 -32.10 12.29 15.96
N ALA C 298 -31.51 11.26 16.56
CA ALA C 298 -30.30 11.46 17.35
C ALA C 298 -29.14 11.91 16.49
N ASP C 299 -28.25 12.70 17.09
CA ASP C 299 -27.06 13.25 16.43
C ASP C 299 -25.95 12.21 16.54
N LEU C 300 -25.92 11.29 15.58
CA LEU C 300 -24.92 10.23 15.61
C LEU C 300 -23.51 10.78 15.43
N LYS C 301 -23.36 11.91 14.74
CA LYS C 301 -22.05 12.53 14.58
C LYS C 301 -21.45 12.90 15.92
N ALA C 302 -22.23 13.53 16.80
CA ALA C 302 -21.75 13.88 18.13
C ALA C 302 -21.52 12.64 18.98
N THR C 303 -22.44 11.68 18.94
CA THR C 303 -22.27 10.43 19.67
C THR C 303 -20.96 9.75 19.30
N TYR C 304 -20.68 9.63 17.99
CA TYR C 304 -19.46 8.98 17.54
C TYR C 304 -18.22 9.73 18.00
N ALA C 305 -18.28 11.07 17.98
CA ALA C 305 -17.12 11.87 18.37
C ALA C 305 -16.85 11.81 19.87
N ASN C 306 -17.90 11.62 20.68
CA ASN C 306 -17.70 11.49 22.13
C ASN C 306 -17.00 10.19 22.49
N ALA C 307 -17.22 9.14 21.71
CA ALA C 307 -16.48 7.87 21.84
C ALA C 307 -16.70 7.20 23.20
N ASN C 308 -17.94 7.24 23.70
CA ASN C 308 -18.25 6.58 24.96
C ASN C 308 -18.43 5.09 24.76
N GLY C 309 -17.86 4.31 25.67
CA GLY C 309 -18.04 2.87 25.64
C GLY C 309 -17.72 2.28 24.27
N ASN C 310 -18.64 1.46 23.77
CA ASN C 310 -18.52 0.82 22.47
C ASN C 310 -19.42 1.46 21.43
N ASP C 311 -19.70 2.77 21.58
CA ASP C 311 -20.63 3.43 20.68
C ASP C 311 -20.10 3.47 19.27
N GLN C 312 -18.80 3.70 19.09
CA GLN C 312 -18.23 3.75 17.75
C GLN C 312 -18.39 2.41 17.04
N SER C 313 -18.03 1.31 17.71
CA SER C 313 -18.19 0.00 17.10
C SER C 313 -19.66 -0.32 16.85
N PHE C 314 -20.56 0.14 17.72
CA PHE C 314 -21.97 -0.12 17.49
C PHE C 314 -22.48 0.63 16.26
N LEU C 315 -22.09 1.90 16.11
CA LEU C 315 -22.54 2.67 14.95
C LEU C 315 -21.92 2.11 13.66
N GLN C 316 -20.68 1.64 13.73
CA GLN C 316 -20.08 0.94 12.59
C GLN C 316 -20.85 -0.32 12.24
N ASP C 317 -21.25 -1.09 13.25
CA ASP C 317 -21.98 -2.31 12.99
C ASP C 317 -23.40 -2.03 12.52
N LEU C 318 -24.00 -0.93 12.99
CA LEU C 318 -25.32 -0.55 12.51
C LEU C 318 -25.26 -0.16 11.04
N ALA C 319 -24.25 0.63 10.65
CA ALA C 319 -24.07 0.99 9.24
C ALA C 319 -23.87 -0.25 8.39
N MET C 320 -23.06 -1.20 8.85
CA MET C 320 -22.88 -2.44 8.11
C MET C 320 -24.19 -3.21 7.99
N PHE C 321 -24.94 -3.29 9.09
CA PHE C 321 -26.22 -4.02 9.07
C PHE C 321 -27.20 -3.38 8.09
N LEU C 322 -27.41 -2.07 8.21
CA LEU C 322 -28.41 -1.41 7.37
C LEU C 322 -28.03 -1.47 5.90
N THR C 323 -26.78 -1.11 5.56
CA THR C 323 -26.37 -1.14 4.16
C THR C 323 -26.47 -2.55 3.59
N THR C 324 -26.07 -3.56 4.36
CA THR C 324 -26.12 -4.94 3.88
C THR C 324 -27.56 -5.39 3.62
N TYR C 325 -28.47 -5.12 4.57
CA TYR C 325 -29.85 -5.56 4.41
C TYR C 325 -30.54 -4.78 3.29
N LEU C 326 -30.37 -3.46 3.27
CA LEU C 326 -31.11 -2.65 2.31
C LEU C 326 -30.61 -2.85 0.89
N ALA C 327 -29.31 -3.14 0.72
CA ALA C 327 -28.81 -3.41 -0.62
C ALA C 327 -29.40 -4.68 -1.21
N ARG C 328 -29.81 -5.63 -0.36
N ARG C 328 -29.83 -5.62 -0.35
CA ARG C 328 -30.36 -6.90 -0.84
CA ARG C 328 -30.33 -6.91 -0.78
C ARG C 328 -31.89 -6.94 -0.80
C ARG C 328 -31.85 -7.04 -0.72
N ASN C 329 -32.52 -6.32 0.19
CA ASN C 329 -33.93 -6.55 0.46
C ASN C 329 -34.80 -5.30 0.48
N ARG C 330 -34.30 -4.15 0.06
CA ARG C 330 -35.14 -2.94 0.18
C ARG C 330 -36.37 -3.00 -0.72
N ALA C 331 -36.35 -3.80 -1.78
CA ALA C 331 -37.55 -3.97 -2.60
C ALA C 331 -38.69 -4.61 -1.83
N LEU C 332 -38.38 -5.40 -0.79
CA LEU C 332 -39.44 -5.98 0.05
C LEU C 332 -40.22 -4.93 0.81
N LEU C 333 -39.67 -3.73 0.98
CA LEU C 333 -40.30 -2.68 1.76
C LEU C 333 -40.87 -1.53 0.93
N GLU C 334 -40.67 -1.54 -0.38
CA GLU C 334 -40.99 -0.38 -1.21
C GLU C 334 -42.42 -0.40 -1.75
N SER C 335 -43.05 -1.56 -1.83
CA SER C 335 -44.41 -1.65 -2.39
C SER C 335 -45.48 -1.56 -1.31
N ASP C 336 -45.35 -2.36 -0.25
CA ASP C 336 -46.34 -2.35 0.83
C ASP C 336 -46.36 -0.99 1.52
N GLU C 337 -47.55 -0.39 1.61
CA GLU C 337 -47.68 0.92 2.24
C GLU C 337 -47.46 0.86 3.73
N SER C 338 -47.70 -0.29 4.35
CA SER C 338 -47.46 -0.43 5.79
C SER C 338 -45.98 -0.50 6.14
N LEU C 339 -45.10 -0.71 5.15
CA LEU C 339 -43.67 -0.80 5.40
C LEU C 339 -42.93 0.47 4.99
N ARG C 340 -43.65 1.53 4.60
CA ARG C 340 -43.00 2.73 4.11
C ARG C 340 -42.23 3.44 5.22
N GLU C 341 -42.84 3.59 6.39
CA GLU C 341 -42.15 4.24 7.50
C GLU C 341 -40.95 3.43 7.95
N LEU C 342 -41.04 2.10 7.89
CA LEU C 342 -39.90 1.28 8.24
C LEU C 342 -38.76 1.45 7.23
N LEU C 343 -39.11 1.64 5.96
CA LEU C 343 -38.09 1.83 4.93
C LEU C 343 -37.38 3.16 5.11
N LEU C 344 -38.11 4.23 5.44
CA LEU C 344 -37.57 5.57 5.50
C LEU C 344 -36.83 5.87 6.80
N ASN C 345 -37.29 5.34 7.94
CA ASN C 345 -36.53 5.48 9.17
C ASN C 345 -35.16 4.82 9.03
N ALA C 346 -35.12 3.63 8.42
CA ALA C 346 -33.86 2.93 8.23
C ALA C 346 -32.90 3.76 7.37
N HIS C 347 -33.40 4.35 6.29
CA HIS C 347 -32.57 5.23 5.48
C HIS C 347 -32.22 6.51 6.21
N GLN C 348 -33.10 6.97 7.10
CA GLN C 348 -32.81 8.16 7.89
C GLN C 348 -31.72 7.88 8.92
N TYR C 349 -31.64 6.65 9.44
CA TYR C 349 -30.49 6.29 10.27
C TYR C 349 -29.20 6.35 9.46
N LEU C 350 -29.23 5.86 8.22
CA LEU C 350 -28.06 5.96 7.35
C LEU C 350 -27.69 7.41 7.07
N ILE C 351 -28.70 8.27 6.83
CA ILE C 351 -28.43 9.70 6.66
C ILE C 351 -27.66 10.24 7.86
N GLN C 352 -28.16 9.96 9.07
CA GLN C 352 -27.48 10.40 10.28
C GLN C 352 -26.10 9.77 10.39
N LEU C 353 -25.98 8.48 10.07
CA LEU C 353 -24.69 7.81 10.09
C LEU C 353 -23.71 8.44 9.11
N SER C 354 -24.20 8.93 7.97
CA SER C 354 -23.35 9.52 6.93
C SER C 354 -22.76 10.87 7.34
N LYS C 355 -23.21 11.45 8.43
CA LYS C 355 -22.66 12.72 8.90
C LYS C 355 -21.50 12.53 9.86
N ILE C 356 -21.21 11.29 10.24
CA ILE C 356 -20.11 11.02 11.16
C ILE C 356 -18.79 11.36 10.50
N GLU C 357 -17.91 12.02 11.26
CA GLU C 357 -16.56 12.32 10.79
C GLU C 357 -15.74 11.06 11.01
N GLU C 358 -15.75 10.17 10.02
CA GLU C 358 -14.93 8.96 10.07
C GLU C 358 -14.77 8.48 8.62
N ARG C 359 -13.60 8.73 8.05
CA ARG C 359 -13.33 8.46 6.65
C ARG C 359 -13.84 7.09 6.22
N GLU C 360 -13.38 6.03 6.90
CA GLU C 360 -13.69 4.68 6.47
C GLU C 360 -15.17 4.36 6.61
N LEU C 361 -15.82 4.88 7.67
CA LEU C 361 -17.25 4.66 7.82
C LEU C 361 -18.03 5.38 6.72
N PHE C 362 -17.63 6.61 6.39
CA PHE C 362 -18.27 7.34 5.31
C PHE C 362 -18.20 6.57 3.99
N LYS C 363 -17.06 5.95 3.70
CA LYS C 363 -16.96 5.18 2.46
C LYS C 363 -17.93 4.01 2.46
N THR C 364 -18.14 3.40 3.63
CA THR C 364 -19.08 2.28 3.73
C THR C 364 -20.49 2.74 3.39
N THR C 365 -20.93 3.87 3.96
CA THR C 365 -22.27 4.36 3.65
C THR C 365 -22.34 4.90 2.23
N LEU C 366 -21.27 5.55 1.76
CA LEU C 366 -21.24 6.10 0.41
C LEU C 366 -21.42 4.99 -0.62
N ASP C 367 -20.84 3.81 -0.37
CA ASP C 367 -21.05 2.68 -1.28
C ASP C 367 -22.51 2.31 -1.39
N TYR C 368 -23.24 2.38 -0.26
CA TYR C 368 -24.66 2.07 -0.32
C TYR C 368 -25.43 3.15 -1.06
N TRP C 369 -25.15 4.41 -0.77
CA TRP C 369 -25.82 5.50 -1.48
C TRP C 369 -25.63 5.36 -2.98
N HIS C 370 -24.40 5.07 -3.41
CA HIS C 370 -24.13 4.82 -4.83
C HIS C 370 -25.05 3.73 -5.36
N ASN C 371 -25.19 2.64 -4.61
CA ASN C 371 -26.10 1.57 -4.99
C ASN C 371 -27.54 2.08 -5.10
N LEU C 372 -27.96 2.93 -4.16
CA LEU C 372 -29.35 3.39 -4.15
C LEU C 372 -29.62 4.33 -5.31
N VAL C 373 -28.87 5.43 -5.40
CA VAL C 373 -29.20 6.46 -6.39
C VAL C 373 -29.04 5.94 -7.81
N ALA C 374 -28.16 4.96 -8.02
CA ALA C 374 -28.08 4.33 -9.32
C ALA C 374 -29.38 3.60 -9.66
N ASP C 375 -29.94 2.89 -8.68
CA ASP C 375 -31.20 2.18 -8.90
C ASP C 375 -32.35 3.16 -9.13
N LEU C 376 -32.38 4.27 -8.40
CA LEU C 376 -33.42 5.28 -8.62
C LEU C 376 -33.28 5.96 -9.97
N PHE C 377 -32.10 5.94 -10.56
CA PHE C 377 -31.86 6.51 -11.87
C PHE C 377 -32.38 5.63 -13.00
N TYR C 378 -32.36 4.30 -12.79
CA TYR C 378 -32.70 3.34 -13.83
C TYR C 378 -34.00 2.60 -13.60
N GLU C 379 -34.39 2.39 -12.33
CA GLU C 379 -35.54 1.53 -12.07
C GLU C 379 -36.83 2.34 -12.08
N PRO C 380 -37.84 1.92 -12.84
CA PRO C 380 -39.09 2.70 -12.93
C PRO C 380 -39.80 2.77 -11.59
N LEU C 381 -40.45 3.92 -11.36
CA LEU C 381 -41.38 4.11 -10.24
C LEU C 381 -40.70 3.88 -8.90
N LYS C 382 -39.53 4.50 -8.72
CA LYS C 382 -38.80 4.29 -7.47
C LYS C 382 -38.32 5.59 -6.83
N LYS C 383 -37.89 6.56 -7.64
CA LYS C 383 -37.23 7.74 -7.07
C LYS C 383 -38.18 8.57 -6.19
N HIS C 384 -39.49 8.54 -6.46
CA HIS C 384 -40.42 9.34 -5.68
C HIS C 384 -40.51 8.88 -4.23
N ILE C 385 -40.15 7.63 -3.94
CA ILE C 385 -40.17 7.14 -2.56
C ILE C 385 -39.15 7.88 -1.71
N TYR C 386 -37.99 8.20 -2.29
CA TYR C 386 -36.81 8.62 -1.52
C TYR C 386 -36.51 10.11 -1.67
N GLU C 387 -37.49 10.92 -2.06
CA GLU C 387 -37.21 12.31 -2.38
C GLU C 387 -36.67 13.08 -1.18
N GLU C 388 -37.21 12.81 0.01
CA GLU C 388 -36.70 13.49 1.20
C GLU C 388 -35.36 12.92 1.63
N ILE C 389 -35.15 11.62 1.46
CA ILE C 389 -33.83 11.03 1.71
C ILE C 389 -32.80 11.64 0.77
N CYS C 390 -33.11 11.66 -0.53
CA CYS C 390 -32.16 12.16 -1.52
C CYS C 390 -31.86 13.64 -1.32
N SER C 391 -32.86 14.42 -0.89
CA SER C 391 -32.62 15.85 -0.63
C SER C 391 -31.63 16.05 0.51
N GLN C 392 -31.74 15.26 1.57
CA GLN C 392 -30.76 15.32 2.64
C GLN C 392 -29.39 14.84 2.17
N LEU C 393 -29.37 13.79 1.34
CA LEU C 393 -28.10 13.23 0.88
C LEU C 393 -27.31 14.25 0.07
N ARG C 394 -27.99 15.03 -0.78
CA ARG C 394 -27.32 16.08 -1.54
C ARG C 394 -26.51 16.98 -0.63
N LEU C 395 -27.11 17.41 0.49
CA LEU C 395 -26.40 18.31 1.39
C LEU C 395 -25.22 17.59 2.06
N VAL C 396 -25.41 16.33 2.44
CA VAL C 396 -24.33 15.60 3.11
C VAL C 396 -23.12 15.48 2.21
N ILE C 397 -23.33 15.19 0.94
CA ILE C 397 -22.21 14.95 0.03
C ILE C 397 -21.55 16.26 -0.36
N ILE C 398 -22.34 17.31 -0.59
CA ILE C 398 -21.78 18.61 -0.91
C ILE C 398 -20.89 19.10 0.22
N GLU C 399 -21.29 18.86 1.47
CA GLU C 399 -20.54 19.31 2.63
C GLU C 399 -19.34 18.42 2.98
N ASN C 400 -19.27 17.21 2.44
CA ASN C 400 -18.16 16.30 2.69
C ASN C 400 -17.32 16.04 1.44
N MET C 401 -17.38 16.94 0.46
CA MET C 401 -16.64 16.75 -0.79
C MET C 401 -15.15 16.87 -0.55
N VAL C 402 -14.40 15.87 -1.00
CA VAL C 402 -12.96 15.84 -0.80
C VAL C 402 -12.26 16.37 -2.04
N ARG C 403 -10.96 16.66 -1.90
CA ARG C 403 -10.19 17.27 -2.98
C ARG C 403 -10.13 16.33 -4.19
N PRO C 404 -10.45 16.82 -5.39
CA PRO C 404 -10.47 16.07 -6.65
C PRO C 404 -9.08 15.86 -7.27
N THR C 427 -8.58 12.01 -1.58
CA THR C 427 -8.26 10.70 -2.14
C THR C 427 -8.80 10.60 -3.58
N ILE C 428 -7.99 10.00 -4.45
CA ILE C 428 -8.38 9.83 -5.86
C ILE C 428 -9.70 9.08 -5.96
N GLN C 429 -9.82 7.95 -5.27
CA GLN C 429 -10.98 7.09 -5.43
C GLN C 429 -12.20 7.68 -4.75
N LEU C 430 -12.02 8.31 -3.58
CA LEU C 430 -13.16 8.81 -2.82
C LEU C 430 -13.86 9.94 -3.55
N TYR C 431 -13.10 10.81 -4.24
CA TYR C 431 -13.72 11.89 -4.98
C TYR C 431 -14.56 11.36 -6.13
N LYS C 432 -14.05 10.36 -6.84
CA LYS C 432 -14.80 9.79 -7.95
C LYS C 432 -16.12 9.20 -7.48
N SER C 433 -16.11 8.55 -6.31
CA SER C 433 -17.34 7.99 -5.76
C SER C 433 -18.32 9.10 -5.40
N GLU C 434 -17.83 10.17 -4.76
CA GLU C 434 -18.70 11.27 -4.39
C GLU C 434 -19.26 11.96 -5.63
N ARG C 435 -18.43 12.14 -6.67
CA ARG C 435 -18.90 12.79 -7.88
C ARG C 435 -20.02 11.97 -8.53
N GLU C 436 -19.84 10.65 -8.61
CA GLU C 436 -20.82 9.81 -9.28
C GLU C 436 -22.15 9.80 -8.55
N VAL C 437 -22.11 9.74 -7.21
CA VAL C 437 -23.35 9.81 -6.44
C VAL C 437 -24.00 11.17 -6.62
N LEU C 438 -23.21 12.25 -6.53
CA LEU C 438 -23.75 13.59 -6.68
C LEU C 438 -24.32 13.82 -8.08
N VAL C 439 -23.71 13.21 -9.10
CA VAL C 439 -24.22 13.37 -10.46
C VAL C 439 -25.55 12.64 -10.63
N TYR C 440 -25.64 11.42 -10.11
CA TYR C 440 -26.92 10.72 -10.05
C TYR C 440 -27.98 11.57 -9.34
N LEU C 441 -27.62 12.17 -8.20
CA LEU C 441 -28.57 12.95 -7.43
C LEU C 441 -28.99 14.21 -8.18
N THR C 442 -28.12 14.74 -9.04
CA THR C 442 -28.47 15.94 -9.80
C THR C 442 -29.49 15.62 -10.91
N HIS C 443 -29.29 14.49 -11.61
CA HIS C 443 -30.26 13.97 -12.58
C HIS C 443 -31.64 13.79 -11.92
N LEU C 444 -31.67 13.31 -10.67
CA LEU C 444 -32.93 12.99 -10.01
C LEU C 444 -33.71 14.24 -9.64
N ASN C 445 -33.03 15.34 -9.34
CA ASN C 445 -33.71 16.60 -9.07
C ASN C 445 -32.69 17.73 -9.25
N VAL C 446 -32.59 18.21 -10.50
CA VAL C 446 -31.70 19.32 -10.80
C VAL C 446 -32.03 20.53 -9.93
N ILE C 447 -33.32 20.84 -9.82
CA ILE C 447 -33.73 22.08 -9.16
C ILE C 447 -33.29 22.07 -7.70
N ASP C 448 -33.50 20.94 -7.01
CA ASP C 448 -33.09 20.86 -5.60
C ASP C 448 -31.58 21.01 -5.47
N THR C 449 -30.81 20.44 -6.40
CA THR C 449 -29.35 20.55 -6.30
C THR C 449 -28.90 22.00 -6.46
N GLU C 450 -29.52 22.72 -7.40
CA GLU C 450 -29.14 24.11 -7.64
C GLU C 450 -29.35 24.96 -6.40
N GLU C 451 -30.54 24.88 -5.79
CA GLU C 451 -30.85 25.76 -4.67
C GLU C 451 -29.94 25.48 -3.48
N ILE C 452 -29.63 24.21 -3.23
CA ILE C 452 -28.72 23.88 -2.14
C ILE C 452 -27.36 24.53 -2.36
N MET C 453 -26.83 24.46 -3.58
CA MET C 453 -25.50 25.00 -3.84
C MET C 453 -25.49 26.52 -3.79
N ILE C 454 -26.56 27.16 -4.29
CA ILE C 454 -26.64 28.62 -4.22
C ILE C 454 -26.85 29.07 -2.78
N SER C 455 -27.65 28.31 -2.01
CA SER C 455 -27.80 28.61 -0.59
C SER C 455 -26.47 28.53 0.13
N LYS C 456 -25.72 27.44 -0.09
CA LYS C 456 -24.41 27.31 0.52
C LYS C 456 -23.49 28.45 0.09
N LEU C 457 -23.63 28.89 -1.16
CA LEU C 457 -22.84 30.03 -1.64
C LEU C 457 -23.27 31.33 -0.94
N ALA C 458 -24.59 31.51 -0.75
CA ALA C 458 -25.05 32.68 -0.01
C ALA C 458 -24.53 32.68 1.42
N ARG C 459 -24.46 31.50 2.04
CA ARG C 459 -23.92 31.41 3.39
C ARG C 459 -22.41 31.60 3.43
N GLN C 460 -21.72 31.44 2.29
CA GLN C 460 -20.32 31.86 2.23
C GLN C 460 -20.19 33.36 2.09
N ILE C 461 -21.18 34.02 1.48
CA ILE C 461 -21.10 35.46 1.26
C ILE C 461 -21.43 36.22 2.54
N ASP C 462 -22.46 35.81 3.28
CA ASP C 462 -22.81 36.52 4.51
C ASP C 462 -21.84 36.21 5.65
N GLY C 463 -20.96 35.21 5.49
CA GLY C 463 -19.94 34.92 6.47
C GLY C 463 -20.32 33.91 7.54
N SER C 464 -21.56 33.43 7.54
CA SER C 464 -21.99 32.49 8.59
C SER C 464 -21.25 31.16 8.48
N GLU C 465 -20.87 30.75 7.27
CA GLU C 465 -20.13 29.51 7.07
C GLU C 465 -18.82 29.74 6.32
N TRP C 466 -18.28 30.95 6.37
CA TRP C 466 -17.09 31.27 5.59
C TRP C 466 -15.86 30.58 6.16
N SER C 467 -15.12 29.91 5.29
CA SER C 467 -13.90 29.20 5.66
C SER C 467 -13.17 28.82 4.38
N TRP C 468 -11.84 28.84 4.44
CA TRP C 468 -11.05 28.35 3.31
C TRP C 468 -11.44 26.92 2.97
N HIS C 469 -11.53 26.06 3.98
CA HIS C 469 -11.94 24.67 3.75
C HIS C 469 -13.36 24.59 3.22
N ASN C 470 -14.25 25.48 3.68
CA ASN C 470 -15.65 25.40 3.27
C ASN C 470 -15.85 25.92 1.85
N ILE C 471 -15.14 26.99 1.47
CA ILE C 471 -15.30 27.52 0.12
C ILE C 471 -14.68 26.57 -0.91
N ASN C 472 -13.55 25.94 -0.56
CA ASN C 472 -12.95 24.96 -1.47
C ASN C 472 -13.84 23.74 -1.64
N THR C 473 -14.40 23.23 -0.53
CA THR C 473 -15.28 22.06 -0.61
C THR C 473 -16.49 22.34 -1.50
N LEU C 474 -17.11 23.51 -1.31
CA LEU C 474 -18.28 23.86 -2.11
C LEU C 474 -17.92 24.01 -3.58
N SER C 475 -16.75 24.58 -3.87
CA SER C 475 -16.33 24.73 -5.26
C SER C 475 -16.11 23.37 -5.92
N TRP C 476 -15.48 22.43 -5.20
CA TRP C 476 -15.32 21.09 -5.73
C TRP C 476 -16.68 20.43 -6.01
N ALA C 477 -17.64 20.62 -5.11
CA ALA C 477 -18.97 20.05 -5.31
C ALA C 477 -19.66 20.66 -6.53
N ILE C 478 -19.55 21.98 -6.68
CA ILE C 478 -20.16 22.66 -7.82
C ILE C 478 -19.51 22.19 -9.12
N GLY C 479 -18.18 22.03 -9.12
CA GLY C 479 -17.49 21.60 -10.32
C GLY C 479 -17.73 20.14 -10.67
N SER C 480 -18.19 19.33 -9.71
CA SER C 480 -18.32 17.90 -9.93
C SER C 480 -19.55 17.52 -10.74
N ILE C 481 -20.57 18.38 -10.79
CA ILE C 481 -21.82 18.04 -11.48
C ILE C 481 -21.84 18.58 -12.90
N SER C 482 -20.69 18.99 -13.44
CA SER C 482 -20.63 19.50 -14.81
C SER C 482 -21.11 18.45 -15.79
N GLY C 483 -22.01 18.85 -16.69
CA GLY C 483 -22.52 17.96 -17.71
C GLY C 483 -23.78 17.22 -17.36
N THR C 484 -24.40 17.51 -16.21
CA THR C 484 -25.64 16.88 -15.80
C THR C 484 -26.87 17.74 -16.07
N MET C 485 -26.70 19.05 -16.18
CA MET C 485 -27.79 19.96 -16.47
C MET C 485 -27.84 20.24 -17.97
N SER C 486 -29.00 20.70 -18.43
CA SER C 486 -29.10 21.17 -19.80
C SER C 486 -28.15 22.34 -20.00
N GLU C 487 -27.67 22.51 -21.23
CA GLU C 487 -26.69 23.56 -21.51
C GLU C 487 -27.23 24.93 -21.14
N ASP C 488 -28.52 25.15 -21.35
CA ASP C 488 -29.12 26.46 -21.03
C ASP C 488 -29.26 26.64 -19.53
N THR C 489 -29.70 25.60 -18.82
CA THR C 489 -29.76 25.69 -17.36
C THR C 489 -28.36 25.81 -16.76
N GLU C 490 -27.40 25.05 -17.32
CA GLU C 490 -26.01 25.16 -16.88
C GLU C 490 -25.48 26.58 -17.06
N LYS C 491 -25.86 27.23 -18.17
CA LYS C 491 -25.37 28.58 -18.44
C LYS C 491 -25.75 29.55 -17.32
N ARG C 492 -27.03 29.56 -16.94
CA ARG C 492 -27.48 30.47 -15.88
C ARG C 492 -26.88 30.08 -14.54
N PHE C 493 -26.68 28.79 -14.30
CA PHE C 493 -26.06 28.35 -13.05
C PHE C 493 -24.61 28.81 -12.96
N VAL C 494 -23.84 28.56 -14.02
CA VAL C 494 -22.42 28.95 -14.02
C VAL C 494 -22.29 30.45 -13.83
N VAL C 495 -23.08 31.23 -14.58
CA VAL C 495 -23.01 32.69 -14.46
C VAL C 495 -23.31 33.13 -13.04
N THR C 496 -24.38 32.58 -12.45
CA THR C 496 -24.70 32.92 -11.07
C THR C 496 -23.56 32.56 -10.12
N VAL C 497 -22.95 31.39 -10.31
CA VAL C 497 -21.88 30.96 -9.42
C VAL C 497 -20.64 31.85 -9.58
N ILE C 498 -20.20 32.05 -10.83
CA ILE C 498 -18.98 32.82 -11.06
C ILE C 498 -19.17 34.25 -10.57
N LYS C 499 -20.35 34.83 -10.80
CA LYS C 499 -20.62 36.19 -10.36
C LYS C 499 -20.59 36.30 -8.85
N ASP C 500 -21.20 35.35 -8.14
CA ASP C 500 -21.19 35.38 -6.69
C ASP C 500 -19.79 35.11 -6.13
N LEU C 501 -19.02 34.26 -6.81
CA LEU C 501 -17.64 34.02 -6.38
C LEU C 501 -16.78 35.27 -6.59
N LEU C 502 -17.00 35.98 -7.70
CA LEU C 502 -16.26 37.22 -7.93
C LEU C 502 -16.61 38.28 -6.90
N GLY C 503 -17.88 38.35 -6.49
CA GLY C 503 -18.26 39.26 -5.44
C GLY C 503 -17.65 38.89 -4.10
N LEU C 504 -17.58 37.58 -3.82
CA LEU C 504 -16.90 37.12 -2.62
C LEU C 504 -15.44 37.56 -2.61
N CYS C 505 -14.73 37.30 -3.72
CA CYS C 505 -13.32 37.70 -3.80
C CYS C 505 -13.16 39.21 -3.70
N GLU C 506 -14.05 39.97 -4.34
CA GLU C 506 -13.97 41.43 -4.27
C GLU C 506 -14.13 41.94 -2.85
N GLN C 507 -14.90 41.22 -2.02
CA GLN C 507 -15.23 41.69 -0.69
C GLN C 507 -14.23 41.28 0.38
N LYS C 508 -13.41 40.26 0.15
CA LYS C 508 -12.45 39.87 1.17
C LYS C 508 -11.18 40.70 1.09
N ARG C 509 -10.46 40.75 2.21
CA ARG C 509 -9.30 41.61 2.36
C ARG C 509 -8.05 40.76 2.55
N GLY C 510 -6.98 41.13 1.89
CA GLY C 510 -5.73 40.39 2.00
C GLY C 510 -5.53 39.43 0.84
N LYS C 511 -4.27 39.23 0.47
CA LYS C 511 -3.97 38.37 -0.67
C LYS C 511 -4.22 36.90 -0.34
N ASP C 512 -4.09 36.52 0.93
CA ASP C 512 -4.39 35.14 1.33
C ASP C 512 -5.83 34.78 1.00
N ASN C 513 -6.77 35.62 1.42
CA ASN C 513 -8.18 35.34 1.16
C ASN C 513 -8.50 35.45 -0.32
N LYS C 514 -7.96 36.47 -1.00
CA LYS C 514 -8.28 36.66 -2.41
C LYS C 514 -7.72 35.55 -3.29
N ALA C 515 -6.56 35.00 -2.92
CA ALA C 515 -5.98 33.92 -3.73
C ALA C 515 -6.81 32.65 -3.61
N VAL C 516 -7.36 32.38 -2.43
CA VAL C 516 -8.17 31.17 -2.25
C VAL C 516 -9.42 31.25 -3.11
N VAL C 517 -10.10 32.39 -3.10
CA VAL C 517 -11.34 32.53 -3.88
C VAL C 517 -11.03 32.57 -5.37
N ALA C 518 -10.00 33.30 -5.77
CA ALA C 518 -9.59 33.32 -7.18
C ALA C 518 -9.24 31.91 -7.67
N SER C 519 -8.59 31.11 -6.82
CA SER C 519 -8.31 29.73 -7.18
C SER C 519 -9.59 28.93 -7.39
N ASP C 520 -10.55 29.09 -6.48
CA ASP C 520 -11.83 28.40 -6.63
C ASP C 520 -12.56 28.85 -7.88
N ILE C 521 -12.46 30.14 -8.23
CA ILE C 521 -13.09 30.63 -9.44
C ILE C 521 -12.50 29.95 -10.66
N MET C 522 -11.17 29.81 -10.69
CA MET C 522 -10.55 29.14 -11.83
C MET C 522 -10.87 27.67 -11.87
N TYR C 523 -10.98 27.02 -10.69
CA TYR C 523 -11.32 25.61 -10.70
C TYR C 523 -12.71 25.38 -11.28
N VAL C 524 -13.68 26.20 -10.88
CA VAL C 524 -15.05 26.02 -11.36
C VAL C 524 -15.11 26.21 -12.87
N VAL C 525 -14.52 27.32 -13.38
CA VAL C 525 -14.58 27.56 -14.82
C VAL C 525 -13.85 26.46 -15.57
N GLY C 526 -12.77 25.92 -15.00
CA GLY C 526 -12.09 24.81 -15.63
C GLY C 526 -12.94 23.57 -15.73
N GLN C 527 -13.93 23.42 -14.87
CA GLN C 527 -14.76 22.23 -14.86
C GLN C 527 -15.93 22.30 -15.85
N TYR C 528 -16.18 23.45 -16.47
CA TYR C 528 -17.32 23.65 -17.37
C TYR C 528 -16.83 24.03 -18.77
N PRO C 529 -16.23 23.09 -19.50
CA PRO C 529 -15.76 23.43 -20.85
C PRO C 529 -16.89 23.66 -21.85
N ARG C 530 -18.06 23.06 -21.66
CA ARG C 530 -19.18 23.33 -22.54
C ARG C 530 -19.57 24.81 -22.48
N PHE C 531 -19.52 25.39 -21.28
CA PHE C 531 -19.79 26.81 -21.14
C PHE C 531 -18.71 27.66 -21.81
N LEU C 532 -17.44 27.30 -21.58
CA LEU C 532 -16.35 28.08 -22.17
C LEU C 532 -16.38 28.02 -23.69
N LYS C 533 -16.74 26.86 -24.26
CA LYS C 533 -16.71 26.69 -25.71
C LYS C 533 -17.81 27.49 -26.41
N ALA C 534 -18.88 27.84 -25.72
CA ALA C 534 -19.99 28.57 -26.32
C ALA C 534 -19.87 30.08 -26.17
N HIS C 535 -18.83 30.58 -25.46
CA HIS C 535 -18.68 32.01 -25.15
C HIS C 535 -17.20 32.37 -25.26
N TRP C 536 -16.75 32.64 -26.50
CA TRP C 536 -15.32 32.81 -26.75
C TRP C 536 -14.76 34.02 -26.02
N ASN C 537 -15.50 35.14 -26.01
CA ASN C 537 -15.00 36.33 -25.35
C ASN C 537 -14.78 36.09 -23.87
N PHE C 538 -15.63 35.28 -23.24
CA PHE C 538 -15.39 34.90 -21.85
C PHE C 538 -14.20 33.97 -21.74
N LEU C 539 -14.13 32.95 -22.61
CA LEU C 539 -12.99 32.03 -22.60
C LEU C 539 -11.68 32.77 -22.75
N ARG C 540 -11.61 33.72 -23.69
CA ARG C 540 -10.40 34.50 -23.88
C ARG C 540 -10.06 35.28 -22.61
N THR C 541 -11.06 35.92 -22.01
CA THR C 541 -10.86 36.64 -20.75
C THR C 541 -10.29 35.73 -19.67
N VAL C 542 -10.79 34.50 -19.58
CA VAL C 542 -10.28 33.53 -18.62
C VAL C 542 -8.78 33.29 -18.86
N ILE C 543 -8.43 32.99 -20.11
CA ILE C 543 -7.03 32.67 -20.44
C ILE C 543 -6.13 33.87 -20.15
N LEU C 544 -6.55 35.06 -20.59
CA LEU C 544 -5.79 36.27 -20.31
C LEU C 544 -5.62 36.49 -18.81
N LYS C 545 -6.63 36.10 -18.03
CA LYS C 545 -6.51 36.22 -16.58
C LYS C 545 -5.48 35.24 -16.03
N LEU C 546 -5.48 34.00 -16.55
CA LEU C 546 -4.48 33.02 -16.12
C LEU C 546 -3.07 33.50 -16.44
N PHE C 547 -2.91 34.17 -17.59
CA PHE C 547 -1.60 34.73 -17.94
C PHE C 547 -1.18 35.82 -16.95
N GLU C 548 -2.14 36.60 -16.44
CA GLU C 548 -1.80 37.56 -15.40
C GLU C 548 -1.35 36.86 -14.13
N PHE C 549 -2.05 35.80 -13.73
CA PHE C 549 -1.71 35.07 -12.53
C PHE C 549 -0.36 34.38 -12.62
N MET C 550 0.15 34.17 -13.84
CA MET C 550 1.47 33.56 -14.00
C MET C 550 2.61 34.49 -13.58
N HIS C 551 2.31 35.73 -13.23
CA HIS C 551 3.30 36.64 -12.66
C HIS C 551 3.11 36.86 -11.16
N GLU C 552 2.15 36.16 -10.54
CA GLU C 552 1.86 36.38 -9.13
C GLU C 552 2.89 35.66 -8.26
N THR C 553 3.50 36.40 -7.33
CA THR C 553 4.50 35.84 -6.43
C THR C 553 3.89 34.98 -5.33
N HIS C 554 2.60 35.17 -5.02
CA HIS C 554 1.97 34.42 -3.95
C HIS C 554 2.03 32.92 -4.25
N GLU C 555 2.39 32.15 -3.24
CA GLU C 555 2.62 30.73 -3.45
C GLU C 555 1.35 30.02 -3.90
N GLY C 556 1.50 29.08 -4.82
CA GLY C 556 0.42 28.28 -5.33
C GLY C 556 -0.31 28.87 -6.52
N VAL C 557 -0.28 30.20 -6.67
CA VAL C 557 -1.05 30.85 -7.73
C VAL C 557 -0.50 30.48 -9.10
N GLN C 558 0.83 30.58 -9.27
CA GLN C 558 1.43 30.24 -10.55
C GLN C 558 1.17 28.78 -10.92
N ASP C 559 1.25 27.88 -9.93
CA ASP C 559 0.94 26.48 -10.18
C ASP C 559 -0.52 26.30 -10.58
N MET C 560 -1.43 27.05 -9.93
CA MET C 560 -2.84 26.95 -10.26
C MET C 560 -3.13 27.48 -11.65
N ALA C 561 -2.57 28.64 -11.99
CA ALA C 561 -2.75 29.22 -13.31
C ALA C 561 -2.30 28.26 -14.41
N CYS C 562 -1.15 27.60 -14.21
CA CYS C 562 -0.65 26.67 -15.22
C CYS C 562 -1.52 25.42 -15.30
N ASP C 563 -1.95 24.88 -14.16
CA ASP C 563 -2.78 23.68 -14.18
C ASP C 563 -4.14 23.95 -14.83
N THR C 564 -4.72 25.13 -14.55
CA THR C 564 -5.99 25.47 -15.17
C THR C 564 -5.82 25.69 -16.67
N PHE C 565 -4.71 26.31 -17.07
CA PHE C 565 -4.47 26.58 -18.48
C PHE C 565 -4.47 25.29 -19.30
N ILE C 566 -3.68 24.30 -18.88
CA ILE C 566 -3.60 23.07 -19.67
C ILE C 566 -4.89 22.26 -19.55
N LYS C 567 -5.56 22.34 -18.39
CA LYS C 567 -6.84 21.66 -18.24
C LYS C 567 -7.88 22.23 -19.21
N ILE C 568 -7.98 23.55 -19.28
CA ILE C 568 -8.94 24.18 -20.19
C ILE C 568 -8.56 23.89 -21.64
N VAL C 569 -7.25 23.90 -21.94
CA VAL C 569 -6.79 23.67 -23.31
C VAL C 569 -7.16 22.25 -23.75
N GLN C 570 -6.98 21.27 -22.86
CA GLN C 570 -7.29 19.88 -23.21
C GLN C 570 -8.73 19.72 -23.67
N LYS C 571 -9.64 20.54 -23.15
CA LYS C 571 -11.06 20.40 -23.46
C LYS C 571 -11.56 21.37 -24.52
N CYS C 572 -10.91 22.52 -24.71
CA CYS C 572 -11.39 23.52 -25.65
C CYS C 572 -10.38 23.82 -26.75
N LYS C 573 -9.46 22.89 -27.03
CA LYS C 573 -8.34 23.15 -27.93
C LYS C 573 -8.80 23.66 -29.30
N TYR C 574 -9.92 23.12 -29.80
CA TYR C 574 -10.41 23.52 -31.10
C TYR C 574 -10.66 25.02 -31.19
N HIS C 575 -11.04 25.64 -30.08
CA HIS C 575 -11.33 27.07 -30.08
C HIS C 575 -10.08 27.93 -30.02
N PHE C 576 -8.91 27.33 -29.86
CA PHE C 576 -7.64 28.05 -29.96
C PHE C 576 -6.97 27.88 -31.30
N VAL C 577 -7.36 26.87 -32.07
CA VAL C 577 -6.72 26.59 -33.35
C VAL C 577 -7.43 27.26 -34.53
N ILE C 578 -8.73 27.54 -34.41
CA ILE C 578 -9.48 28.18 -35.49
C ILE C 578 -9.48 29.68 -35.26
N GLN C 579 -9.87 30.44 -36.29
CA GLN C 579 -9.97 31.89 -36.19
C GLN C 579 -11.38 32.23 -35.71
N GLN C 580 -11.47 32.81 -34.52
CA GLN C 580 -12.78 33.13 -33.96
C GLN C 580 -13.40 34.31 -34.71
N PRO C 581 -14.73 34.39 -34.75
CA PRO C 581 -15.39 35.53 -35.40
C PRO C 581 -14.90 36.84 -34.80
N ARG C 582 -14.65 37.81 -35.68
CA ARG C 582 -14.13 39.14 -35.30
C ARG C 582 -12.79 39.03 -34.59
N GLU C 583 -12.00 38.03 -34.95
CA GLU C 583 -10.60 37.93 -34.54
C GLU C 583 -9.74 37.92 -35.80
N SER C 584 -8.52 38.45 -35.68
CA SER C 584 -7.63 38.54 -36.82
C SER C 584 -6.77 37.30 -37.02
N GLU C 585 -6.73 36.39 -36.04
CA GLU C 585 -5.89 35.20 -36.12
C GLU C 585 -6.30 34.19 -35.07
N PRO C 586 -6.05 32.90 -35.30
CA PRO C 586 -6.26 31.91 -34.24
C PRO C 586 -5.50 32.29 -32.98
N PHE C 587 -6.16 32.15 -31.83
CA PHE C 587 -5.57 32.59 -30.57
C PHE C 587 -4.26 31.87 -30.25
N ILE C 588 -4.02 30.70 -30.85
CA ILE C 588 -2.75 30.01 -30.63
C ILE C 588 -1.58 30.86 -31.12
N GLN C 589 -1.78 31.59 -32.22
CA GLN C 589 -0.74 32.50 -32.70
C GLN C 589 -0.49 33.62 -31.71
N THR C 590 -1.56 34.13 -31.09
CA THR C 590 -1.41 35.17 -30.08
C THR C 590 -0.68 34.65 -28.84
N ILE C 591 -0.89 33.37 -28.49
CA ILE C 591 -0.22 32.81 -27.32
C ILE C 591 1.28 32.65 -27.59
N ILE C 592 1.62 32.03 -28.72
CA ILE C 592 3.04 31.80 -29.04
C ILE C 592 3.79 33.12 -29.12
N ARG C 593 3.18 34.11 -29.77
CA ARG C 593 3.78 35.42 -29.95
C ARG C 593 4.28 36.04 -28.65
N ASP C 594 3.48 35.97 -27.58
CA ASP C 594 3.81 36.57 -26.30
C ASP C 594 4.34 35.56 -25.29
N ILE C 595 4.87 34.43 -25.76
CA ILE C 595 5.19 33.35 -24.83
C ILE C 595 6.36 33.72 -23.92
N GLN C 596 7.27 34.57 -24.39
CA GLN C 596 8.40 34.96 -23.55
C GLN C 596 7.94 35.84 -22.39
N LYS C 597 7.06 36.81 -22.66
CA LYS C 597 6.58 37.68 -21.59
C LYS C 597 5.61 36.95 -20.67
N THR C 598 4.80 36.03 -21.23
CA THR C 598 3.85 35.29 -20.41
C THR C 598 4.56 34.39 -19.41
N THR C 599 5.58 33.66 -19.85
CA THR C 599 6.24 32.66 -19.03
C THR C 599 7.49 33.19 -18.33
N ALA C 600 7.72 34.50 -18.36
CA ALA C 600 8.99 35.05 -17.90
C ALA C 600 9.21 34.81 -16.41
N ASP C 601 8.15 34.75 -15.62
CA ASP C 601 8.26 34.63 -14.17
C ASP C 601 8.00 33.22 -13.66
N LEU C 602 7.79 32.27 -14.56
CA LEU C 602 7.48 30.90 -14.17
C LEU C 602 8.76 30.11 -13.91
N GLN C 603 8.65 29.09 -13.07
CA GLN C 603 9.73 28.14 -12.88
C GLN C 603 9.79 27.18 -14.06
N PRO C 604 10.95 26.55 -14.31
CA PRO C 604 11.09 25.68 -15.49
C PRO C 604 10.00 24.63 -15.63
N GLN C 605 9.64 23.95 -14.54
CA GLN C 605 8.58 22.94 -14.62
C GLN C 605 7.26 23.57 -15.09
N GLN C 606 7.01 24.83 -14.70
CA GLN C 606 5.80 25.49 -15.13
C GLN C 606 5.89 25.93 -16.60
N VAL C 607 7.08 26.30 -17.06
CA VAL C 607 7.25 26.64 -18.46
C VAL C 607 7.01 25.41 -19.34
N HIS C 608 7.43 24.23 -18.86
CA HIS C 608 7.25 23.01 -19.63
C HIS C 608 5.78 22.65 -19.76
N THR C 609 5.01 22.82 -18.67
CA THR C 609 3.56 22.63 -18.75
C THR C 609 2.93 23.58 -19.77
N PHE C 610 3.37 24.85 -19.76
CA PHE C 610 2.84 25.82 -20.73
C PHE C 610 3.10 25.34 -22.16
N TYR C 611 4.34 24.95 -22.45
CA TYR C 611 4.67 24.50 -23.80
C TYR C 611 3.92 23.24 -24.17
N LYS C 612 3.72 22.33 -23.21
CA LYS C 612 2.92 21.15 -23.48
C LYS C 612 1.50 21.53 -23.85
N ALA C 613 0.92 22.50 -23.15
CA ALA C 613 -0.42 22.97 -23.48
C ALA C 613 -0.48 23.49 -24.91
N CYS C 614 0.47 24.35 -25.28
CA CYS C 614 0.52 24.84 -26.66
C CYS C 614 0.61 23.68 -27.65
N GLY C 615 1.39 22.64 -27.31
CA GLY C 615 1.47 21.48 -28.19
C GLY C 615 0.15 20.77 -28.38
N ILE C 616 -0.68 20.74 -27.33
CA ILE C 616 -2.03 20.16 -27.46
C ILE C 616 -2.83 20.91 -28.51
N ILE C 617 -2.76 22.25 -28.50
CA ILE C 617 -3.51 23.05 -29.46
C ILE C 617 -2.99 22.84 -30.87
N ILE C 618 -1.67 22.84 -31.04
CA ILE C 618 -1.09 22.74 -32.39
C ILE C 618 -1.50 21.43 -33.04
N SER C 619 -1.59 20.36 -32.27
CA SER C 619 -1.97 19.06 -32.83
C SER C 619 -3.40 19.04 -33.35
N GLU C 620 -4.22 20.04 -32.98
CA GLU C 620 -5.56 20.14 -33.55
C GLU C 620 -5.54 20.64 -34.99
N GLU C 621 -4.51 21.37 -35.39
CA GLU C 621 -4.36 21.82 -36.77
C GLU C 621 -3.95 20.64 -37.65
N ARG C 622 -4.86 20.19 -38.50
CA ARG C 622 -4.56 19.04 -39.35
C ARG C 622 -4.03 19.42 -40.72
N SER C 623 -3.87 20.72 -41.00
CA SER C 623 -3.09 21.16 -42.15
C SER C 623 -1.61 21.03 -41.81
N VAL C 624 -0.89 20.21 -42.57
CA VAL C 624 0.49 19.87 -42.22
C VAL C 624 1.37 21.12 -42.23
N ALA C 625 1.34 21.88 -43.32
CA ALA C 625 2.18 23.06 -43.42
C ALA C 625 1.89 24.05 -42.31
N GLU C 626 0.60 24.22 -41.97
CA GLU C 626 0.25 25.15 -40.91
C GLU C 626 0.62 24.60 -39.53
N ARG C 627 0.53 23.29 -39.35
CA ARG C 627 0.91 22.71 -38.06
C ARG C 627 2.42 22.81 -37.85
N ASN C 628 3.20 22.50 -38.88
CA ASN C 628 4.66 22.59 -38.76
C ASN C 628 5.12 24.03 -38.56
N ARG C 629 4.39 25.00 -39.12
CA ARG C 629 4.75 26.40 -38.91
C ARG C 629 4.51 26.81 -37.45
N LEU C 630 3.36 26.42 -36.90
CA LEU C 630 3.09 26.69 -35.49
C LEU C 630 4.11 25.99 -34.59
N LEU C 631 4.52 24.77 -34.97
CA LEU C 631 5.53 24.06 -34.20
C LEU C 631 6.87 24.79 -34.27
N SER C 632 7.25 25.28 -35.46
CA SER C 632 8.50 26.03 -35.59
C SER C 632 8.49 27.29 -34.76
N ASP C 633 7.36 28.01 -34.74
CA ASP C 633 7.29 29.26 -34.00
C ASP C 633 7.27 29.01 -32.50
N LEU C 634 6.50 28.00 -32.05
CA LEU C 634 6.46 27.66 -30.64
C LEU C 634 7.86 27.32 -30.12
N MET C 635 8.61 26.53 -30.89
CA MET C 635 9.92 26.04 -30.47
C MET C 635 11.04 27.04 -30.72
N GLN C 636 10.70 28.29 -31.04
CA GLN C 636 11.71 29.23 -31.53
C GLN C 636 12.71 29.59 -30.43
N LEU C 637 12.22 29.96 -29.25
CA LEU C 637 13.12 30.32 -28.16
C LEU C 637 13.98 29.14 -27.71
N PRO C 638 13.46 27.94 -27.47
CA PRO C 638 14.36 26.82 -27.17
C PRO C 638 15.27 26.44 -28.32
N ASN C 639 14.83 26.58 -29.57
CA ASN C 639 15.70 26.30 -30.70
C ASN C 639 16.84 27.32 -30.79
N MET C 640 16.55 28.59 -30.52
CA MET C 640 17.61 29.60 -30.53
C MET C 640 18.61 29.36 -29.40
N ALA C 641 18.11 29.06 -28.20
CA ALA C 641 19.00 28.74 -27.10
C ALA C 641 19.76 27.44 -27.34
N TRP C 642 19.15 26.52 -28.10
CA TRP C 642 19.81 25.26 -28.41
C TRP C 642 20.96 25.48 -29.40
N ASP C 643 20.70 26.24 -30.46
CA ASP C 643 21.75 26.52 -31.44
C ASP C 643 22.90 27.29 -30.82
N THR C 644 22.62 28.11 -29.80
CA THR C 644 23.67 28.84 -29.12
C THR C 644 24.61 27.89 -28.38
N ILE C 645 24.03 26.99 -27.57
CA ILE C 645 24.86 26.10 -26.76
C ILE C 645 25.59 25.09 -27.64
N VAL C 646 24.90 24.55 -28.66
CA VAL C 646 25.52 23.56 -29.54
C VAL C 646 26.75 24.14 -30.22
N GLU C 647 26.68 25.41 -30.63
CA GLU C 647 27.88 26.06 -31.16
C GLU C 647 28.87 26.39 -30.04
N GLN C 648 28.37 26.89 -28.91
CA GLN C 648 29.26 27.34 -27.85
C GLN C 648 29.93 26.18 -27.13
N SER C 649 29.18 25.13 -26.81
CA SER C 649 29.74 24.04 -26.02
C SER C 649 30.58 23.08 -26.86
N THR C 650 30.27 22.93 -28.15
CA THR C 650 31.13 22.12 -29.00
C THR C 650 32.47 22.81 -29.25
N ALA C 651 32.56 24.11 -29.01
CA ALA C 651 33.79 24.85 -29.24
C ALA C 651 34.03 25.81 -28.07
N ASN C 652 34.69 25.33 -27.02
CA ASN C 652 35.13 23.93 -26.90
C ASN C 652 34.60 23.33 -25.57
N PRO C 653 34.48 21.98 -25.51
CA PRO C 653 33.74 21.33 -24.41
C PRO C 653 34.12 21.65 -22.97
N THR C 654 34.35 22.90 -22.59
CA THR C 654 34.53 23.21 -21.18
C THR C 654 33.26 23.71 -20.51
N LEU C 655 32.39 24.38 -21.28
CA LEU C 655 31.15 24.91 -20.72
C LEU C 655 30.25 23.83 -20.14
N LEU C 656 30.44 22.57 -20.53
CA LEU C 656 29.59 21.49 -20.05
C LEU C 656 29.82 21.13 -18.59
N LEU C 657 30.77 21.80 -17.92
CA LEU C 657 30.88 21.70 -16.47
C LEU C 657 30.30 22.90 -15.75
N ASP C 658 30.08 23.99 -16.48
CA ASP C 658 29.39 25.15 -15.93
C ASP C 658 28.01 24.73 -15.45
N SER C 659 27.73 24.98 -14.17
CA SER C 659 26.41 24.65 -13.64
C SER C 659 25.30 25.24 -14.52
N GLU C 660 25.30 26.56 -14.69
CA GLU C 660 24.23 27.24 -15.43
C GLU C 660 24.06 26.66 -16.83
N THR C 661 25.15 26.25 -17.48
CA THR C 661 25.06 25.72 -18.84
C THR C 661 24.35 24.36 -18.85
N VAL C 662 24.70 23.49 -17.90
CA VAL C 662 24.05 22.18 -17.83
C VAL C 662 22.55 22.34 -17.58
N LYS C 663 22.17 23.29 -16.72
CA LYS C 663 20.76 23.51 -16.42
C LYS C 663 20.00 24.00 -17.66
N ILE C 664 20.61 24.89 -18.43
CA ILE C 664 19.95 25.40 -19.64
C ILE C 664 19.72 24.27 -20.64
N ILE C 665 20.72 23.39 -20.80
CA ILE C 665 20.59 22.29 -21.75
C ILE C 665 19.47 21.34 -21.34
N ALA C 666 19.46 20.95 -20.06
CA ALA C 666 18.41 20.05 -19.58
C ALA C 666 17.03 20.68 -19.75
N ASN C 667 16.90 21.98 -19.46
CA ASN C 667 15.60 22.63 -19.60
C ASN C 667 15.18 22.76 -21.06
N ILE C 668 16.15 22.81 -21.98
CA ILE C 668 15.82 22.82 -23.40
C ILE C 668 15.29 21.45 -23.83
N ILE C 669 15.94 20.38 -23.38
N ILE C 669 15.94 20.38 -23.38
CA ILE C 669 15.48 19.04 -23.75
CA ILE C 669 15.48 19.04 -23.74
C ILE C 669 14.12 18.74 -23.10
C ILE C 669 14.13 18.75 -23.11
N LYS C 670 13.94 19.16 -21.85
CA LYS C 670 12.64 18.96 -21.19
C LYS C 670 11.52 19.68 -21.93
N THR C 671 11.78 20.89 -22.41
CA THR C 671 10.79 21.60 -23.22
C THR C 671 10.42 20.79 -24.46
N ASN C 672 11.43 20.19 -25.11
CA ASN C 672 11.14 19.32 -26.24
C ASN C 672 10.36 18.08 -25.81
N VAL C 673 10.67 17.52 -24.63
CA VAL C 673 9.93 16.37 -24.13
C VAL C 673 8.48 16.74 -23.90
N ALA C 674 8.23 17.87 -23.24
CA ALA C 674 6.88 18.31 -22.96
C ALA C 674 6.07 18.50 -24.24
N VAL C 675 6.66 19.13 -25.26
CA VAL C 675 5.93 19.34 -26.52
C VAL C 675 5.73 18.02 -27.24
N CYS C 676 6.76 17.17 -27.28
CA CYS C 676 6.62 15.86 -27.93
C CYS C 676 5.59 15.00 -27.22
N THR C 677 5.40 15.22 -25.91
CA THR C 677 4.43 14.43 -25.16
C THR C 677 3.02 14.67 -25.68
N SER C 678 2.68 15.91 -26.01
CA SER C 678 1.33 16.22 -26.46
C SER C 678 1.17 16.14 -27.96
N MET C 679 2.25 16.15 -28.73
CA MET C 679 2.13 16.14 -30.19
C MET C 679 2.45 14.79 -30.81
N GLY C 680 3.25 13.97 -30.13
CA GLY C 680 3.49 12.61 -30.59
C GLY C 680 4.06 12.58 -32.00
N ALA C 681 3.33 11.92 -32.91
CA ALA C 681 3.80 11.76 -34.28
C ALA C 681 4.05 13.10 -34.96
N ASP C 682 3.26 14.13 -34.63
CA ASP C 682 3.40 15.43 -35.26
C ASP C 682 4.69 16.15 -34.85
N PHE C 683 5.43 15.62 -33.89
CA PHE C 683 6.64 16.26 -33.39
C PHE C 683 7.85 16.03 -34.28
N TYR C 684 7.77 15.08 -35.21
CA TYR C 684 8.93 14.67 -36.01
C TYR C 684 9.69 15.82 -36.65
N PRO C 685 9.06 16.84 -37.24
CA PRO C 685 9.86 17.95 -37.81
C PRO C 685 10.77 18.63 -36.78
N GLN C 686 10.26 18.90 -35.58
CA GLN C 686 11.10 19.51 -34.56
C GLN C 686 12.20 18.57 -34.09
N LEU C 687 11.93 17.26 -34.04
CA LEU C 687 12.97 16.31 -33.66
C LEU C 687 14.10 16.29 -34.70
N GLY C 688 13.75 16.34 -35.98
CA GLY C 688 14.78 16.38 -37.01
C GLY C 688 15.66 17.61 -36.94
N HIS C 689 15.13 18.71 -36.40
CA HIS C 689 15.91 19.94 -36.29
C HIS C 689 17.04 19.83 -35.28
N ILE C 690 16.94 18.94 -34.30
CA ILE C 690 17.93 18.84 -33.24
C ILE C 690 18.54 17.44 -33.12
N TYR C 691 18.05 16.45 -33.88
CA TYR C 691 18.35 15.06 -33.59
C TYR C 691 19.86 14.78 -33.64
N TYR C 692 20.51 15.16 -34.74
CA TYR C 692 21.92 14.81 -34.92
C TYR C 692 22.81 15.52 -33.91
N ASN C 693 22.56 16.80 -33.66
CA ASN C 693 23.36 17.51 -32.65
C ASN C 693 23.06 17.02 -31.23
N MET C 694 21.82 16.60 -30.98
CA MET C 694 21.49 16.05 -29.66
C MET C 694 22.28 14.78 -29.38
N LEU C 695 22.35 13.88 -30.36
CA LEU C 695 23.12 12.65 -30.18
C LEU C 695 24.60 12.96 -30.00
N GLN C 696 25.11 13.95 -30.72
CA GLN C 696 26.49 14.40 -30.50
C GLN C 696 26.66 14.94 -29.08
N LEU C 697 25.70 15.74 -28.62
CA LEU C 697 25.72 16.21 -27.24
C LEU C 697 25.71 15.03 -26.26
N TYR C 698 24.91 14.01 -26.57
CA TYR C 698 24.89 12.81 -25.74
C TYR C 698 26.27 12.19 -25.62
N ARG C 699 27.04 12.15 -26.72
CA ARG C 699 28.38 11.58 -26.69
C ARG C 699 29.32 12.42 -25.85
N ALA C 700 29.28 13.74 -26.04
CA ALA C 700 30.17 14.63 -25.31
C ALA C 700 29.93 14.57 -23.81
N VAL C 701 28.66 14.59 -23.41
CA VAL C 701 28.33 14.47 -21.99
C VAL C 701 28.80 13.12 -21.46
N SER C 702 28.64 12.06 -22.25
CA SER C 702 29.08 10.73 -21.83
C SER C 702 30.59 10.70 -21.61
N SER C 703 31.36 11.35 -22.48
CA SER C 703 32.79 11.44 -22.30
C SER C 703 33.12 12.15 -20.98
N MET C 704 32.46 13.28 -20.71
CA MET C 704 32.78 14.07 -19.53
C MET C 704 32.46 13.31 -18.24
N ILE C 705 31.38 12.55 -18.22
CA ILE C 705 31.05 11.73 -17.05
C ILE C 705 32.14 10.70 -16.81
N SER C 706 32.53 9.97 -17.86
CA SER C 706 33.60 8.98 -17.74
C SER C 706 34.91 9.63 -17.32
N ALA C 707 35.21 10.81 -17.87
CA ALA C 707 36.42 11.52 -17.47
C ALA C 707 36.35 11.91 -16.00
N GLN C 708 35.19 12.38 -15.55
CA GLN C 708 35.05 12.80 -14.16
C GLN C 708 35.15 11.61 -13.21
N VAL C 709 34.65 10.44 -13.61
CA VAL C 709 34.80 9.26 -12.77
C VAL C 709 36.27 8.84 -12.71
N ALA C 710 36.99 8.98 -13.82
CA ALA C 710 38.41 8.65 -13.83
C ALA C 710 39.19 9.57 -12.91
N ALA C 711 38.90 10.87 -12.94
CA ALA C 711 39.68 11.84 -12.19
C ALA C 711 39.35 11.84 -10.71
N GLU C 712 38.11 11.51 -10.33
CA GLU C 712 37.69 11.60 -8.94
C GLU C 712 37.20 10.28 -8.34
N GLY C 713 37.01 9.24 -9.13
CA GLY C 713 36.52 7.97 -8.63
C GLY C 713 35.02 7.84 -8.78
N LEU C 714 34.52 6.70 -8.29
CA LEU C 714 33.09 6.42 -8.37
C LEU C 714 32.25 7.43 -7.59
N ILE C 715 32.85 8.12 -6.62
CA ILE C 715 32.11 9.13 -5.86
C ILE C 715 31.67 10.28 -6.76
N ALA C 716 32.34 10.46 -7.90
CA ALA C 716 31.96 11.53 -8.81
C ALA C 716 30.53 11.39 -9.32
N THR C 717 30.04 10.15 -9.44
CA THR C 717 28.68 9.92 -9.90
C THR C 717 27.63 10.51 -8.96
N LYS C 718 28.00 10.86 -7.74
CA LYS C 718 27.08 11.43 -6.78
C LYS C 718 27.19 12.95 -6.67
N THR C 719 28.21 13.54 -7.30
CA THR C 719 28.39 14.98 -7.23
C THR C 719 27.29 15.69 -8.01
N PRO C 720 26.98 16.94 -7.65
CA PRO C 720 26.02 17.71 -8.46
C PRO C 720 26.41 17.85 -9.92
N LYS C 721 27.71 18.02 -10.20
CA LYS C 721 28.15 18.24 -11.58
C LYS C 721 27.80 17.05 -12.45
N VAL C 722 28.12 15.83 -11.99
CA VAL C 722 27.86 14.65 -12.80
C VAL C 722 26.37 14.35 -12.83
N ARG C 723 25.67 14.52 -11.71
CA ARG C 723 24.23 14.28 -11.71
C ARG C 723 23.52 15.23 -12.68
N GLY C 724 24.02 16.45 -12.82
CA GLY C 724 23.50 17.33 -13.85
C GLY C 724 23.77 16.81 -15.24
N LEU C 725 24.94 16.19 -15.44
CA LEU C 725 25.28 15.66 -16.75
C LEU C 725 24.44 14.43 -17.08
N ARG C 726 24.23 13.55 -16.09
CA ARG C 726 23.38 12.39 -16.31
C ARG C 726 21.93 12.79 -16.56
N THR C 727 21.48 13.91 -15.98
CA THR C 727 20.14 14.41 -16.27
C THR C 727 19.97 14.71 -17.75
N ILE C 728 20.99 15.34 -18.36
CA ILE C 728 20.95 15.61 -19.80
C ILE C 728 20.78 14.31 -20.58
N LYS C 729 21.61 13.30 -20.27
CA LYS C 729 21.53 12.03 -20.97
C LYS C 729 20.16 11.38 -20.79
N LYS C 730 19.64 11.41 -19.56
CA LYS C 730 18.33 10.83 -19.29
C LYS C 730 17.23 11.53 -20.08
N GLU C 731 17.26 12.87 -20.12
CA GLU C 731 16.23 13.61 -20.84
C GLU C 731 16.31 13.37 -22.34
N ILE C 732 17.53 13.23 -22.87
CA ILE C 732 17.68 12.90 -24.29
C ILE C 732 17.00 11.57 -24.59
N LEU C 733 17.31 10.54 -23.78
CA LEU C 733 16.70 9.23 -23.99
C LEU C 733 15.20 9.28 -23.81
N LYS C 734 14.71 10.04 -22.82
CA LYS C 734 13.28 10.16 -22.60
C LYS C 734 12.58 10.80 -23.80
N LEU C 735 13.23 11.78 -24.43
CA LEU C 735 12.66 12.41 -25.61
C LEU C 735 12.55 11.42 -26.76
N VAL C 736 13.63 10.68 -27.02
CA VAL C 736 13.63 9.66 -28.06
C VAL C 736 12.57 8.60 -27.77
N GLU C 737 12.51 8.14 -26.51
CA GLU C 737 11.48 7.18 -26.12
C GLU C 737 10.09 7.75 -26.40
N THR C 738 9.86 9.01 -26.04
CA THR C 738 8.54 9.61 -26.18
C THR C 738 8.10 9.64 -27.63
N TYR C 739 8.99 10.06 -28.55
CA TYR C 739 8.58 10.13 -29.95
C TYR C 739 8.36 8.73 -30.52
N ILE C 740 9.31 7.82 -30.30
CA ILE C 740 9.26 6.52 -30.96
C ILE C 740 8.05 5.73 -30.48
N SER C 741 7.70 5.86 -29.20
CA SER C 741 6.52 5.17 -28.68
C SER C 741 5.23 5.67 -29.32
N LYS C 742 5.22 6.90 -29.86
CA LYS C 742 4.02 7.48 -30.44
C LYS C 742 4.11 7.69 -31.94
N ALA C 743 5.19 7.27 -32.58
CA ALA C 743 5.38 7.56 -33.99
C ALA C 743 4.37 6.81 -34.84
N ARG C 744 4.04 7.40 -35.98
CA ARG C 744 3.20 6.77 -36.99
C ARG C 744 4.01 6.28 -38.19
N ASN C 745 5.00 7.06 -38.62
CA ASN C 745 5.88 6.66 -39.71
C ASN C 745 7.00 5.80 -39.12
N LEU C 746 6.73 4.50 -39.05
CA LEU C 746 7.74 3.58 -38.51
C LEU C 746 8.93 3.45 -39.45
N ASP C 747 8.72 3.65 -40.75
CA ASP C 747 9.83 3.57 -41.69
C ASP C 747 10.89 4.62 -41.39
N ASP C 748 10.47 5.87 -41.17
CA ASP C 748 11.43 6.93 -40.84
C ASP C 748 12.18 6.60 -39.55
N VAL C 749 11.49 6.01 -38.57
CA VAL C 749 12.15 5.61 -37.33
C VAL C 749 13.30 4.67 -37.64
N VAL C 750 13.09 3.72 -38.55
CA VAL C 750 14.09 2.68 -38.82
C VAL C 750 15.25 3.24 -39.63
N LYS C 751 14.97 4.02 -40.69
CA LYS C 751 16.05 4.47 -41.56
C LYS C 751 16.75 5.73 -41.05
N VAL C 752 16.08 6.56 -40.26
CA VAL C 752 16.63 7.84 -39.83
C VAL C 752 17.04 7.82 -38.37
N LEU C 753 16.24 7.21 -37.49
CA LEU C 753 16.41 7.36 -36.06
C LEU C 753 17.24 6.26 -35.42
N VAL C 754 16.95 4.99 -35.76
CA VAL C 754 17.44 3.87 -34.96
C VAL C 754 18.96 3.75 -35.05
N GLU C 755 19.50 3.82 -36.27
CA GLU C 755 20.94 3.57 -36.44
C GLU C 755 21.81 4.61 -35.75
N PRO C 756 21.57 5.92 -35.90
CA PRO C 756 22.39 6.88 -35.14
C PRO C 756 22.19 6.77 -33.64
N LEU C 757 21.03 6.31 -33.20
CA LEU C 757 20.77 6.16 -31.77
C LEU C 757 21.61 5.03 -31.17
N LEU C 758 21.66 3.88 -31.85
CA LEU C 758 22.43 2.75 -31.33
C LEU C 758 23.91 3.07 -31.29
N ASN C 759 24.43 3.78 -32.30
CA ASN C 759 25.83 4.16 -32.29
C ASN C 759 26.15 5.10 -31.13
N ALA C 760 25.17 5.86 -30.66
CA ALA C 760 25.43 6.83 -29.62
C ALA C 760 25.38 6.22 -28.22
N VAL C 761 24.52 5.23 -27.98
CA VAL C 761 24.23 4.79 -26.62
C VAL C 761 24.80 3.41 -26.29
N LEU C 762 24.87 2.48 -27.26
CA LEU C 762 25.19 1.10 -26.92
C LEU C 762 26.63 0.97 -26.43
N GLU C 763 27.60 1.41 -27.25
CA GLU C 763 29.00 1.25 -26.89
C GLU C 763 29.34 2.03 -25.63
N ASP C 764 28.81 3.24 -25.49
CA ASP C 764 29.02 4.02 -24.27
C ASP C 764 28.50 3.27 -23.04
N TYR C 765 27.33 2.63 -23.17
CA TYR C 765 26.82 1.82 -22.06
C TYR C 765 27.75 0.65 -21.76
N MET C 766 28.12 -0.11 -22.79
CA MET C 766 28.90 -1.34 -22.59
C MET C 766 30.25 -1.06 -21.95
N ASN C 767 30.91 0.04 -22.32
CA ASN C 767 32.28 0.31 -21.92
C ASN C 767 32.38 1.26 -20.73
N ASN C 768 31.27 1.55 -20.06
CA ASN C 768 31.29 2.31 -18.82
C ASN C 768 31.39 1.34 -17.65
N VAL C 769 31.98 1.82 -16.54
CA VAL C 769 31.99 1.04 -15.30
C VAL C 769 30.53 0.87 -14.87
N PRO C 770 30.19 -0.20 -14.13
CA PRO C 770 28.79 -0.41 -13.73
C PRO C 770 28.12 0.80 -13.09
N ASP C 771 28.81 1.50 -12.20
CA ASP C 771 28.21 2.64 -11.50
C ASP C 771 27.93 3.83 -12.42
N ALA C 772 28.42 3.80 -13.65
CA ALA C 772 28.19 4.89 -14.60
C ALA C 772 27.21 4.53 -15.69
N ARG C 773 26.66 3.32 -15.67
CA ARG C 773 25.72 2.87 -16.70
C ARG C 773 24.31 3.33 -16.36
N ASP C 774 23.70 4.08 -17.27
CA ASP C 774 22.35 4.58 -17.07
C ASP C 774 21.33 3.50 -17.42
N ALA C 775 20.56 3.05 -16.42
CA ALA C 775 19.52 2.06 -16.67
C ALA C 775 18.48 2.55 -17.67
N GLU C 776 18.35 3.86 -17.84
CA GLU C 776 17.43 4.40 -18.84
C GLU C 776 17.83 4.01 -20.26
N VAL C 777 19.08 3.60 -20.47
CA VAL C 777 19.47 3.07 -21.78
C VAL C 777 18.69 1.81 -22.09
N LEU C 778 18.59 0.91 -21.11
CA LEU C 778 17.81 -0.32 -21.31
C LEU C 778 16.35 -0.01 -21.57
N ASN C 779 15.78 0.94 -20.82
CA ASN C 779 14.39 1.30 -21.04
C ASN C 779 14.17 1.87 -22.43
N CYS C 780 15.09 2.72 -22.88
CA CYS C 780 14.99 3.26 -24.23
C CYS C 780 15.04 2.16 -25.28
N MET C 781 15.94 1.19 -25.10
CA MET C 781 16.01 0.06 -26.04
C MET C 781 14.75 -0.78 -25.98
N THR C 782 14.12 -0.90 -24.81
CA THR C 782 12.85 -1.61 -24.73
C THR C 782 11.79 -0.93 -25.59
N THR C 783 11.72 0.41 -25.53
CA THR C 783 10.76 1.14 -26.37
C THR C 783 11.04 0.92 -27.85
N VAL C 784 12.31 0.94 -28.24
CA VAL C 784 12.65 0.77 -29.66
C VAL C 784 12.25 -0.61 -30.15
N VAL C 785 12.60 -1.64 -29.38
CA VAL C 785 12.25 -3.01 -29.76
C VAL C 785 10.73 -3.20 -29.73
N GLU C 786 10.04 -2.51 -28.83
CA GLU C 786 8.59 -2.65 -28.75
C GLU C 786 7.91 -2.23 -30.04
N LYS C 787 8.31 -1.09 -30.61
CA LYS C 787 7.57 -0.55 -31.74
C LYS C 787 8.12 -1.00 -33.09
N VAL C 788 9.45 -1.05 -33.25
CA VAL C 788 10.03 -1.39 -34.55
C VAL C 788 10.91 -2.63 -34.46
N GLY C 789 10.78 -3.42 -33.39
CA GLY C 789 11.63 -4.58 -33.21
C GLY C 789 11.54 -5.56 -34.35
N HIS C 790 10.35 -5.77 -34.90
CA HIS C 790 10.17 -6.67 -36.02
C HIS C 790 10.84 -6.17 -37.29
N MET C 791 11.30 -4.93 -37.32
CA MET C 791 11.91 -4.34 -38.51
C MET C 791 13.43 -4.22 -38.42
N ILE C 792 14.03 -4.44 -37.26
CA ILE C 792 15.46 -4.24 -37.10
C ILE C 792 16.11 -5.49 -36.49
N PRO C 793 16.09 -6.64 -37.18
CA PRO C 793 16.65 -7.86 -36.57
C PRO C 793 18.12 -7.74 -36.25
N GLN C 794 18.91 -7.08 -37.11
CA GLN C 794 20.32 -6.89 -36.83
C GLN C 794 20.53 -5.87 -35.71
N GLY C 795 19.66 -4.86 -35.61
CA GLY C 795 19.76 -3.91 -34.52
C GLY C 795 19.49 -4.56 -33.18
N VAL C 796 18.53 -5.49 -33.13
CA VAL C 796 18.23 -6.20 -31.89
C VAL C 796 19.41 -7.06 -31.46
N ILE C 797 20.12 -7.66 -32.43
CA ILE C 797 21.29 -8.47 -32.10
C ILE C 797 22.38 -7.60 -31.49
N LEU C 798 22.61 -6.42 -32.06
CA LEU C 798 23.61 -5.50 -31.51
C LEU C 798 23.22 -4.99 -30.12
N ILE C 799 21.92 -4.89 -29.85
CA ILE C 799 21.48 -4.46 -28.52
C ILE C 799 21.84 -5.52 -27.48
N LEU C 800 21.55 -6.78 -27.77
CA LEU C 800 21.94 -7.86 -26.87
C LEU C 800 23.45 -7.91 -26.68
N GLN C 801 24.20 -7.82 -27.78
CA GLN C 801 25.66 -7.88 -27.69
C GLN C 801 26.21 -6.82 -26.75
N SER C 802 25.59 -5.63 -26.73
CA SER C 802 26.15 -4.51 -25.99
C SER C 802 25.72 -4.46 -24.53
N VAL C 803 24.53 -4.96 -24.18
CA VAL C 803 24.00 -4.79 -22.84
C VAL C 803 23.76 -6.09 -22.10
N PHE C 804 23.63 -7.23 -22.80
CA PHE C 804 23.16 -8.45 -22.14
C PHE C 804 24.15 -8.92 -21.08
N GLU C 805 25.36 -9.30 -21.50
CA GLU C 805 26.28 -9.94 -20.56
C GLU C 805 26.80 -8.97 -19.50
N CYS C 806 27.03 -7.71 -19.88
CA CYS C 806 27.57 -6.77 -18.91
C CYS C 806 26.53 -6.40 -17.86
N THR C 807 25.25 -6.28 -18.26
CA THR C 807 24.21 -6.00 -17.28
C THR C 807 23.96 -7.21 -16.38
N LEU C 808 23.93 -8.41 -16.97
CA LEU C 808 23.70 -9.62 -16.19
C LEU C 808 24.74 -9.76 -15.08
N ASP C 809 26.00 -9.43 -15.37
CA ASP C 809 27.04 -9.52 -14.34
C ASP C 809 26.84 -8.51 -13.23
N MET C 810 26.13 -7.40 -13.49
CA MET C 810 25.85 -6.44 -12.43
C MET C 810 24.83 -6.97 -11.43
N ILE C 811 23.92 -7.83 -11.87
CA ILE C 811 22.74 -8.18 -11.08
C ILE C 811 22.68 -9.64 -10.67
N ASN C 812 23.68 -10.45 -11.01
CA ASN C 812 23.63 -11.88 -10.73
C ASN C 812 24.45 -12.28 -9.50
N LYS C 813 24.88 -11.31 -8.68
CA LYS C 813 25.61 -11.60 -7.45
C LYS C 813 24.74 -11.58 -6.21
N ASP C 814 23.65 -10.82 -6.23
CA ASP C 814 22.72 -10.72 -5.11
C ASP C 814 21.38 -10.27 -5.66
N PHE C 815 20.44 -9.99 -4.77
CA PHE C 815 19.10 -9.55 -5.18
C PHE C 815 18.86 -8.07 -4.94
N THR C 816 19.87 -7.33 -4.48
CA THR C 816 19.66 -5.95 -4.04
C THR C 816 20.35 -4.90 -4.89
N GLU C 817 21.57 -5.17 -5.38
CA GLU C 817 22.30 -4.13 -6.09
C GLU C 817 21.67 -3.82 -7.44
N TYR C 818 21.78 -2.55 -7.85
CA TYR C 818 21.27 -2.02 -9.12
C TYR C 818 19.82 -2.41 -9.33
N PRO C 819 18.89 -1.86 -8.55
CA PRO C 819 17.47 -2.25 -8.71
C PRO C 819 16.86 -1.78 -10.02
N GLU C 820 17.22 -0.59 -10.49
CA GLU C 820 16.66 -0.09 -11.74
C GLU C 820 17.13 -0.94 -12.92
N HIS C 821 18.45 -1.17 -13.01
CA HIS C 821 19.00 -2.01 -14.07
C HIS C 821 18.35 -3.39 -14.06
N ARG C 822 18.08 -3.91 -12.87
CA ARG C 822 17.44 -5.22 -12.72
C ARG C 822 16.09 -5.26 -13.42
N VAL C 823 15.24 -4.25 -13.17
CA VAL C 823 13.89 -4.25 -13.72
C VAL C 823 13.92 -4.01 -15.22
N GLU C 824 14.72 -3.04 -15.68
CA GLU C 824 14.78 -2.72 -17.10
C GLU C 824 15.39 -3.87 -17.90
N PHE C 825 16.37 -4.56 -17.32
CA PHE C 825 17.00 -5.69 -17.96
C PHE C 825 15.97 -6.74 -18.39
N TYR C 826 15.09 -7.13 -17.48
CA TYR C 826 14.14 -8.19 -17.78
C TYR C 826 12.93 -7.68 -18.58
N LYS C 827 12.60 -6.39 -18.48
CA LYS C 827 11.66 -5.83 -19.43
C LYS C 827 12.22 -5.89 -20.84
N LEU C 828 13.51 -5.60 -21.00
CA LEU C 828 14.14 -5.65 -22.31
C LEU C 828 14.23 -7.07 -22.85
N LEU C 829 14.63 -8.03 -22.02
CA LEU C 829 14.67 -9.42 -22.46
C LEU C 829 13.28 -9.95 -22.79
N LYS C 830 12.26 -9.46 -22.08
CA LYS C 830 10.89 -9.88 -22.35
C LYS C 830 10.45 -9.46 -23.75
N VAL C 831 10.66 -8.17 -24.10
CA VAL C 831 10.20 -7.70 -25.39
C VAL C 831 11.03 -8.28 -26.52
N ILE C 832 12.32 -8.55 -26.28
CA ILE C 832 13.13 -9.17 -27.32
C ILE C 832 12.65 -10.60 -27.57
N ASN C 833 12.33 -11.33 -26.51
CA ASN C 833 11.78 -12.67 -26.65
C ASN C 833 10.44 -12.67 -27.39
N GLU C 834 9.71 -11.56 -27.35
CA GLU C 834 8.41 -11.46 -28.01
C GLU C 834 8.52 -11.01 -29.46
N LYS C 835 9.30 -9.96 -29.72
CA LYS C 835 9.30 -9.30 -31.01
C LYS C 835 10.41 -9.74 -31.94
N SER C 836 11.55 -10.19 -31.40
N SER C 836 11.56 -10.19 -31.41
CA SER C 836 12.70 -10.60 -32.19
CA SER C 836 12.68 -10.62 -32.24
C SER C 836 13.34 -11.82 -31.53
C SER C 836 13.36 -11.83 -31.58
N PHE C 837 12.61 -12.93 -31.52
CA PHE C 837 13.14 -14.15 -30.89
C PHE C 837 14.38 -14.67 -31.61
N ALA C 838 14.51 -14.39 -32.91
CA ALA C 838 15.66 -14.87 -33.66
C ALA C 838 16.97 -14.35 -33.11
N ALA C 839 16.95 -13.25 -32.35
CA ALA C 839 18.18 -12.70 -31.79
C ALA C 839 18.82 -13.68 -30.80
N PHE C 840 18.00 -14.40 -30.04
CA PHE C 840 18.54 -15.40 -29.12
C PHE C 840 19.05 -16.62 -29.85
N LEU C 841 18.47 -16.94 -31.02
CA LEU C 841 18.98 -18.04 -31.84
C LEU C 841 20.38 -17.76 -32.37
N GLU C 842 20.76 -16.48 -32.50
CA GLU C 842 22.09 -16.11 -32.97
C GLU C 842 23.14 -16.07 -31.88
N LEU C 843 22.73 -16.16 -30.61
CA LEU C 843 23.70 -16.17 -29.54
C LEU C 843 24.55 -17.44 -29.61
N PRO C 844 25.85 -17.35 -29.30
CA PRO C 844 26.64 -18.56 -29.14
C PRO C 844 26.07 -19.41 -28.01
N PRO C 845 26.29 -20.73 -28.06
CA PRO C 845 25.70 -21.61 -27.03
C PRO C 845 26.03 -21.20 -25.60
N ALA C 846 27.21 -20.60 -25.37
CA ALA C 846 27.54 -20.14 -24.02
C ALA C 846 26.68 -18.95 -23.61
N ALA C 847 26.38 -18.06 -24.57
CA ALA C 847 25.54 -16.90 -24.25
C ALA C 847 24.09 -17.32 -24.04
N PHE C 848 23.60 -18.26 -24.84
CA PHE C 848 22.24 -18.76 -24.64
C PHE C 848 22.10 -19.47 -23.31
N LYS C 849 23.16 -20.10 -22.82
CA LYS C 849 23.13 -20.73 -21.50
C LYS C 849 23.04 -19.67 -20.40
N LEU C 850 23.70 -18.53 -20.59
CA LEU C 850 23.54 -17.42 -19.64
C LEU C 850 22.14 -16.83 -19.71
N PHE C 851 21.49 -16.90 -20.88
CA PHE C 851 20.12 -16.44 -21.01
C PHE C 851 19.19 -17.29 -20.16
N VAL C 852 19.33 -18.61 -20.24
CA VAL C 852 18.51 -19.51 -19.43
C VAL C 852 18.79 -19.30 -17.94
N ASP C 853 20.06 -19.15 -17.57
CA ASP C 853 20.40 -18.86 -16.18
C ASP C 853 19.75 -17.57 -15.70
N ALA C 854 19.75 -16.54 -16.54
CA ALA C 854 19.19 -15.25 -16.13
C ALA C 854 17.67 -15.33 -15.94
N ILE C 855 17.00 -16.15 -16.76
CA ILE C 855 15.55 -16.35 -16.60
C ILE C 855 15.26 -17.01 -15.26
N CYS C 856 15.91 -18.14 -14.98
CA CYS C 856 15.75 -18.80 -13.70
C CYS C 856 16.19 -17.91 -12.54
N TRP C 857 17.21 -17.08 -12.75
CA TRP C 857 17.60 -16.10 -11.74
C TRP C 857 16.46 -15.15 -11.42
N ALA C 858 15.65 -14.80 -12.42
CA ALA C 858 14.51 -13.92 -12.17
C ALA C 858 13.42 -14.63 -11.39
N PHE C 859 13.29 -15.96 -11.52
CA PHE C 859 12.33 -16.71 -10.70
C PHE C 859 12.55 -16.45 -9.22
N LYS C 860 13.82 -16.47 -8.79
CA LYS C 860 14.17 -16.44 -7.38
C LYS C 860 14.05 -15.07 -6.75
N HIS C 861 13.75 -14.04 -7.53
CA HIS C 861 13.55 -12.71 -6.96
C HIS C 861 12.25 -12.64 -6.18
N ASN C 862 12.27 -11.90 -5.08
CA ASN C 862 11.05 -11.52 -4.40
C ASN C 862 10.45 -10.24 -4.96
N ASN C 863 11.28 -9.39 -5.59
CA ASN C 863 10.81 -8.26 -6.36
C ASN C 863 9.78 -8.72 -7.38
N ARG C 864 8.55 -8.22 -7.23
CA ARG C 864 7.46 -8.68 -8.08
C ARG C 864 7.67 -8.30 -9.54
N ASP C 865 8.29 -7.16 -9.81
CA ASP C 865 8.54 -6.75 -11.18
C ASP C 865 9.47 -7.72 -11.89
N VAL C 866 10.55 -8.13 -11.22
CA VAL C 866 11.48 -9.08 -11.81
C VAL C 866 10.84 -10.47 -11.90
N GLU C 867 10.18 -10.90 -10.82
CA GLU C 867 9.68 -12.27 -10.74
C GLU C 867 8.63 -12.54 -11.81
N VAL C 868 7.70 -11.60 -12.01
CA VAL C 868 6.62 -11.80 -12.96
C VAL C 868 7.17 -11.83 -14.39
N ASN C 869 8.10 -10.92 -14.70
CA ASN C 869 8.69 -10.92 -16.04
C ASN C 869 9.49 -12.19 -16.29
N GLY C 870 10.24 -12.66 -15.29
CA GLY C 870 11.03 -13.86 -15.46
C GLY C 870 10.19 -15.08 -15.76
N LEU C 871 9.04 -15.21 -15.10
CA LEU C 871 8.17 -16.35 -15.37
C LEU C 871 7.48 -16.20 -16.72
N GLN C 872 7.15 -14.97 -17.11
CA GLN C 872 6.56 -14.76 -18.42
C GLN C 872 7.55 -15.07 -19.53
N ILE C 873 8.83 -14.71 -19.33
CA ILE C 873 9.85 -14.99 -20.34
C ILE C 873 10.02 -16.50 -20.51
N ALA C 874 10.04 -17.24 -19.39
CA ALA C 874 10.14 -18.68 -19.47
C ALA C 874 8.97 -19.27 -20.24
N LEU C 875 7.75 -18.81 -19.94
CA LEU C 875 6.58 -19.31 -20.65
C LEU C 875 6.64 -18.94 -22.13
N ASP C 876 7.04 -17.71 -22.43
CA ASP C 876 7.12 -17.29 -23.83
C ASP C 876 8.27 -17.98 -24.55
N LEU C 877 9.36 -18.28 -23.85
CA LEU C 877 10.49 -18.98 -24.46
C LEU C 877 10.11 -20.40 -24.85
N VAL C 878 9.38 -21.09 -23.97
CA VAL C 878 8.92 -22.45 -24.28
C VAL C 878 8.01 -22.44 -25.49
N LYS C 879 7.10 -21.48 -25.58
CA LYS C 879 6.23 -21.37 -26.75
C LYS C 879 7.02 -21.02 -28.01
N ASN C 880 8.07 -20.21 -27.88
CA ASN C 880 8.94 -19.94 -29.02
C ASN C 880 9.62 -21.21 -29.51
N ILE C 881 10.06 -22.06 -28.57
CA ILE C 881 10.74 -23.30 -28.95
C ILE C 881 9.75 -24.29 -29.54
N GLU C 882 8.54 -24.35 -28.97
CA GLU C 882 7.54 -25.30 -29.44
C GLU C 882 7.16 -25.04 -30.90
N ARG C 883 7.05 -23.77 -31.29
CA ARG C 883 6.64 -23.41 -32.64
C ARG C 883 7.76 -23.58 -33.67
N MET C 884 8.99 -23.90 -33.25
CA MET C 884 10.03 -24.23 -34.20
C MET C 884 9.85 -25.62 -34.80
N GLY C 885 9.10 -26.50 -34.12
CA GLY C 885 8.89 -27.84 -34.61
C GLY C 885 10.06 -28.75 -34.28
N ASN C 886 10.11 -29.89 -34.97
CA ASN C 886 11.18 -30.87 -34.79
C ASN C 886 12.39 -30.44 -35.60
N VAL C 887 13.20 -29.54 -35.02
CA VAL C 887 14.46 -29.10 -35.65
C VAL C 887 15.58 -29.12 -34.62
N PRO C 888 16.85 -29.31 -35.03
CA PRO C 888 17.95 -29.52 -34.07
C PRO C 888 18.03 -28.53 -32.93
N PHE C 889 17.64 -27.26 -33.14
CA PHE C 889 17.72 -26.30 -32.04
C PHE C 889 16.69 -26.59 -30.97
N ALA C 890 15.44 -26.88 -31.37
CA ALA C 890 14.41 -27.20 -30.40
C ALA C 890 14.71 -28.48 -29.67
N ASN C 891 15.19 -29.51 -30.38
CA ASN C 891 15.53 -30.77 -29.75
C ASN C 891 16.64 -30.58 -28.72
N GLU C 892 17.70 -29.85 -29.10
CA GLU C 892 18.80 -29.59 -28.18
C GLU C 892 18.33 -28.74 -27.00
N PHE C 893 17.43 -27.77 -27.25
CA PHE C 893 16.92 -26.95 -26.16
C PHE C 893 16.27 -27.81 -25.09
N HIS C 894 15.51 -28.83 -25.50
CA HIS C 894 14.84 -29.68 -24.52
C HIS C 894 15.83 -30.56 -23.77
N LYS C 895 16.79 -31.16 -24.48
CA LYS C 895 17.79 -32.00 -23.81
C LYS C 895 18.63 -31.20 -22.83
N ASN C 896 18.85 -29.91 -23.11
CA ASN C 896 19.72 -29.09 -22.28
C ASN C 896 18.98 -28.42 -21.12
N TYR C 897 17.74 -27.96 -21.34
CA TYR C 897 17.12 -27.04 -20.40
C TYR C 897 15.71 -27.41 -19.96
N PHE C 898 15.10 -28.47 -20.52
CA PHE C 898 13.76 -28.83 -20.09
C PHE C 898 13.70 -29.11 -18.60
N PHE C 899 14.55 -30.02 -18.11
CA PHE C 899 14.47 -30.41 -16.71
C PHE C 899 15.00 -29.30 -15.80
N ILE C 900 15.90 -28.46 -16.31
CA ILE C 900 16.29 -27.27 -15.56
C ILE C 900 15.06 -26.41 -15.27
N PHE C 901 14.28 -26.11 -16.31
CA PHE C 901 13.09 -25.29 -16.11
C PHE C 901 12.06 -25.99 -15.22
N VAL C 902 11.93 -27.31 -15.33
CA VAL C 902 11.00 -28.04 -14.48
C VAL C 902 11.44 -27.99 -13.02
N SER C 903 12.73 -28.23 -12.77
CA SER C 903 13.20 -28.29 -11.39
C SER C 903 13.27 -26.90 -10.76
N GLU C 904 13.67 -25.89 -11.53
CA GLU C 904 13.70 -24.54 -10.99
C GLU C 904 12.30 -24.03 -10.68
N THR C 905 11.33 -24.37 -11.53
CA THR C 905 9.95 -23.98 -11.24
C THR C 905 9.42 -24.66 -9.99
N PHE C 906 9.70 -25.97 -9.83
CA PHE C 906 9.30 -26.66 -8.62
C PHE C 906 9.93 -26.04 -7.38
N PHE C 907 11.18 -25.58 -7.50
CA PHE C 907 11.88 -25.03 -6.34
C PHE C 907 11.19 -23.79 -5.81
N VAL C 908 10.85 -22.84 -6.70
CA VAL C 908 10.20 -21.62 -6.21
C VAL C 908 8.75 -21.90 -5.82
N LEU C 909 8.13 -22.93 -6.41
CA LEU C 909 6.77 -23.30 -6.01
C LEU C 909 6.72 -23.81 -4.57
N THR C 910 7.78 -24.48 -4.11
CA THR C 910 7.72 -25.23 -2.85
C THR C 910 8.61 -24.67 -1.75
N ASP C 911 9.30 -23.55 -1.97
CA ASP C 911 10.21 -23.06 -0.94
C ASP C 911 9.58 -22.08 0.03
N SER C 912 8.32 -21.69 -0.21
CA SER C 912 7.53 -20.80 0.64
C SER C 912 8.03 -19.35 0.65
N ASP C 913 8.97 -19.00 -0.23
CA ASP C 913 9.48 -17.63 -0.30
C ASP C 913 9.10 -16.93 -1.60
N HIS C 914 8.24 -17.53 -2.41
CA HIS C 914 7.80 -16.92 -3.66
C HIS C 914 6.31 -17.16 -3.89
N LYS C 915 5.53 -17.08 -2.81
CA LYS C 915 4.11 -17.40 -2.89
C LYS C 915 3.35 -16.45 -3.79
N SER C 916 3.83 -15.22 -3.97
CA SER C 916 3.13 -14.27 -4.83
C SER C 916 3.12 -14.69 -6.29
N GLY C 917 3.99 -15.61 -6.69
CA GLY C 917 4.05 -16.03 -8.07
C GLY C 917 3.49 -17.42 -8.30
N PHE C 918 2.68 -17.90 -7.37
CA PHE C 918 2.15 -19.26 -7.45
C PHE C 918 1.40 -19.49 -8.76
N SER C 919 0.50 -18.57 -9.11
CA SER C 919 -0.36 -18.78 -10.28
C SER C 919 0.46 -18.92 -11.56
N LYS C 920 1.41 -18.03 -11.77
CA LYS C 920 2.25 -18.11 -12.97
C LYS C 920 3.32 -19.19 -12.88
N GLN C 921 3.68 -19.63 -11.67
CA GLN C 921 4.52 -20.81 -11.55
C GLN C 921 3.75 -22.05 -11.96
N ALA C 922 2.49 -22.15 -11.53
CA ALA C 922 1.67 -23.31 -11.86
C ALA C 922 1.47 -23.43 -13.37
N LEU C 923 1.13 -22.31 -14.03
CA LEU C 923 0.89 -22.36 -15.46
C LEU C 923 2.14 -22.74 -16.23
N LEU C 924 3.30 -22.19 -15.86
CA LEU C 924 4.54 -22.57 -16.49
C LEU C 924 4.83 -24.06 -16.30
N LEU C 925 4.62 -24.57 -15.08
CA LEU C 925 4.81 -25.99 -14.85
C LEU C 925 3.81 -26.82 -15.64
N MET C 926 2.56 -26.37 -15.69
CA MET C 926 1.55 -27.07 -16.47
C MET C 926 1.93 -27.11 -17.94
N LYS C 927 2.54 -26.03 -18.46
CA LYS C 927 2.96 -26.02 -19.85
C LYS C 927 4.10 -27.00 -20.09
N LEU C 928 5.05 -27.09 -19.15
CA LEU C 928 6.16 -28.01 -19.32
C LEU C 928 5.71 -29.46 -19.25
N ILE C 929 4.83 -29.78 -18.29
CA ILE C 929 4.36 -31.15 -18.15
C ILE C 929 3.49 -31.56 -19.34
N SER C 930 2.63 -30.65 -19.81
CA SER C 930 1.75 -31.00 -20.92
C SER C 930 2.51 -31.27 -22.20
N LEU C 931 3.69 -30.65 -22.37
CA LEU C 931 4.50 -30.92 -23.55
C LEU C 931 4.88 -32.40 -23.63
N VAL C 932 5.23 -33.00 -22.50
CA VAL C 932 5.67 -34.40 -22.50
C VAL C 932 4.49 -35.32 -22.72
N TYR C 933 3.35 -35.01 -22.13
CA TYR C 933 2.16 -35.85 -22.29
C TYR C 933 1.36 -35.54 -23.55
N ASP C 934 1.86 -34.62 -24.39
CA ASP C 934 1.32 -34.40 -25.73
C ASP C 934 2.31 -34.82 -26.80
N ASN C 935 3.42 -35.44 -26.42
CA ASN C 935 4.44 -35.93 -27.34
C ASN C 935 4.93 -34.83 -28.29
N LYS C 936 5.00 -33.61 -27.79
CA LYS C 936 5.51 -32.48 -28.56
C LYS C 936 7.03 -32.39 -28.54
N ILE C 937 7.71 -33.27 -27.80
CA ILE C 937 9.17 -33.33 -27.77
C ILE C 937 9.60 -34.60 -28.47
N SER C 938 10.27 -34.44 -29.62
CA SER C 938 10.63 -35.59 -30.45
C SER C 938 11.73 -36.42 -29.80
N VAL C 939 12.80 -35.76 -29.35
CA VAL C 939 13.97 -36.45 -28.81
C VAL C 939 13.64 -37.07 -27.45
N PRO C 940 14.34 -38.12 -27.05
CA PRO C 940 14.22 -38.59 -25.66
C PRO C 940 14.95 -37.65 -24.72
N LEU C 941 14.29 -37.29 -23.61
CA LEU C 941 14.88 -36.34 -22.68
C LEU C 941 16.00 -36.93 -21.85
N TYR C 942 16.23 -38.24 -21.95
CA TYR C 942 17.29 -38.94 -21.25
C TYR C 942 18.41 -39.30 -22.20
N GLN C 943 19.57 -39.63 -21.63
CA GLN C 943 20.65 -40.24 -22.40
C GLN C 943 20.44 -41.75 -22.42
N GLU C 944 20.73 -42.38 -23.56
CA GLU C 944 20.25 -43.73 -23.81
C GLU C 944 20.95 -44.79 -22.98
N ALA C 945 21.77 -44.36 -22.03
CA ALA C 945 22.30 -45.27 -21.01
C ALA C 945 21.62 -45.12 -19.67
N GLU C 946 20.95 -43.98 -19.44
CA GLU C 946 20.23 -43.77 -18.19
C GLU C 946 19.12 -44.79 -18.02
N VAL C 947 18.47 -45.17 -19.11
CA VAL C 947 17.18 -45.84 -19.07
C VAL C 947 17.08 -46.76 -20.27
N PRO C 948 16.42 -47.92 -20.17
CA PRO C 948 16.30 -48.81 -21.33
C PRO C 948 15.70 -48.11 -22.54
N GLN C 949 16.11 -48.56 -23.73
CA GLN C 949 15.68 -47.94 -24.96
C GLN C 949 14.19 -48.18 -25.21
N GLY C 950 13.56 -47.22 -25.89
CA GLY C 950 12.14 -47.25 -26.14
C GLY C 950 11.28 -46.66 -25.05
N THR C 951 11.85 -46.28 -23.92
CA THR C 951 11.07 -45.71 -22.83
C THR C 951 10.51 -44.35 -23.23
N SER C 952 9.24 -44.14 -22.95
CA SER C 952 8.59 -42.88 -23.30
C SER C 952 9.11 -41.74 -22.41
N ASN C 953 8.91 -40.52 -22.89
CA ASN C 953 9.27 -39.35 -22.10
C ASN C 953 8.39 -39.24 -20.85
N GLN C 954 7.13 -39.69 -20.94
CA GLN C 954 6.25 -39.66 -19.79
C GLN C 954 6.79 -40.51 -18.65
N VAL C 955 7.28 -41.72 -18.97
CA VAL C 955 7.80 -42.60 -17.93
C VAL C 955 9.05 -42.01 -17.32
N TYR C 956 9.95 -41.46 -18.14
CA TYR C 956 11.16 -40.86 -17.59
C TYR C 956 10.83 -39.60 -16.79
N LEU C 957 9.85 -38.80 -17.26
CA LEU C 957 9.48 -37.58 -16.54
C LEU C 957 9.00 -37.90 -15.12
N SER C 958 8.19 -38.95 -14.97
CA SER C 958 7.73 -39.36 -13.65
C SER C 958 8.88 -39.87 -12.80
N GLN C 959 9.84 -40.56 -13.41
CA GLN C 959 10.97 -41.08 -12.66
C GLN C 959 11.89 -39.96 -12.23
N TYR C 960 12.12 -38.99 -13.11
CA TYR C 960 12.93 -37.83 -12.75
C TYR C 960 12.28 -37.05 -11.60
N LEU C 961 10.99 -36.78 -11.70
CA LEU C 961 10.31 -35.97 -10.69
C LEU C 961 10.24 -36.71 -9.36
N ALA C 962 9.94 -38.01 -9.39
CA ALA C 962 9.92 -38.80 -8.15
C ALA C 962 11.26 -38.75 -7.44
N ASN C 963 12.35 -38.89 -8.19
CA ASN C 963 13.68 -38.82 -7.58
C ASN C 963 13.98 -37.41 -7.06
N MET C 964 13.57 -36.39 -7.81
CA MET C 964 13.83 -35.02 -7.39
C MET C 964 13.08 -34.69 -6.10
N LEU C 965 11.80 -35.04 -6.03
CA LEU C 965 11.03 -34.76 -4.83
C LEU C 965 11.47 -35.63 -3.66
N SER C 966 11.92 -36.86 -3.92
CA SER C 966 12.38 -37.73 -2.85
C SER C 966 13.62 -37.17 -2.18
N ASN C 967 14.51 -36.55 -2.95
CA ASN C 967 15.71 -35.94 -2.38
C ASN C 967 15.43 -34.56 -1.79
N ALA C 968 14.45 -33.84 -2.34
CA ALA C 968 14.14 -32.50 -1.84
C ALA C 968 13.24 -32.55 -0.63
N PHE C 969 12.41 -33.59 -0.50
CA PHE C 969 11.47 -33.74 0.61
C PHE C 969 11.55 -35.17 1.14
N PRO C 970 12.65 -35.51 1.82
CA PRO C 970 12.86 -36.90 2.23
C PRO C 970 11.83 -37.43 3.22
N HIS C 971 11.11 -36.56 3.92
CA HIS C 971 10.12 -37.02 4.88
C HIS C 971 8.84 -37.53 4.22
N LEU C 972 8.71 -37.38 2.91
CA LEU C 972 7.55 -37.90 2.21
C LEU C 972 7.74 -39.38 1.91
N THR C 973 6.64 -40.13 1.97
CA THR C 973 6.69 -41.52 1.53
C THR C 973 6.69 -41.58 0.00
N SER C 974 7.16 -42.71 -0.51
CA SER C 974 7.13 -42.92 -1.97
C SER C 974 5.71 -42.92 -2.50
N GLU C 975 4.75 -43.37 -1.68
CA GLU C 975 3.36 -43.43 -2.12
C GLU C 975 2.75 -42.04 -2.26
N GLN C 976 3.15 -41.09 -1.38
CA GLN C 976 2.69 -39.71 -1.53
C GLN C 976 3.23 -39.09 -2.82
N ILE C 977 4.53 -39.24 -3.06
CA ILE C 977 5.14 -38.65 -4.26
C ILE C 977 4.51 -39.24 -5.51
N ALA C 978 4.27 -40.56 -5.51
CA ALA C 978 3.68 -41.21 -6.67
C ALA C 978 2.25 -40.74 -6.90
N SER C 979 1.43 -40.72 -5.83
CA SER C 979 0.06 -40.27 -5.96
C SER C 979 -0.01 -38.82 -6.43
N PHE C 980 0.87 -37.97 -5.89
CA PHE C 980 0.89 -36.56 -6.29
C PHE C 980 1.26 -36.41 -7.75
N LEU C 981 2.30 -37.13 -8.21
CA LEU C 981 2.74 -37.01 -9.59
C LEU C 981 1.73 -37.61 -10.55
N SER C 982 1.07 -38.69 -10.16
CA SER C 982 0.03 -39.29 -10.99
C SER C 982 -1.10 -38.30 -11.22
N ALA C 983 -1.56 -37.64 -10.15
CA ALA C 983 -2.64 -36.66 -10.29
C ALA C 983 -2.17 -35.43 -11.06
N LEU C 984 -0.94 -34.98 -10.82
CA LEU C 984 -0.46 -33.76 -11.46
C LEU C 984 -0.36 -33.91 -12.97
N THR C 985 0.13 -35.05 -13.45
CA THR C 985 0.29 -35.24 -14.88
C THR C 985 -1.07 -35.41 -15.57
N LYS C 986 -1.99 -36.12 -14.90
CA LYS C 986 -3.34 -36.28 -15.45
C LYS C 986 -4.10 -34.96 -15.54
N GLN C 987 -3.73 -33.96 -14.75
CA GLN C 987 -4.48 -32.71 -14.66
C GLN C 987 -3.76 -31.56 -15.35
N CYS C 988 -2.81 -31.83 -16.22
CA CYS C 988 -2.03 -30.76 -16.85
C CYS C 988 -2.80 -30.06 -17.98
N LYS C 989 -4.09 -30.31 -18.13
CA LYS C 989 -4.94 -29.54 -19.02
C LYS C 989 -6.01 -28.76 -18.28
N ASP C 990 -6.08 -28.90 -16.95
CA ASP C 990 -7.12 -28.29 -16.12
C ASP C 990 -6.43 -27.46 -15.04
N LEU C 991 -6.22 -26.17 -15.33
CA LEU C 991 -5.40 -25.32 -14.46
C LEU C 991 -6.00 -25.20 -13.06
N VAL C 992 -7.32 -25.07 -12.95
CA VAL C 992 -7.93 -24.93 -11.63
C VAL C 992 -7.71 -26.18 -10.79
N VAL C 993 -7.84 -27.36 -11.40
CA VAL C 993 -7.61 -28.60 -10.67
C VAL C 993 -6.13 -28.82 -10.41
N PHE C 994 -5.30 -28.59 -11.44
CA PHE C 994 -3.84 -28.64 -11.31
C PHE C 994 -3.37 -27.80 -10.11
N LYS C 995 -3.85 -26.56 -10.00
CA LYS C 995 -3.42 -25.71 -8.90
C LYS C 995 -3.90 -26.24 -7.56
N GLY C 996 -5.06 -26.88 -7.53
CA GLY C 996 -5.52 -27.50 -6.30
C GLY C 996 -4.64 -28.65 -5.86
N THR C 997 -4.05 -29.37 -6.82
CA THR C 997 -3.16 -30.46 -6.48
C THR C 997 -1.81 -29.93 -5.99
N LEU C 998 -1.34 -28.81 -6.54
CA LEU C 998 -0.14 -28.18 -6.03
C LEU C 998 -0.35 -27.67 -4.60
N ARG C 999 -1.49 -27.03 -4.35
N ARG C 999 -1.49 -27.03 -4.36
CA ARG C 999 -1.78 -26.56 -2.99
CA ARG C 999 -1.80 -26.56 -3.00
C ARG C 999 -1.89 -27.71 -2.01
C ARG C 999 -1.87 -27.72 -2.02
N ASP C 1000 -2.41 -28.86 -2.45
CA ASP C 1000 -2.44 -30.03 -1.59
C ASP C 1000 -1.03 -30.51 -1.27
N PHE C 1001 -0.15 -30.51 -2.28
CA PHE C 1001 1.25 -30.86 -2.06
C PHE C 1001 1.92 -29.89 -1.07
N LEU C 1002 1.66 -28.59 -1.24
CA LEU C 1002 2.29 -27.61 -0.35
C LEU C 1002 1.84 -27.79 1.10
N VAL C 1003 0.65 -28.34 1.33
CA VAL C 1003 0.21 -28.63 2.68
C VAL C 1003 0.93 -29.86 3.24
N GLN C 1004 1.02 -30.92 2.42
CA GLN C 1004 1.54 -32.19 2.91
C GLN C 1004 3.03 -32.14 3.20
N ILE C 1005 3.79 -31.28 2.51
CA ILE C 1005 5.22 -31.18 2.80
C ILE C 1005 5.50 -30.46 4.11
N LYS C 1006 4.51 -29.74 4.65
CA LYS C 1006 4.69 -29.09 5.94
C LYS C 1006 4.52 -30.04 7.11
N GLU C 1007 4.18 -31.30 6.85
CA GLU C 1007 3.85 -32.25 7.90
C GLU C 1007 4.46 -33.60 7.54
N VAL C 1008 4.24 -34.59 8.41
CA VAL C 1008 4.68 -35.96 8.17
C VAL C 1008 3.46 -36.87 8.13
N GLY C 1009 3.45 -37.80 7.19
CA GLY C 1009 2.37 -38.78 7.12
C GLY C 1009 1.11 -38.30 6.43
N GLY C 1010 1.23 -37.45 5.42
CA GLY C 1010 0.05 -37.02 4.69
C GLY C 1010 -0.56 -38.15 3.89
N ASP C 1011 -1.89 -38.17 3.86
CA ASP C 1011 -2.65 -39.24 3.20
C ASP C 1011 -2.42 -39.20 1.69
N PRO C 1012 -1.85 -40.25 1.10
CA PRO C 1012 -1.63 -40.21 -0.36
C PRO C 1012 -2.91 -40.20 -1.16
N THR C 1013 -4.01 -40.73 -0.62
CA THR C 1013 -5.28 -40.72 -1.34
C THR C 1013 -5.86 -39.33 -1.50
N ASP C 1014 -5.32 -38.31 -0.82
CA ASP C 1014 -5.82 -36.95 -0.95
C ASP C 1014 -5.74 -36.47 -2.40
N TYR C 1015 -4.79 -36.99 -3.17
CA TYR C 1015 -4.60 -36.55 -4.55
C TYR C 1015 -5.61 -37.16 -5.51
N LEU C 1016 -6.49 -38.04 -5.02
CA LEU C 1016 -7.63 -38.53 -5.80
C LEU C 1016 -8.85 -37.64 -5.64
N PHE C 1017 -8.70 -36.46 -5.06
CA PHE C 1017 -9.85 -35.61 -4.74
C PHE C 1017 -10.63 -35.25 -5.99
N ALA C 1018 -9.94 -34.98 -7.09
CA ALA C 1018 -10.59 -34.60 -8.34
C ALA C 1018 -10.61 -35.75 -9.35
N THR D 1 -25.83 41.58 -21.68
CA THR D 1 -25.27 42.37 -20.60
C THR D 1 -24.89 41.48 -19.42
N ASN D 2 -25.71 40.47 -19.14
CA ASN D 2 -25.44 39.58 -18.02
C ASN D 2 -24.13 38.83 -18.21
N LEU D 3 -23.93 38.23 -19.39
CA LEU D 3 -22.66 37.60 -19.70
C LEU D 3 -21.59 38.62 -20.07
N GLU D 4 -21.98 39.83 -20.46
CA GLU D 4 -21.00 40.88 -20.72
C GLU D 4 -20.50 41.48 -19.42
N ALA D 5 -21.37 41.64 -18.43
CA ALA D 5 -20.93 42.13 -17.13
C ALA D 5 -20.07 41.10 -16.41
N LEU D 6 -20.40 39.81 -16.56
CA LEU D 6 -19.57 38.76 -15.99
C LEU D 6 -18.16 38.83 -16.54
N GLN D 7 -18.03 39.00 -17.86
CA GLN D 7 -16.71 39.09 -18.48
C GLN D 7 -15.93 40.30 -17.98
N LYS D 8 -16.62 41.43 -17.79
CA LYS D 8 -15.93 42.62 -17.30
C LYS D 8 -15.56 42.46 -15.82
N LYS D 9 -16.44 41.85 -15.03
CA LYS D 9 -16.15 41.65 -13.61
C LYS D 9 -14.95 40.73 -13.41
N LEU D 10 -14.84 39.69 -14.25
CA LEU D 10 -13.66 38.82 -14.18
C LEU D 10 -12.41 39.55 -14.65
N GLU D 11 -12.54 40.42 -15.65
CA GLU D 11 -11.38 41.20 -16.11
C GLU D 11 -10.79 42.02 -14.97
N GLU D 12 -11.64 42.51 -14.06
CA GLU D 12 -11.18 43.30 -12.93
C GLU D 12 -10.71 42.45 -11.76
N LEU D 13 -10.75 41.13 -11.85
CA LEU D 13 -10.25 40.29 -10.78
C LEU D 13 -8.78 40.60 -10.54
N GLU D 14 -8.48 41.13 -9.37
CA GLU D 14 -7.11 41.44 -8.99
C GLU D 14 -6.89 40.92 -7.59
N LEU D 15 -5.63 40.59 -7.28
CA LEU D 15 -5.32 39.96 -6.01
C LEU D 15 -4.83 40.94 -4.93
N ASP D 16 -4.61 42.20 -5.28
CA ASP D 16 -3.92 43.12 -4.37
C ASP D 16 -4.82 44.30 -4.00
N GLU D 17 -4.24 45.22 -3.23
CA GLU D 17 -4.94 46.37 -2.69
C GLU D 17 -3.96 47.52 -2.46
PG GNP E . 9.84 -9.07 9.14
O1G GNP E . 10.30 -10.39 8.54
O2G GNP E . 10.62 -8.80 10.45
O3G GNP E . 8.32 -9.14 9.46
N3B GNP E . 10.13 -7.81 8.06
PB GNP E . 9.42 -6.29 8.30
O1B GNP E . 9.82 -5.76 9.70
O2B GNP E . 7.92 -6.40 8.21
O3A GNP E . 10.00 -5.23 7.13
PA GNP E . 11.36 -4.30 7.33
O1A GNP E . 12.40 -5.09 8.09
O2A GNP E . 11.00 -3.05 8.12
O5' GNP E . 11.98 -3.87 5.82
C5' GNP E . 11.43 -4.46 4.68
C4' GNP E . 11.73 -3.58 3.47
O4' GNP E . 10.69 -2.80 3.21
C3' GNP E . 12.91 -2.66 3.76
O3' GNP E . 13.84 -2.77 2.79
C2' GNP E . 12.32 -1.22 3.79
O2' GNP E . 13.32 -0.24 3.19
C1' GNP E . 11.25 -1.30 3.03
N9 GNP E . 10.27 -0.36 3.52
C8 GNP E . 9.70 -0.22 4.75
N7 GNP E . 8.85 0.78 4.68
C5 GNP E . 8.87 1.27 3.41
C6 GNP E . 8.18 2.29 2.83
O6 GNP E . 7.40 2.92 3.45
N1 GNP E . 8.39 2.58 1.54
C2 GNP E . 9.28 1.85 0.83
N2 GNP E . 9.48 2.23 -0.66
N3 GNP E . 9.95 0.84 1.41
C4 GNP E . 9.74 0.56 2.71
MG MG F . 11.48 -6.68 10.97
C1 GOL G . -0.10 -15.40 8.47
O1 GOL G . -0.05 -16.45 7.53
C2 GOL G . 0.22 -15.93 9.86
O2 GOL G . -0.97 -16.12 10.59
C3 GOL G . 0.96 -17.27 9.74
O3 GOL G . 0.14 -18.20 9.06
C1 GOL H . 5.89 34.60 -33.90
O1 GOL H . 5.02 34.18 -34.92
C2 GOL H . 7.33 34.53 -34.39
O2 GOL H . 7.34 34.49 -35.80
C3 GOL H . 8.09 35.76 -33.91
O3 GOL H . 8.09 35.79 -32.50
C1 GOL I . 2.93 -36.43 27.27
O1 GOL I . 3.64 -37.02 26.20
C2 GOL I . 2.17 -35.22 26.74
O2 GOL I . 2.85 -34.03 27.10
C3 GOL I . 0.76 -35.20 27.35
O3 GOL I . 0.04 -34.10 26.85
#